data_2MDR
#
_entry.id   2MDR
#
_entity_poly.entity_id   1
_entity_poly.type   'polypeptide(L)'
_entity_poly.pdbx_seq_one_letter_code
;GSSHHHHHHSSGLVPRGSHMMPNKVRKIGELVRYLNTNPVGGLLEYARSHGFAAEFKLVDQSGPPHEPKFVYQAKVGGRW
FPAVCAHSKKQGKQEAADAALRVLIGENEKAER
;
_entity_poly.pdbx_strand_id   A
#
# COMPACT_ATOMS: atom_id res chain seq x y z
N MET A 20 -24.94 16.79 -11.83
CA MET A 20 -24.10 17.53 -10.87
C MET A 20 -22.63 17.39 -11.21
N MET A 21 -21.84 18.38 -10.83
CA MET A 21 -20.39 18.37 -11.07
C MET A 21 -19.73 17.21 -10.33
N PRO A 22 -18.95 16.39 -11.05
CA PRO A 22 -18.22 15.29 -10.44
C PRO A 22 -16.99 15.78 -9.67
N ASN A 23 -17.17 15.97 -8.37
CA ASN A 23 -16.08 16.47 -7.55
C ASN A 23 -15.35 15.31 -6.89
N LYS A 24 -14.14 15.05 -7.36
CA LYS A 24 -13.31 14.00 -6.77
C LYS A 24 -12.07 14.62 -6.15
N VAL A 25 -12.13 14.86 -4.85
CA VAL A 25 -11.06 15.53 -4.14
C VAL A 25 -10.16 14.51 -3.44
N ARG A 26 -8.94 14.91 -3.11
CA ARG A 26 -8.01 14.06 -2.38
C ARG A 26 -8.50 13.81 -0.95
N LYS A 27 -9.32 12.80 -0.79
CA LYS A 27 -9.86 12.44 0.50
C LYS A 27 -8.86 11.57 1.27
N ILE A 28 -7.79 12.21 1.73
CA ILE A 28 -6.70 11.52 2.40
C ILE A 28 -7.15 10.96 3.74
N GLY A 29 -8.16 11.60 4.34
CA GLY A 29 -8.67 11.15 5.62
C GLY A 29 -9.20 9.73 5.57
N GLU A 30 -9.75 9.35 4.43
CA GLU A 30 -10.30 8.01 4.29
C GLU A 30 -9.20 6.97 4.04
N LEU A 31 -8.05 7.41 3.55
CA LEU A 31 -6.91 6.51 3.44
C LEU A 31 -6.44 6.11 4.84
N VAL A 32 -6.60 7.04 5.78
CA VAL A 32 -6.27 6.79 7.17
C VAL A 32 -7.26 5.81 7.80
N ARG A 33 -8.51 5.86 7.33
CA ARG A 33 -9.54 4.95 7.84
C ARG A 33 -9.22 3.51 7.45
N TYR A 34 -8.51 3.34 6.33
CA TYR A 34 -8.13 2.02 5.86
C TYR A 34 -6.97 1.46 6.66
N LEU A 35 -6.08 2.32 7.14
CA LEU A 35 -5.02 1.90 8.04
C LEU A 35 -5.62 1.32 9.31
N ASN A 36 -6.77 1.87 9.68
CA ASN A 36 -7.48 1.47 10.89
C ASN A 36 -8.38 0.26 10.60
N THR A 37 -8.64 -0.01 9.33
CA THR A 37 -9.53 -1.09 8.95
C THR A 37 -8.81 -2.15 8.10
N ASN A 38 -8.68 -1.87 6.80
CA ASN A 38 -8.05 -2.80 5.87
C ASN A 38 -7.16 -2.04 4.89
N PRO A 39 -5.84 -2.11 5.09
CA PRO A 39 -4.87 -1.39 4.25
C PRO A 39 -4.92 -1.82 2.79
N VAL A 40 -5.13 -3.11 2.56
CA VAL A 40 -5.15 -3.67 1.22
C VAL A 40 -6.27 -3.04 0.40
N GLY A 41 -7.47 -3.01 0.98
CA GLY A 41 -8.61 -2.43 0.31
C GLY A 41 -8.42 -0.96 0.05
N GLY A 42 -7.70 -0.29 0.95
CA GLY A 42 -7.44 1.12 0.81
C GLY A 42 -6.49 1.43 -0.32
N LEU A 43 -5.46 0.61 -0.47
CA LEU A 43 -4.50 0.78 -1.55
C LEU A 43 -5.18 0.54 -2.89
N LEU A 44 -6.05 -0.45 -2.93
CA LEU A 44 -6.85 -0.74 -4.11
C LEU A 44 -7.81 0.42 -4.39
N GLU A 45 -8.36 0.98 -3.33
CA GLU A 45 -9.31 2.06 -3.42
C GLU A 45 -8.65 3.32 -3.96
N TYR A 46 -7.49 3.66 -3.42
CA TYR A 46 -6.73 4.81 -3.86
C TYR A 46 -6.41 4.71 -5.35
N ALA A 47 -5.93 3.54 -5.76
CA ALA A 47 -5.54 3.32 -7.14
C ALA A 47 -6.74 3.36 -8.07
N ARG A 48 -7.81 2.67 -7.68
CA ARG A 48 -9.00 2.57 -8.51
C ARG A 48 -9.63 3.94 -8.76
N SER A 49 -9.55 4.80 -7.74
CA SER A 49 -10.14 6.13 -7.81
C SER A 49 -9.21 7.10 -8.56
N HIS A 50 -7.93 6.79 -8.59
CA HIS A 50 -6.94 7.70 -9.18
C HIS A 50 -6.47 7.21 -10.54
N GLY A 51 -7.04 6.11 -11.01
CA GLY A 51 -6.71 5.61 -12.34
C GLY A 51 -5.41 4.85 -12.38
N PHE A 52 -4.93 4.42 -11.22
CA PHE A 52 -3.73 3.60 -11.16
C PHE A 52 -4.09 2.13 -10.94
N ALA A 53 -3.15 1.26 -11.22
CA ALA A 53 -3.34 -0.16 -10.97
C ALA A 53 -2.53 -0.58 -9.75
N ALA A 54 -3.15 -1.35 -8.88
CA ALA A 54 -2.48 -1.82 -7.67
C ALA A 54 -2.07 -3.28 -7.82
N GLU A 55 -0.77 -3.49 -7.94
CA GLU A 55 -0.24 -4.83 -8.12
C GLU A 55 0.62 -5.25 -6.95
N PHE A 56 0.14 -6.23 -6.20
CA PHE A 56 0.90 -6.79 -5.09
C PHE A 56 1.70 -8.00 -5.57
N LYS A 57 2.98 -7.80 -5.81
CA LYS A 57 3.82 -8.89 -6.31
C LYS A 57 4.87 -9.27 -5.28
N LEU A 58 5.34 -10.50 -5.38
CA LEU A 58 6.39 -10.97 -4.50
C LEU A 58 7.73 -10.78 -5.19
N VAL A 59 8.60 -10.01 -4.55
CA VAL A 59 9.90 -9.67 -5.13
C VAL A 59 10.90 -10.79 -4.91
N ASP A 60 11.06 -11.20 -3.66
CA ASP A 60 12.06 -12.20 -3.32
C ASP A 60 11.67 -12.95 -2.04
N GLN A 61 12.12 -14.18 -1.93
CA GLN A 61 11.80 -15.03 -0.78
C GLN A 61 13.09 -15.57 -0.17
N SER A 62 13.68 -14.81 0.73
CA SER A 62 14.95 -15.19 1.33
C SER A 62 14.87 -15.14 2.85
N GLY A 63 14.67 -16.29 3.46
CA GLY A 63 14.59 -16.37 4.90
C GLY A 63 14.68 -17.81 5.39
N PRO A 64 15.07 -18.01 6.66
CA PRO A 64 15.19 -19.36 7.24
C PRO A 64 13.87 -20.11 7.21
N PRO A 65 13.91 -21.45 7.37
CA PRO A 65 12.70 -22.29 7.33
C PRO A 65 11.70 -21.93 8.43
N HIS A 66 12.22 -21.48 9.56
CA HIS A 66 11.36 -21.13 10.70
C HIS A 66 10.88 -19.67 10.60
N GLU A 67 11.56 -18.88 9.77
CA GLU A 67 11.19 -17.49 9.56
C GLU A 67 11.24 -17.13 8.09
N PRO A 68 10.30 -17.65 7.28
CA PRO A 68 10.26 -17.38 5.84
C PRO A 68 10.03 -15.90 5.56
N LYS A 69 11.00 -15.27 4.93
CA LYS A 69 10.92 -13.84 4.67
C LYS A 69 10.43 -13.58 3.26
N PHE A 70 9.26 -12.97 3.14
CA PHE A 70 8.67 -12.68 1.86
C PHE A 70 8.74 -11.19 1.57
N VAL A 71 9.53 -10.83 0.57
CA VAL A 71 9.68 -9.44 0.17
C VAL A 71 8.57 -9.06 -0.81
N TYR A 72 7.67 -8.21 -0.37
CA TYR A 72 6.55 -7.77 -1.19
C TYR A 72 6.70 -6.32 -1.57
N GLN A 73 6.29 -5.99 -2.79
CA GLN A 73 6.35 -4.62 -3.27
C GLN A 73 5.06 -4.27 -3.99
N ALA A 74 4.53 -3.10 -3.69
CA ALA A 74 3.27 -2.66 -4.29
C ALA A 74 3.55 -1.83 -5.54
N LYS A 75 3.17 -2.37 -6.68
CA LYS A 75 3.32 -1.67 -7.94
C LYS A 75 2.04 -0.88 -8.25
N VAL A 76 2.08 0.41 -8.00
CA VAL A 76 0.94 1.26 -8.24
C VAL A 76 1.17 2.13 -9.46
N GLY A 77 0.59 1.74 -10.57
CA GLY A 77 0.80 2.45 -11.81
C GLY A 77 2.19 2.23 -12.35
N GLY A 78 2.97 3.30 -12.41
CA GLY A 78 4.34 3.20 -12.86
C GLY A 78 5.32 3.32 -11.72
N ARG A 79 4.80 3.33 -10.49
CA ARG A 79 5.64 3.43 -9.31
C ARG A 79 5.69 2.10 -8.56
N TRP A 80 6.83 1.83 -7.95
CA TRP A 80 7.02 0.62 -7.17
C TRP A 80 7.29 0.99 -5.72
N PHE A 81 6.28 0.89 -4.86
CA PHE A 81 6.42 1.30 -3.47
C PHE A 81 5.25 0.81 -2.64
N PRO A 82 5.51 0.35 -1.41
CA PRO A 82 6.85 0.19 -0.88
C PRO A 82 7.37 -1.24 -1.03
N ALA A 83 8.51 -1.52 -0.42
CA ALA A 83 9.06 -2.86 -0.42
C ALA A 83 9.25 -3.33 1.02
N VAL A 84 8.46 -4.32 1.42
CA VAL A 84 8.49 -4.81 2.78
C VAL A 84 8.81 -6.30 2.83
N CYS A 85 9.28 -6.77 3.96
CA CYS A 85 9.58 -8.18 4.13
C CYS A 85 8.83 -8.73 5.33
N ALA A 86 7.81 -9.54 5.06
CA ALA A 86 6.95 -10.07 6.11
C ALA A 86 7.29 -11.52 6.41
N HIS A 87 6.55 -12.11 7.35
CA HIS A 87 6.81 -13.49 7.78
C HIS A 87 5.95 -14.45 6.99
N SER A 88 5.06 -13.91 6.17
CA SER A 88 4.14 -14.73 5.40
C SER A 88 3.56 -13.94 4.22
N LYS A 89 2.86 -14.65 3.34
CA LYS A 89 2.36 -14.07 2.10
C LYS A 89 1.23 -13.06 2.38
N LYS A 90 0.25 -13.47 3.16
CA LYS A 90 -0.90 -12.62 3.49
C LYS A 90 -0.41 -11.36 4.22
N GLN A 91 0.56 -11.55 5.11
CA GLN A 91 1.17 -10.43 5.81
C GLN A 91 1.82 -9.45 4.83
N GLY A 92 2.60 -9.99 3.89
CA GLY A 92 3.33 -9.16 2.93
C GLY A 92 2.44 -8.16 2.21
N LYS A 93 1.29 -8.63 1.77
CA LYS A 93 0.32 -7.77 1.08
C LYS A 93 -0.11 -6.63 1.98
N GLN A 94 -0.45 -6.96 3.22
CA GLN A 94 -0.97 -5.99 4.17
C GLN A 94 0.11 -5.02 4.64
N GLU A 95 1.30 -5.54 4.91
CA GLU A 95 2.42 -4.70 5.33
C GLU A 95 2.76 -3.67 4.26
N ALA A 96 2.73 -4.12 3.01
CA ALA A 96 3.01 -3.24 1.88
C ALA A 96 1.92 -2.19 1.75
N ALA A 97 0.67 -2.63 1.80
CA ALA A 97 -0.47 -1.73 1.65
C ALA A 97 -0.51 -0.70 2.78
N ASP A 98 -0.24 -1.16 4.00
CA ASP A 98 -0.21 -0.28 5.17
C ASP A 98 0.80 0.84 4.96
N ALA A 99 2.02 0.45 4.62
CA ALA A 99 3.09 1.42 4.38
C ALA A 99 2.78 2.30 3.19
N ALA A 100 2.17 1.71 2.16
CA ALA A 100 1.85 2.44 0.94
C ALA A 100 0.90 3.60 1.21
N LEU A 101 -0.17 3.35 1.96
CA LEU A 101 -1.12 4.38 2.29
C LEU A 101 -0.45 5.48 3.09
N ARG A 102 0.43 5.06 3.99
CA ARG A 102 1.17 6.00 4.84
C ARG A 102 2.11 6.87 4.00
N VAL A 103 2.62 6.33 2.90
CA VAL A 103 3.40 7.11 1.96
C VAL A 103 2.51 8.20 1.35
N LEU A 104 1.38 7.77 0.81
CA LEU A 104 0.43 8.67 0.15
C LEU A 104 -0.01 9.79 1.09
N ILE A 105 -0.44 9.39 2.29
CA ILE A 105 -0.85 10.33 3.32
C ILE A 105 0.30 11.29 3.65
N GLY A 106 1.48 10.73 3.90
CA GLY A 106 2.64 11.53 4.23
C GLY A 106 3.05 12.47 3.11
N GLU A 107 2.80 12.05 1.87
CA GLU A 107 3.14 12.87 0.71
C GLU A 107 2.27 14.11 0.66
N ASN A 108 1.00 13.97 1.05
CA ASN A 108 0.06 15.07 0.96
C ASN A 108 0.18 16.00 2.16
N GLU A 109 0.49 15.44 3.32
CA GLU A 109 0.67 16.24 4.53
C GLU A 109 1.87 17.17 4.39
N LYS A 110 1.62 18.48 4.52
CA LYS A 110 2.66 19.50 4.38
C LYS A 110 3.09 19.65 2.93
N ALA A 111 2.26 19.16 2.01
CA ALA A 111 2.59 19.20 0.60
C ALA A 111 2.09 20.48 -0.05
N GLU A 112 2.85 20.94 -1.03
CA GLU A 112 2.46 22.08 -1.84
C GLU A 112 1.88 21.59 -3.15
N ARG A 113 1.90 20.28 -3.33
CA ARG A 113 1.38 19.65 -4.52
C ARG A 113 0.14 18.82 -4.17
N MET A 20 -16.83 6.74 1.81
CA MET A 20 -17.50 8.01 2.18
C MET A 20 -17.20 9.09 1.14
N MET A 21 -16.90 8.67 -0.08
CA MET A 21 -16.54 9.59 -1.13
C MET A 21 -17.41 9.38 -2.37
N PRO A 22 -18.48 10.19 -2.51
CA PRO A 22 -19.34 10.18 -3.69
C PRO A 22 -18.67 10.91 -4.85
N ASN A 23 -18.55 12.23 -4.70
CA ASN A 23 -17.79 13.03 -5.66
C ASN A 23 -16.32 12.89 -5.36
N LYS A 24 -15.61 12.20 -6.24
CA LYS A 24 -14.27 11.74 -5.95
C LYS A 24 -13.26 12.87 -5.94
N VAL A 25 -12.43 12.87 -4.90
CA VAL A 25 -11.41 13.88 -4.68
C VAL A 25 -10.25 13.22 -3.95
N ARG A 26 -9.14 13.92 -3.74
CA ARG A 26 -8.03 13.35 -2.99
C ARG A 26 -8.36 13.34 -1.49
N LYS A 27 -9.26 12.43 -1.11
CA LYS A 27 -9.68 12.31 0.28
C LYS A 27 -8.69 11.46 1.06
N ILE A 28 -7.62 12.09 1.52
CA ILE A 28 -6.56 11.40 2.23
C ILE A 28 -7.03 10.96 3.62
N GLY A 29 -8.05 11.63 4.13
CA GLY A 29 -8.62 11.25 5.41
C GLY A 29 -9.21 9.85 5.37
N GLU A 30 -9.75 9.46 4.22
CA GLU A 30 -10.31 8.12 4.07
C GLU A 30 -9.21 7.09 3.88
N LEU A 31 -8.05 7.51 3.38
CA LEU A 31 -6.89 6.63 3.32
C LEU A 31 -6.50 6.20 4.73
N VAL A 32 -6.72 7.10 5.69
CA VAL A 32 -6.45 6.82 7.09
C VAL A 32 -7.47 5.82 7.64
N ARG A 33 -8.71 5.90 7.19
CA ARG A 33 -9.76 4.99 7.66
C ARG A 33 -9.42 3.55 7.27
N TYR A 34 -8.70 3.40 6.17
CA TYR A 34 -8.29 2.09 5.71
C TYR A 34 -7.13 1.56 6.55
N LEU A 35 -6.30 2.46 7.04
CA LEU A 35 -5.21 2.08 7.95
C LEU A 35 -5.79 1.54 9.26
N ASN A 36 -7.01 1.94 9.56
CA ASN A 36 -7.69 1.47 10.77
C ASN A 36 -8.53 0.24 10.48
N THR A 37 -8.92 0.08 9.22
CA THR A 37 -9.81 -1.01 8.84
C THR A 37 -9.09 -2.05 7.99
N ASN A 38 -8.87 -1.74 6.72
CA ASN A 38 -8.22 -2.66 5.80
C ASN A 38 -7.28 -1.90 4.85
N PRO A 39 -5.96 -1.97 5.12
CA PRO A 39 -4.95 -1.27 4.30
C PRO A 39 -4.98 -1.73 2.85
N VAL A 40 -5.23 -3.01 2.64
CA VAL A 40 -5.26 -3.58 1.29
C VAL A 40 -6.34 -2.90 0.46
N GLY A 41 -7.52 -2.79 1.04
CA GLY A 41 -8.62 -2.13 0.37
C GLY A 41 -8.31 -0.67 0.09
N GLY A 42 -7.59 -0.03 1.00
CA GLY A 42 -7.23 1.36 0.83
C GLY A 42 -6.30 1.58 -0.35
N LEU A 43 -5.31 0.70 -0.48
CA LEU A 43 -4.36 0.80 -1.57
C LEU A 43 -5.07 0.54 -2.90
N LEU A 44 -5.98 -0.43 -2.89
CA LEU A 44 -6.78 -0.74 -4.07
C LEU A 44 -7.70 0.44 -4.41
N GLU A 45 -8.24 1.08 -3.38
CA GLU A 45 -9.12 2.20 -3.53
C GLU A 45 -8.39 3.41 -4.13
N TYR A 46 -7.21 3.70 -3.57
CA TYR A 46 -6.39 4.78 -4.08
C TYR A 46 -6.08 4.58 -5.56
N ALA A 47 -5.69 3.36 -5.91
CA ALA A 47 -5.31 3.04 -7.28
C ALA A 47 -6.51 3.16 -8.21
N ARG A 48 -7.65 2.62 -7.79
CA ARG A 48 -8.82 2.53 -8.65
C ARG A 48 -9.38 3.93 -8.91
N SER A 49 -9.23 4.77 -7.90
CA SER A 49 -9.69 6.13 -7.96
C SER A 49 -8.78 6.99 -8.83
N HIS A 50 -7.49 6.73 -8.77
CA HIS A 50 -6.51 7.55 -9.47
C HIS A 50 -6.18 6.97 -10.84
N GLY A 51 -6.81 5.86 -11.18
CA GLY A 51 -6.65 5.28 -12.50
C GLY A 51 -5.44 4.37 -12.60
N PHE A 52 -4.83 4.07 -11.47
CA PHE A 52 -3.68 3.19 -11.43
C PHE A 52 -4.12 1.75 -11.16
N ALA A 53 -3.26 0.80 -11.47
CA ALA A 53 -3.54 -0.60 -11.18
C ALA A 53 -2.69 -1.08 -10.01
N ALA A 54 -3.35 -1.44 -8.93
CA ALA A 54 -2.66 -1.91 -7.73
C ALA A 54 -2.29 -3.38 -7.87
N GLU A 55 -0.99 -3.65 -7.96
CA GLU A 55 -0.51 -5.01 -8.14
C GLU A 55 0.45 -5.39 -7.03
N PHE A 56 0.19 -6.52 -6.38
CA PHE A 56 1.05 -7.01 -5.32
C PHE A 56 1.86 -8.20 -5.81
N LYS A 57 3.17 -8.03 -5.87
CA LYS A 57 4.05 -9.12 -6.29
C LYS A 57 5.06 -9.44 -5.21
N LEU A 58 5.51 -10.69 -5.20
CA LEU A 58 6.51 -11.13 -4.26
C LEU A 58 7.90 -11.06 -4.89
N VAL A 59 8.63 -10.02 -4.54
CA VAL A 59 9.93 -9.75 -5.14
C VAL A 59 10.97 -10.79 -4.71
N ASP A 60 10.98 -11.12 -3.43
CA ASP A 60 11.97 -12.05 -2.92
C ASP A 60 11.40 -12.91 -1.80
N GLN A 61 11.89 -14.14 -1.71
CA GLN A 61 11.48 -15.06 -0.65
C GLN A 61 12.71 -15.86 -0.21
N SER A 62 13.36 -15.38 0.82
CA SER A 62 14.63 -15.94 1.26
C SER A 62 14.58 -16.21 2.76
N GLY A 63 15.65 -16.80 3.28
CA GLY A 63 15.71 -17.11 4.69
C GLY A 63 15.51 -18.58 4.99
N PRO A 64 15.47 -18.96 6.26
CA PRO A 64 15.26 -20.35 6.68
C PRO A 64 13.81 -20.80 6.46
N PRO A 65 13.58 -22.11 6.36
CA PRO A 65 12.25 -22.67 6.10
C PRO A 65 11.26 -22.35 7.23
N HIS A 66 11.78 -22.08 8.43
CA HIS A 66 10.93 -21.77 9.57
C HIS A 66 10.71 -20.27 9.69
N GLU A 67 11.42 -19.50 8.87
CA GLU A 67 11.30 -18.05 8.87
C GLU A 67 11.49 -17.48 7.46
N PRO A 68 10.59 -17.83 6.53
CA PRO A 68 10.68 -17.34 5.16
C PRO A 68 10.32 -15.86 5.08
N LYS A 69 11.24 -15.06 4.57
CA LYS A 69 11.03 -13.63 4.47
C LYS A 69 10.44 -13.27 3.11
N PHE A 70 9.19 -12.83 3.12
CA PHE A 70 8.48 -12.48 1.91
C PHE A 70 8.60 -11.00 1.63
N VAL A 71 9.39 -10.65 0.62
CA VAL A 71 9.55 -9.26 0.23
C VAL A 71 8.47 -8.88 -0.76
N TYR A 72 7.42 -8.24 -0.26
CA TYR A 72 6.32 -7.80 -1.09
C TYR A 72 6.49 -6.33 -1.44
N GLN A 73 6.15 -5.99 -2.67
CA GLN A 73 6.21 -4.62 -3.13
C GLN A 73 4.95 -4.27 -3.90
N ALA A 74 4.33 -3.16 -3.53
CA ALA A 74 3.09 -2.75 -4.16
C ALA A 74 3.37 -1.92 -5.42
N LYS A 75 2.94 -2.45 -6.54
CA LYS A 75 3.09 -1.80 -7.83
C LYS A 75 1.84 -0.99 -8.13
N VAL A 76 1.96 0.33 -8.08
CA VAL A 76 0.82 1.20 -8.33
C VAL A 76 1.16 2.26 -9.37
N GLY A 77 0.60 2.12 -10.57
CA GLY A 77 0.81 3.11 -11.62
C GLY A 77 2.22 3.11 -12.14
N GLY A 78 2.90 1.98 -12.01
CA GLY A 78 4.28 1.89 -12.43
C GLY A 78 5.23 2.22 -11.30
N ARG A 79 4.69 2.74 -10.21
CA ARG A 79 5.48 3.05 -9.04
C ARG A 79 5.52 1.86 -8.09
N TRP A 80 6.72 1.48 -7.70
CA TRP A 80 6.92 0.32 -6.86
C TRP A 80 7.21 0.74 -5.43
N PHE A 81 6.19 0.77 -4.60
CA PHE A 81 6.33 1.21 -3.22
C PHE A 81 5.15 0.74 -2.39
N PRO A 82 5.41 0.29 -1.17
CA PRO A 82 6.75 0.15 -0.63
C PRO A 82 7.30 -1.27 -0.83
N ALA A 83 8.55 -1.46 -0.46
CA ALA A 83 9.15 -2.80 -0.50
C ALA A 83 9.33 -3.31 0.92
N VAL A 84 8.38 -4.12 1.38
CA VAL A 84 8.40 -4.61 2.76
C VAL A 84 8.67 -6.10 2.81
N CYS A 85 9.61 -6.48 3.66
CA CYS A 85 9.93 -7.88 3.86
C CYS A 85 9.24 -8.41 5.12
N ALA A 86 8.11 -9.09 4.93
CA ALA A 86 7.36 -9.63 6.04
C ALA A 86 7.64 -11.12 6.18
N HIS A 87 7.64 -11.62 7.41
CA HIS A 87 7.93 -13.03 7.65
C HIS A 87 6.67 -13.89 7.51
N SER A 88 5.66 -13.32 6.88
CA SER A 88 4.42 -14.02 6.58
C SER A 88 3.81 -13.46 5.30
N LYS A 89 3.27 -14.33 4.46
CA LYS A 89 2.73 -13.94 3.17
C LYS A 89 1.51 -13.03 3.35
N LYS A 90 0.65 -13.40 4.29
CA LYS A 90 -0.53 -12.61 4.62
C LYS A 90 -0.13 -11.21 5.09
N GLN A 91 0.97 -11.14 5.83
CA GLN A 91 1.48 -9.87 6.30
C GLN A 91 2.04 -9.04 5.14
N GLY A 92 2.78 -9.70 4.25
CA GLY A 92 3.40 -9.01 3.13
C GLY A 92 2.45 -8.13 2.36
N LYS A 93 1.27 -8.66 2.05
CA LYS A 93 0.26 -7.89 1.33
C LYS A 93 -0.25 -6.73 2.18
N GLN A 94 -0.61 -7.02 3.43
CA GLN A 94 -1.21 -6.03 4.31
C GLN A 94 -0.22 -4.93 4.68
N GLU A 95 0.99 -5.32 5.07
CA GLU A 95 2.00 -4.38 5.49
C GLU A 95 2.41 -3.47 4.33
N ALA A 96 2.47 -4.05 3.13
CA ALA A 96 2.78 -3.27 1.94
C ALA A 96 1.72 -2.22 1.69
N ALA A 97 0.48 -2.64 1.68
CA ALA A 97 -0.64 -1.73 1.44
C ALA A 97 -0.69 -0.67 2.54
N ASP A 98 -0.51 -1.11 3.78
CA ASP A 98 -0.51 -0.20 4.93
C ASP A 98 0.57 0.86 4.77
N ALA A 99 1.78 0.42 4.50
CA ALA A 99 2.93 1.32 4.39
C ALA A 99 2.81 2.20 3.15
N ALA A 100 2.11 1.69 2.13
CA ALA A 100 1.88 2.47 0.92
C ALA A 100 0.98 3.66 1.20
N LEU A 101 -0.05 3.44 2.02
CA LEU A 101 -0.96 4.52 2.38
C LEU A 101 -0.23 5.55 3.24
N ARG A 102 0.72 5.05 4.07
CA ARG A 102 1.56 5.93 4.88
C ARG A 102 2.28 6.94 3.98
N VAL A 103 2.83 6.44 2.88
CA VAL A 103 3.54 7.26 1.91
C VAL A 103 2.61 8.34 1.35
N LEU A 104 1.45 7.92 0.87
CA LEU A 104 0.48 8.82 0.25
C LEU A 104 0.00 9.87 1.25
N ILE A 105 -0.38 9.42 2.44
CA ILE A 105 -0.85 10.31 3.48
C ILE A 105 0.25 11.27 3.91
N GLY A 106 1.46 10.75 4.06
CA GLY A 106 2.59 11.57 4.45
C GLY A 106 2.90 12.64 3.42
N GLU A 107 2.55 12.38 2.17
CA GLU A 107 2.78 13.34 1.09
C GLU A 107 1.73 14.46 1.11
N ASN A 108 0.57 14.17 1.70
CA ASN A 108 -0.51 15.16 1.71
C ASN A 108 -0.66 15.82 3.08
N GLU A 109 -0.23 15.12 4.13
CA GLU A 109 -0.32 15.63 5.50
C GLU A 109 0.42 16.96 5.64
N LYS A 110 -0.36 18.04 5.81
CA LYS A 110 0.17 19.38 6.04
C LYS A 110 0.96 19.88 4.83
N ALA A 111 0.76 19.24 3.69
CA ALA A 111 1.46 19.63 2.47
C ALA A 111 0.47 19.77 1.32
N GLU A 112 0.76 20.66 0.39
CA GLU A 112 -0.10 20.84 -0.76
C GLU A 112 0.67 20.53 -2.04
N ARG A 113 0.62 19.28 -2.46
CA ARG A 113 1.21 18.84 -3.73
C ARG A 113 0.46 17.61 -4.23
N MET A 20 -12.04 29.57 1.18
CA MET A 20 -11.17 28.56 1.83
C MET A 20 -10.32 27.86 0.79
N MET A 21 -10.95 27.01 -0.02
CA MET A 21 -10.26 26.31 -1.12
C MET A 21 -11.27 25.93 -2.19
N PRO A 22 -10.80 25.69 -3.41
CA PRO A 22 -11.63 25.07 -4.45
C PRO A 22 -11.79 23.58 -4.18
N ASN A 23 -12.23 22.81 -5.17
CA ASN A 23 -12.32 21.37 -5.00
C ASN A 23 -10.94 20.74 -5.03
N LYS A 24 -10.22 20.88 -3.93
CA LYS A 24 -8.90 20.27 -3.81
C LYS A 24 -8.84 19.43 -2.54
N VAL A 25 -10.02 19.05 -2.05
CA VAL A 25 -10.11 18.15 -0.91
C VAL A 25 -9.33 16.87 -1.21
N ARG A 26 -8.31 16.61 -0.42
CA ARG A 26 -7.38 15.52 -0.72
C ARG A 26 -8.04 14.16 -0.53
N LYS A 27 -9.04 14.11 0.37
CA LYS A 27 -9.79 12.89 0.64
C LYS A 27 -8.87 11.82 1.25
N ILE A 28 -7.79 12.29 1.87
CA ILE A 28 -6.76 11.40 2.40
C ILE A 28 -7.22 10.74 3.70
N GLY A 29 -8.20 11.35 4.35
CA GLY A 29 -8.73 10.79 5.58
C GLY A 29 -9.27 9.38 5.42
N GLU A 30 -9.74 9.07 4.21
CA GLU A 30 -10.26 7.74 3.93
C GLU A 30 -9.16 6.69 3.94
N LEU A 31 -7.97 7.06 3.48
CA LEU A 31 -6.85 6.14 3.47
C LEU A 31 -6.46 5.79 4.91
N VAL A 32 -6.63 6.77 5.80
CA VAL A 32 -6.38 6.55 7.22
C VAL A 32 -7.40 5.57 7.79
N ARG A 33 -8.65 5.67 7.29
CA ARG A 33 -9.72 4.76 7.70
C ARG A 33 -9.34 3.32 7.35
N TYR A 34 -8.60 3.16 6.27
CA TYR A 34 -8.17 1.85 5.83
C TYR A 34 -6.97 1.36 6.63
N LEU A 35 -6.19 2.28 7.18
CA LEU A 35 -5.09 1.89 8.05
C LEU A 35 -5.61 1.20 9.30
N ASN A 36 -6.81 1.57 9.71
CA ASN A 36 -7.47 0.93 10.84
C ASN A 36 -8.21 -0.33 10.40
N THR A 37 -8.78 -0.28 9.20
CA THR A 37 -9.61 -1.37 8.71
C THR A 37 -8.80 -2.38 7.89
N ASN A 38 -8.52 -2.05 6.64
CA ASN A 38 -7.78 -2.93 5.75
C ASN A 38 -6.92 -2.11 4.80
N PRO A 39 -5.60 -2.14 4.99
CA PRO A 39 -4.66 -1.38 4.16
C PRO A 39 -4.71 -1.79 2.70
N VAL A 40 -4.92 -3.08 2.46
CA VAL A 40 -4.95 -3.62 1.10
C VAL A 40 -6.09 -3.00 0.30
N GLY A 41 -7.27 -2.99 0.91
CA GLY A 41 -8.43 -2.40 0.26
C GLY A 41 -8.26 -0.92 0.02
N GLY A 42 -7.55 -0.26 0.92
CA GLY A 42 -7.30 1.16 0.81
C GLY A 42 -6.33 1.49 -0.31
N LEU A 43 -5.28 0.70 -0.43
CA LEU A 43 -4.29 0.90 -1.47
C LEU A 43 -4.94 0.69 -2.84
N LEU A 44 -5.83 -0.29 -2.91
CA LEU A 44 -6.59 -0.54 -4.12
C LEU A 44 -7.61 0.57 -4.37
N GLU A 45 -8.13 1.13 -3.28
CA GLU A 45 -9.10 2.20 -3.34
C GLU A 45 -8.45 3.47 -3.89
N TYR A 46 -7.31 3.82 -3.33
CA TYR A 46 -6.54 4.96 -3.78
C TYR A 46 -6.25 4.87 -5.28
N ALA A 47 -5.81 3.71 -5.71
CA ALA A 47 -5.46 3.50 -7.11
C ALA A 47 -6.69 3.57 -7.99
N ARG A 48 -7.72 2.83 -7.62
CA ARG A 48 -8.94 2.73 -8.43
C ARG A 48 -9.60 4.10 -8.60
N SER A 49 -9.58 4.90 -7.54
CA SER A 49 -10.20 6.20 -7.56
C SER A 49 -9.35 7.22 -8.32
N HIS A 50 -8.04 7.02 -8.31
CA HIS A 50 -7.12 7.98 -8.95
C HIS A 50 -6.77 7.56 -10.37
N GLY A 51 -7.18 6.35 -10.74
CA GLY A 51 -6.96 5.89 -12.10
C GLY A 51 -5.68 5.09 -12.26
N PHE A 52 -5.07 4.73 -11.14
CA PHE A 52 -3.85 3.92 -11.16
C PHE A 52 -4.19 2.44 -11.05
N ALA A 53 -3.24 1.61 -11.43
CA ALA A 53 -3.38 0.17 -11.30
C ALA A 53 -2.50 -0.33 -10.18
N ALA A 54 -3.13 -0.81 -9.12
CA ALA A 54 -2.41 -1.31 -7.96
C ALA A 54 -2.26 -2.81 -8.01
N GLU A 55 -1.03 -3.29 -7.89
CA GLU A 55 -0.78 -4.72 -7.94
C GLU A 55 0.28 -5.10 -6.91
N PHE A 56 0.07 -6.23 -6.26
CA PHE A 56 0.99 -6.72 -5.24
C PHE A 56 1.75 -7.93 -5.76
N LYS A 57 3.05 -7.79 -5.93
CA LYS A 57 3.86 -8.89 -6.44
C LYS A 57 4.93 -9.29 -5.45
N LEU A 58 5.29 -10.56 -5.47
CA LEU A 58 6.34 -11.08 -4.62
C LEU A 58 7.68 -11.01 -5.37
N VAL A 59 8.60 -10.23 -4.83
CA VAL A 59 9.90 -10.05 -5.46
C VAL A 59 10.80 -11.22 -5.15
N ASP A 60 10.85 -11.61 -3.89
CA ASP A 60 11.71 -12.72 -3.47
C ASP A 60 11.18 -13.38 -2.21
N GLN A 61 11.38 -14.69 -2.10
CA GLN A 61 10.97 -15.44 -0.92
C GLN A 61 12.14 -16.28 -0.41
N SER A 62 12.68 -15.91 0.74
CA SER A 62 13.85 -16.57 1.28
C SER A 62 13.90 -16.40 2.79
N GLY A 63 14.65 -17.28 3.45
CA GLY A 63 14.84 -17.14 4.88
C GLY A 63 14.83 -18.48 5.59
N PRO A 64 15.16 -18.50 6.88
CA PRO A 64 15.11 -19.72 7.71
C PRO A 64 13.68 -20.21 7.90
N PRO A 65 13.50 -21.45 8.42
CA PRO A 65 12.17 -22.04 8.64
C PRO A 65 11.30 -21.19 9.58
N HIS A 66 11.94 -20.51 10.53
CA HIS A 66 11.21 -19.69 11.49
C HIS A 66 10.98 -18.29 10.93
N GLU A 67 11.58 -18.00 9.79
CA GLU A 67 11.45 -16.70 9.16
C GLU A 67 11.39 -16.81 7.63
N PRO A 68 10.30 -17.41 7.08
CA PRO A 68 10.10 -17.44 5.64
C PRO A 68 9.75 -16.06 5.13
N LYS A 69 10.76 -15.28 4.79
CA LYS A 69 10.59 -13.87 4.53
C LYS A 69 10.24 -13.61 3.08
N PHE A 70 9.04 -13.07 2.89
CA PHE A 70 8.55 -12.72 1.58
C PHE A 70 8.76 -11.24 1.33
N VAL A 71 9.51 -10.93 0.28
CA VAL A 71 9.76 -9.56 -0.11
C VAL A 71 8.66 -9.09 -1.06
N TYR A 72 7.70 -8.35 -0.53
CA TYR A 72 6.57 -7.89 -1.31
C TYR A 72 6.72 -6.42 -1.65
N GLN A 73 6.32 -6.06 -2.85
CA GLN A 73 6.38 -4.68 -3.30
C GLN A 73 5.05 -4.27 -3.92
N ALA A 74 4.59 -3.08 -3.58
CA ALA A 74 3.33 -2.59 -4.11
C ALA A 74 3.58 -1.72 -5.33
N LYS A 75 3.06 -2.16 -6.46
CA LYS A 75 3.18 -1.41 -7.70
C LYS A 75 1.88 -0.67 -7.99
N VAL A 76 1.93 0.65 -7.91
CA VAL A 76 0.77 1.47 -8.18
C VAL A 76 1.04 2.36 -9.39
N GLY A 77 0.44 2.01 -10.51
CA GLY A 77 0.69 2.72 -11.73
C GLY A 77 2.04 2.37 -12.30
N GLY A 78 2.93 3.35 -12.36
CA GLY A 78 4.26 3.10 -12.84
C GLY A 78 5.29 3.20 -11.73
N ARG A 79 4.83 3.41 -10.50
CA ARG A 79 5.73 3.53 -9.37
C ARG A 79 5.75 2.25 -8.54
N TRP A 80 6.89 1.99 -7.92
CA TRP A 80 7.07 0.78 -7.12
C TRP A 80 7.35 1.16 -5.67
N PHE A 81 6.37 1.01 -4.80
CA PHE A 81 6.53 1.41 -3.41
C PHE A 81 5.32 0.98 -2.58
N PRO A 82 5.57 0.46 -1.37
CA PRO A 82 6.91 0.22 -0.86
C PRO A 82 7.35 -1.23 -1.06
N ALA A 83 8.58 -1.51 -0.68
CA ALA A 83 9.09 -2.88 -0.69
C ALA A 83 9.32 -3.33 0.74
N VAL A 84 8.49 -4.25 1.21
CA VAL A 84 8.53 -4.69 2.59
C VAL A 84 8.89 -6.17 2.68
N CYS A 85 9.06 -6.65 3.90
CA CYS A 85 9.38 -8.04 4.13
C CYS A 85 8.58 -8.58 5.32
N ALA A 86 7.92 -9.71 5.11
CA ALA A 86 7.15 -10.36 6.16
C ALA A 86 7.33 -11.87 6.08
N HIS A 87 7.17 -12.56 7.20
CA HIS A 87 7.34 -14.02 7.22
C HIS A 87 6.03 -14.72 6.83
N SER A 88 5.10 -13.95 6.32
CA SER A 88 3.84 -14.49 5.84
C SER A 88 3.46 -13.80 4.53
N LYS A 89 2.92 -14.56 3.60
CA LYS A 89 2.56 -14.05 2.29
C LYS A 89 1.39 -13.07 2.42
N LYS A 90 0.41 -13.43 3.25
CA LYS A 90 -0.73 -12.58 3.50
C LYS A 90 -0.28 -11.29 4.20
N GLN A 91 0.64 -11.42 5.14
CA GLN A 91 1.20 -10.26 5.83
C GLN A 91 1.93 -9.36 4.85
N GLY A 92 2.73 -9.95 3.98
CA GLY A 92 3.51 -9.18 3.02
C GLY A 92 2.68 -8.18 2.25
N LYS A 93 1.51 -8.62 1.82
CA LYS A 93 0.58 -7.74 1.10
C LYS A 93 0.14 -6.59 1.99
N GLN A 94 -0.25 -6.93 3.21
CA GLN A 94 -0.78 -5.96 4.15
C GLN A 94 0.31 -4.99 4.62
N GLU A 95 1.49 -5.52 4.89
CA GLU A 95 2.63 -4.70 5.29
C GLU A 95 2.92 -3.65 4.23
N ALA A 96 2.93 -4.08 2.98
CA ALA A 96 3.19 -3.19 1.86
C ALA A 96 2.08 -2.15 1.75
N ALA A 97 0.84 -2.60 1.77
CA ALA A 97 -0.31 -1.71 1.64
C ALA A 97 -0.37 -0.71 2.80
N ASP A 98 -0.09 -1.20 4.00
CA ASP A 98 -0.06 -0.35 5.20
C ASP A 98 0.94 0.78 5.02
N ALA A 99 2.17 0.40 4.71
CA ALA A 99 3.22 1.38 4.49
C ALA A 99 2.88 2.29 3.32
N ALA A 100 2.31 1.70 2.27
CA ALA A 100 1.95 2.46 1.06
C ALA A 100 1.01 3.60 1.40
N LEU A 101 -0.07 3.29 2.14
CA LEU A 101 -1.03 4.31 2.52
C LEU A 101 -0.36 5.39 3.34
N ARG A 102 0.49 4.98 4.28
CA ARG A 102 1.23 5.91 5.12
C ARG A 102 2.11 6.83 4.27
N VAL A 103 2.67 6.29 3.19
CA VAL A 103 3.42 7.09 2.24
C VAL A 103 2.49 8.09 1.57
N LEU A 104 1.41 7.59 0.99
CA LEU A 104 0.45 8.41 0.27
C LEU A 104 -0.09 9.53 1.15
N ILE A 105 -0.49 9.17 2.37
CA ILE A 105 -1.03 10.13 3.32
C ILE A 105 -0.01 11.22 3.63
N GLY A 106 1.19 10.79 4.01
CA GLY A 106 2.23 11.75 4.36
C GLY A 106 2.65 12.60 3.18
N GLU A 107 2.83 11.97 2.02
CA GLU A 107 3.25 12.66 0.82
C GLU A 107 2.21 13.67 0.35
N ASN A 108 0.95 13.26 0.28
CA ASN A 108 -0.09 14.13 -0.23
C ASN A 108 -0.41 15.24 0.76
N GLU A 109 -0.17 14.98 2.03
CA GLU A 109 -0.31 16.00 3.06
C GLU A 109 0.82 17.01 2.97
N LYS A 110 2.03 16.51 2.83
CA LYS A 110 3.22 17.34 2.72
C LYS A 110 3.17 18.17 1.44
N ALA A 111 2.68 17.58 0.36
CA ALA A 111 2.50 18.29 -0.89
C ALA A 111 1.32 19.26 -0.79
N GLU A 112 0.17 18.73 -0.35
CA GLU A 112 -1.06 19.51 -0.20
C GLU A 112 -1.49 20.08 -1.56
N ARG A 113 -1.16 19.36 -2.61
CA ARG A 113 -1.50 19.76 -3.97
C ARG A 113 -1.64 18.53 -4.86
N MET A 20 -24.76 8.20 6.03
CA MET A 20 -23.96 9.38 6.43
C MET A 20 -22.70 9.48 5.60
N MET A 21 -22.77 10.22 4.50
CA MET A 21 -21.63 10.36 3.62
C MET A 21 -21.37 11.81 3.27
N PRO A 22 -20.51 12.48 4.04
CA PRO A 22 -20.02 13.81 3.68
C PRO A 22 -18.89 13.71 2.67
N ASN A 23 -18.49 12.47 2.40
CA ASN A 23 -17.41 12.19 1.45
C ASN A 23 -17.98 12.14 0.04
N LYS A 24 -17.78 13.21 -0.70
CA LYS A 24 -18.27 13.30 -2.06
C LYS A 24 -17.13 13.06 -3.06
N VAL A 25 -15.91 13.14 -2.55
CA VAL A 25 -14.73 12.88 -3.34
C VAL A 25 -13.73 12.11 -2.49
N ARG A 26 -12.97 11.21 -3.11
CA ARG A 26 -11.97 10.41 -2.41
C ARG A 26 -10.94 11.30 -1.73
N LYS A 27 -10.83 11.18 -0.42
CA LYS A 27 -9.93 12.02 0.36
C LYS A 27 -8.85 11.19 1.05
N ILE A 28 -7.78 11.85 1.48
CA ILE A 28 -6.65 11.18 2.09
C ILE A 28 -6.98 10.70 3.50
N GLY A 29 -7.87 11.42 4.17
CA GLY A 29 -8.32 11.00 5.50
C GLY A 29 -8.93 9.63 5.49
N GLU A 30 -9.45 9.23 4.34
CA GLU A 30 -10.05 7.91 4.19
C GLU A 30 -9.00 6.82 4.22
N LEU A 31 -7.83 7.11 3.65
CA LEU A 31 -6.73 6.14 3.65
C LEU A 31 -6.29 5.86 5.09
N VAL A 32 -6.39 6.88 5.93
CA VAL A 32 -6.11 6.71 7.35
C VAL A 32 -7.11 5.74 7.99
N ARG A 33 -8.36 5.83 7.55
CA ARG A 33 -9.41 4.95 8.05
C ARG A 33 -9.14 3.52 7.58
N TYR A 34 -8.54 3.38 6.40
CA TYR A 34 -8.18 2.07 5.89
C TYR A 34 -7.02 1.48 6.67
N LEU A 35 -6.12 2.34 7.15
CA LEU A 35 -5.04 1.91 8.03
C LEU A 35 -5.61 1.20 9.25
N ASN A 36 -6.78 1.65 9.68
CA ASN A 36 -7.47 1.04 10.82
C ASN A 36 -8.18 -0.25 10.41
N THR A 37 -8.93 -0.19 9.31
CA THR A 37 -9.78 -1.31 8.93
C THR A 37 -9.08 -2.28 7.96
N ASN A 38 -8.80 -1.84 6.74
CA ASN A 38 -8.17 -2.70 5.74
C ASN A 38 -7.24 -1.88 4.84
N PRO A 39 -5.93 -1.97 5.08
CA PRO A 39 -4.92 -1.25 4.30
C PRO A 39 -4.93 -1.70 2.82
N VAL A 40 -5.13 -2.99 2.61
CA VAL A 40 -5.12 -3.56 1.26
C VAL A 40 -6.24 -2.97 0.42
N GLY A 41 -7.43 -2.92 0.98
CA GLY A 41 -8.57 -2.36 0.29
C GLY A 41 -8.37 -0.90 -0.01
N GLY A 42 -7.78 -0.18 0.93
CA GLY A 42 -7.53 1.24 0.76
C GLY A 42 -6.54 1.53 -0.34
N LEU A 43 -5.46 0.75 -0.39
CA LEU A 43 -4.43 0.93 -1.41
C LEU A 43 -5.03 0.70 -2.79
N LEU A 44 -5.81 -0.36 -2.92
CA LEU A 44 -6.45 -0.70 -4.19
C LEU A 44 -7.49 0.35 -4.57
N GLU A 45 -8.21 0.87 -3.57
CA GLU A 45 -9.23 1.85 -3.77
C GLU A 45 -8.63 3.20 -4.18
N TYR A 46 -7.54 3.58 -3.51
CA TYR A 46 -6.83 4.80 -3.84
C TYR A 46 -6.42 4.80 -5.31
N ALA A 47 -5.83 3.69 -5.74
CA ALA A 47 -5.34 3.57 -7.10
C ALA A 47 -6.49 3.59 -8.10
N ARG A 48 -7.50 2.76 -7.86
CA ARG A 48 -8.61 2.61 -8.78
C ARG A 48 -9.40 3.91 -8.91
N SER A 49 -9.43 4.68 -7.84
CA SER A 49 -10.13 5.96 -7.82
C SER A 49 -9.32 7.04 -8.54
N HIS A 50 -8.00 6.90 -8.52
CA HIS A 50 -7.12 7.92 -9.11
C HIS A 50 -6.67 7.53 -10.52
N GLY A 51 -6.91 6.28 -10.89
CA GLY A 51 -6.58 5.82 -12.22
C GLY A 51 -5.33 4.97 -12.26
N PHE A 52 -4.68 4.82 -11.12
CA PHE A 52 -3.46 4.04 -11.03
C PHE A 52 -3.78 2.55 -10.98
N ALA A 53 -2.82 1.74 -11.34
CA ALA A 53 -2.95 0.29 -11.24
C ALA A 53 -2.17 -0.20 -10.03
N ALA A 54 -2.87 -0.87 -9.12
CA ALA A 54 -2.25 -1.33 -7.90
C ALA A 54 -2.21 -2.85 -7.85
N GLU A 55 -1.00 -3.39 -7.70
CA GLU A 55 -0.83 -4.83 -7.60
C GLU A 55 0.30 -5.19 -6.65
N PHE A 56 0.09 -6.21 -5.84
CA PHE A 56 1.08 -6.66 -4.89
C PHE A 56 1.78 -7.90 -5.43
N LYS A 57 3.04 -7.78 -5.80
CA LYS A 57 3.76 -8.91 -6.35
C LYS A 57 4.90 -9.31 -5.44
N LEU A 58 5.22 -10.60 -5.45
CA LEU A 58 6.31 -11.13 -4.66
C LEU A 58 7.64 -10.82 -5.34
N VAL A 59 8.47 -10.05 -4.68
CA VAL A 59 9.80 -9.74 -5.18
C VAL A 59 10.69 -10.97 -5.05
N ASP A 60 10.72 -11.53 -3.85
CA ASP A 60 11.56 -12.68 -3.56
C ASP A 60 11.20 -13.26 -2.19
N GLN A 61 11.47 -14.54 -1.98
CA GLN A 61 11.26 -15.16 -0.69
C GLN A 61 12.50 -15.92 -0.25
N SER A 62 13.29 -15.29 0.61
CA SER A 62 14.54 -15.88 1.07
C SER A 62 14.76 -15.56 2.54
N GLY A 63 15.14 -16.57 3.31
CA GLY A 63 15.42 -16.38 4.71
C GLY A 63 15.58 -17.69 5.43
N PRO A 64 15.71 -17.67 6.77
CA PRO A 64 15.81 -18.88 7.58
C PRO A 64 14.53 -19.71 7.55
N PRO A 65 14.61 -21.00 7.84
CA PRO A 65 13.44 -21.89 7.79
C PRO A 65 12.30 -21.46 8.71
N HIS A 66 12.65 -20.85 9.84
CA HIS A 66 11.65 -20.41 10.81
C HIS A 66 11.08 -19.05 10.42
N GLU A 67 11.80 -18.33 9.56
CA GLU A 67 11.37 -17.02 9.08
C GLU A 67 11.43 -16.96 7.56
N PRO A 68 10.48 -17.60 6.87
CA PRO A 68 10.38 -17.51 5.40
C PRO A 68 10.04 -16.08 5.00
N LYS A 69 11.03 -15.36 4.53
CA LYS A 69 10.85 -13.93 4.32
C LYS A 69 10.34 -13.64 2.93
N PHE A 70 9.07 -13.29 2.85
CA PHE A 70 8.44 -12.94 1.59
C PHE A 70 8.54 -11.44 1.38
N VAL A 71 9.35 -11.04 0.42
CA VAL A 71 9.51 -9.65 0.07
C VAL A 71 8.42 -9.23 -0.90
N TYR A 72 7.49 -8.43 -0.41
CA TYR A 72 6.38 -7.98 -1.24
C TYR A 72 6.49 -6.50 -1.54
N GLN A 73 6.23 -6.15 -2.80
CA GLN A 73 6.29 -4.76 -3.21
C GLN A 73 5.01 -4.39 -3.93
N ALA A 74 4.42 -3.27 -3.54
CA ALA A 74 3.18 -2.80 -4.14
C ALA A 74 3.47 -1.91 -5.33
N LYS A 75 3.03 -2.34 -6.49
CA LYS A 75 3.14 -1.55 -7.70
C LYS A 75 1.91 -0.67 -7.85
N VAL A 76 2.10 0.63 -7.74
CA VAL A 76 0.99 1.57 -7.90
C VAL A 76 1.31 2.58 -8.99
N GLY A 77 0.73 2.34 -10.16
CA GLY A 77 0.99 3.19 -11.30
C GLY A 77 2.37 2.95 -11.86
N GLY A 78 3.21 3.96 -11.80
CA GLY A 78 4.56 3.83 -12.31
C GLY A 78 5.57 3.65 -11.19
N ARG A 79 5.12 3.85 -9.96
CA ARG A 79 6.00 3.75 -8.81
C ARG A 79 5.85 2.40 -8.10
N TRP A 80 6.95 1.91 -7.57
CA TRP A 80 6.98 0.66 -6.83
C TRP A 80 7.25 0.94 -5.37
N PHE A 81 6.24 0.78 -4.53
CA PHE A 81 6.38 1.09 -3.11
C PHE A 81 5.18 0.59 -2.31
N PRO A 82 5.44 0.06 -1.11
CA PRO A 82 6.77 -0.15 -0.60
C PRO A 82 7.22 -1.60 -0.80
N ALA A 83 8.45 -1.90 -0.42
CA ALA A 83 8.94 -3.27 -0.43
C ALA A 83 9.16 -3.75 1.00
N VAL A 84 8.19 -4.50 1.51
CA VAL A 84 8.25 -4.98 2.89
C VAL A 84 8.56 -6.47 2.93
N CYS A 85 9.01 -6.93 4.08
CA CYS A 85 9.38 -8.32 4.25
C CYS A 85 8.63 -8.95 5.43
N ALA A 86 7.77 -9.91 5.12
CA ALA A 86 7.02 -10.61 6.16
C ALA A 86 7.17 -12.12 5.97
N HIS A 87 7.04 -12.87 7.06
CA HIS A 87 7.16 -14.32 6.99
C HIS A 87 5.83 -14.97 6.58
N SER A 88 4.96 -14.18 5.99
CA SER A 88 3.70 -14.67 5.47
C SER A 88 3.24 -13.78 4.33
N LYS A 89 2.63 -14.38 3.32
CA LYS A 89 2.22 -13.67 2.12
C LYS A 89 1.20 -12.58 2.43
N LYS A 90 0.11 -12.95 3.08
CA LYS A 90 -0.97 -12.01 3.34
C LYS A 90 -0.51 -10.91 4.30
N GLN A 91 0.41 -11.26 5.19
CA GLN A 91 1.05 -10.26 6.04
C GLN A 91 1.82 -9.28 5.17
N GLY A 92 2.58 -9.81 4.23
CA GLY A 92 3.34 -8.99 3.30
C GLY A 92 2.45 -8.03 2.54
N LYS A 93 1.35 -8.54 2.01
CA LYS A 93 0.38 -7.71 1.30
C LYS A 93 -0.18 -6.62 2.21
N GLN A 94 -0.52 -6.99 3.44
CA GLN A 94 -1.11 -6.03 4.39
C GLN A 94 -0.09 -4.99 4.82
N GLU A 95 1.11 -5.43 5.17
CA GLU A 95 2.17 -4.52 5.60
C GLU A 95 2.56 -3.58 4.47
N ALA A 96 2.62 -4.11 3.25
CA ALA A 96 2.91 -3.30 2.09
C ALA A 96 1.83 -2.24 1.90
N ALA A 97 0.58 -2.66 1.92
CA ALA A 97 -0.53 -1.75 1.75
C ALA A 97 -0.56 -0.68 2.84
N ASP A 98 -0.30 -1.10 4.08
CA ASP A 98 -0.26 -0.18 5.21
C ASP A 98 0.79 0.89 4.98
N ALA A 99 2.02 0.46 4.71
CA ALA A 99 3.13 1.38 4.50
C ALA A 99 2.91 2.23 3.25
N ALA A 100 2.29 1.64 2.24
CA ALA A 100 1.98 2.35 1.01
C ALA A 100 1.06 3.53 1.30
N LEU A 101 0.03 3.30 2.10
CA LEU A 101 -0.91 4.35 2.46
C LEU A 101 -0.19 5.46 3.22
N ARG A 102 0.78 5.07 4.06
CA ARG A 102 1.59 6.05 4.80
C ARG A 102 2.28 6.99 3.83
N VAL A 103 2.86 6.41 2.78
CA VAL A 103 3.54 7.18 1.74
C VAL A 103 2.56 8.13 1.05
N LEU A 104 1.41 7.59 0.69
CA LEU A 104 0.38 8.36 -0.01
C LEU A 104 -0.11 9.52 0.85
N ILE A 105 -0.47 9.19 2.10
CA ILE A 105 -0.96 10.19 3.04
C ILE A 105 0.08 11.27 3.27
N GLY A 106 1.29 10.86 3.64
CA GLY A 106 2.35 11.82 3.91
C GLY A 106 2.68 12.67 2.71
N GLU A 107 2.54 12.10 1.52
CA GLU A 107 2.80 12.80 0.27
C GLU A 107 1.79 13.95 0.10
N ASN A 108 0.53 13.64 0.30
CA ASN A 108 -0.53 14.62 0.06
C ASN A 108 -0.67 15.58 1.24
N GLU A 109 -0.25 15.16 2.42
CA GLU A 109 -0.34 16.00 3.61
C GLU A 109 0.53 17.25 3.50
N LYS A 110 1.53 17.21 2.62
CA LYS A 110 2.40 18.35 2.40
C LYS A 110 2.23 18.89 0.98
N ALA A 111 1.05 18.66 0.41
CA ALA A 111 0.74 19.14 -0.92
C ALA A 111 0.01 20.47 -0.81
N GLU A 112 0.79 21.56 -0.83
CA GLU A 112 0.27 22.91 -0.74
C GLU A 112 -0.24 23.22 0.68
N ARG A 113 0.04 22.31 1.61
CA ARG A 113 -0.43 22.46 2.98
C ARG A 113 0.71 22.85 3.90
N MET A 20 -21.38 17.03 -14.82
CA MET A 20 -20.15 16.53 -14.17
C MET A 20 -20.38 15.12 -13.62
N MET A 21 -19.30 14.35 -13.52
CA MET A 21 -19.37 13.01 -12.96
C MET A 21 -19.08 13.05 -11.46
N PRO A 22 -19.51 12.02 -10.71
CA PRO A 22 -19.24 11.92 -9.27
C PRO A 22 -17.79 11.51 -8.98
N ASN A 23 -16.85 12.15 -9.66
CA ASN A 23 -15.42 11.84 -9.54
C ASN A 23 -14.94 11.97 -8.10
N LYS A 24 -14.08 11.05 -7.71
CA LYS A 24 -13.51 11.04 -6.38
C LYS A 24 -12.13 11.67 -6.38
N VAL A 25 -11.98 12.76 -5.64
CA VAL A 25 -10.73 13.47 -5.57
C VAL A 25 -9.76 12.80 -4.60
N ARG A 26 -8.59 13.39 -4.40
CA ARG A 26 -7.61 12.86 -3.47
C ARG A 26 -8.02 13.15 -2.02
N LYS A 27 -9.13 12.55 -1.62
CA LYS A 27 -9.59 12.64 -0.24
C LYS A 27 -8.73 11.74 0.63
N ILE A 28 -7.80 12.35 1.34
CA ILE A 28 -6.81 11.60 2.11
C ILE A 28 -7.44 10.94 3.33
N GLY A 29 -8.51 11.54 3.83
CA GLY A 29 -9.22 10.98 4.96
C GLY A 29 -9.69 9.56 4.72
N GLU A 30 -9.95 9.25 3.45
CA GLU A 30 -10.34 7.91 3.05
C GLU A 30 -9.24 6.92 3.40
N LEU A 31 -8.02 7.22 2.95
CA LEU A 31 -6.89 6.33 3.15
C LEU A 31 -6.62 6.14 4.64
N VAL A 32 -6.83 7.20 5.41
CA VAL A 32 -6.65 7.15 6.86
C VAL A 32 -7.62 6.15 7.49
N ARG A 33 -8.86 6.14 7.02
CA ARG A 33 -9.87 5.24 7.56
C ARG A 33 -9.51 3.79 7.24
N TYR A 34 -8.76 3.60 6.16
CA TYR A 34 -8.32 2.26 5.78
C TYR A 34 -7.17 1.79 6.65
N LEU A 35 -6.35 2.73 7.12
CA LEU A 35 -5.31 2.39 8.08
C LEU A 35 -5.93 1.91 9.38
N ASN A 36 -7.17 2.31 9.62
CA ASN A 36 -7.92 1.88 10.78
C ASN A 36 -8.70 0.59 10.47
N THR A 37 -9.04 0.39 9.21
CA THR A 37 -9.86 -0.75 8.82
C THR A 37 -9.03 -1.83 8.11
N ASN A 38 -8.71 -1.59 6.84
CA ASN A 38 -7.93 -2.52 6.04
C ASN A 38 -7.03 -1.77 5.08
N PRO A 39 -5.71 -1.77 5.35
CA PRO A 39 -4.72 -1.08 4.52
C PRO A 39 -4.75 -1.57 3.07
N VAL A 40 -4.94 -2.87 2.89
CA VAL A 40 -4.97 -3.47 1.55
C VAL A 40 -6.09 -2.86 0.72
N GLY A 41 -7.28 -2.79 1.33
CA GLY A 41 -8.42 -2.19 0.65
C GLY A 41 -8.18 -0.73 0.34
N GLY A 42 -7.42 -0.06 1.20
CA GLY A 42 -7.11 1.34 0.98
C GLY A 42 -6.21 1.55 -0.22
N LEU A 43 -5.19 0.71 -0.34
CA LEU A 43 -4.27 0.79 -1.47
C LEU A 43 -5.00 0.47 -2.77
N LEU A 44 -5.89 -0.52 -2.71
CA LEU A 44 -6.73 -0.88 -3.84
C LEU A 44 -7.66 0.28 -4.20
N GLU A 45 -8.22 0.92 -3.18
CA GLU A 45 -9.12 2.03 -3.34
C GLU A 45 -8.40 3.23 -3.96
N TYR A 46 -7.21 3.52 -3.45
CA TYR A 46 -6.40 4.61 -3.96
C TYR A 46 -6.16 4.47 -5.45
N ALA A 47 -5.68 3.29 -5.86
CA ALA A 47 -5.36 3.05 -7.25
C ALA A 47 -6.61 3.07 -8.12
N ARG A 48 -7.65 2.38 -7.68
CA ARG A 48 -8.88 2.24 -8.45
C ARG A 48 -9.57 3.59 -8.64
N SER A 49 -9.38 4.48 -7.69
CA SER A 49 -9.98 5.80 -7.74
C SER A 49 -9.14 6.74 -8.59
N HIS A 50 -7.82 6.59 -8.53
CA HIS A 50 -6.91 7.55 -9.15
C HIS A 50 -6.52 7.14 -10.57
N GLY A 51 -6.86 5.91 -10.96
CA GLY A 51 -6.60 5.47 -12.31
C GLY A 51 -5.40 4.55 -12.42
N PHE A 52 -4.83 4.22 -11.27
CA PHE A 52 -3.67 3.33 -11.23
C PHE A 52 -4.11 1.88 -11.08
N ALA A 53 -3.15 0.99 -11.07
CA ALA A 53 -3.41 -0.42 -10.81
C ALA A 53 -2.65 -0.87 -9.59
N ALA A 54 -3.31 -1.60 -8.71
CA ALA A 54 -2.70 -2.04 -7.47
C ALA A 54 -2.29 -3.51 -7.56
N GLU A 55 -0.99 -3.76 -7.54
CA GLU A 55 -0.47 -5.11 -7.63
C GLU A 55 0.42 -5.43 -6.44
N PHE A 56 0.31 -6.65 -5.93
CA PHE A 56 1.15 -7.12 -4.84
C PHE A 56 1.91 -8.37 -5.28
N LYS A 57 3.20 -8.21 -5.55
CA LYS A 57 3.99 -9.33 -6.03
C LYS A 57 5.13 -9.65 -5.08
N LEU A 58 5.55 -10.90 -5.09
CA LEU A 58 6.72 -11.32 -4.36
C LEU A 58 7.98 -11.00 -5.16
N VAL A 59 8.80 -10.12 -4.64
CA VAL A 59 10.02 -9.74 -5.32
C VAL A 59 11.16 -10.68 -4.94
N ASP A 60 11.31 -10.92 -3.65
CA ASP A 60 12.39 -11.76 -3.16
C ASP A 60 11.94 -12.66 -2.02
N GLN A 61 12.48 -13.86 -1.98
CA GLN A 61 12.23 -14.78 -0.89
C GLN A 61 13.56 -15.33 -0.38
N SER A 62 14.03 -14.77 0.72
CA SER A 62 15.31 -15.16 1.29
C SER A 62 15.20 -15.31 2.80
N GLY A 63 15.30 -16.54 3.26
CA GLY A 63 15.22 -16.81 4.68
C GLY A 63 15.21 -18.29 4.98
N PRO A 64 15.18 -18.68 6.27
CA PRO A 64 15.14 -20.08 6.68
C PRO A 64 13.77 -20.71 6.37
N PRO A 65 13.73 -22.04 6.23
CA PRO A 65 12.51 -22.76 5.87
C PRO A 65 11.42 -22.67 6.95
N HIS A 66 11.84 -22.55 8.20
CA HIS A 66 10.89 -22.48 9.31
C HIS A 66 10.40 -21.05 9.51
N GLU A 67 11.19 -20.09 9.06
CA GLU A 67 10.84 -18.67 9.16
C GLU A 67 11.08 -17.97 7.83
N PRO A 68 10.23 -18.24 6.84
CA PRO A 68 10.39 -17.68 5.49
C PRO A 68 10.23 -16.17 5.49
N LYS A 69 11.03 -15.51 4.65
CA LYS A 69 10.97 -14.06 4.54
C LYS A 69 10.53 -13.68 3.14
N PHE A 70 9.37 -13.06 3.05
CA PHE A 70 8.80 -12.68 1.77
C PHE A 70 8.89 -11.18 1.57
N VAL A 71 9.69 -10.78 0.60
CA VAL A 71 9.82 -9.38 0.24
C VAL A 71 8.76 -9.03 -0.78
N TYR A 72 7.67 -8.44 -0.31
CA TYR A 72 6.58 -8.02 -1.17
C TYR A 72 6.66 -6.54 -1.45
N GLN A 73 6.32 -6.16 -2.66
CA GLN A 73 6.36 -4.75 -3.05
C GLN A 73 5.06 -4.38 -3.74
N ALA A 74 4.53 -3.22 -3.39
CA ALA A 74 3.28 -2.76 -3.98
C ALA A 74 3.55 -2.03 -5.29
N LYS A 75 3.08 -2.61 -6.37
CA LYS A 75 3.23 -2.01 -7.68
C LYS A 75 1.96 -1.25 -8.05
N VAL A 76 2.02 0.06 -7.88
CA VAL A 76 0.87 0.90 -8.19
C VAL A 76 1.11 1.63 -9.51
N GLY A 77 0.50 1.11 -10.55
CA GLY A 77 0.77 1.61 -11.88
C GLY A 77 2.16 1.21 -12.32
N GLY A 78 2.97 2.19 -12.65
CA GLY A 78 4.37 1.92 -12.97
C GLY A 78 5.28 2.32 -11.84
N ARG A 79 4.72 2.44 -10.64
CA ARG A 79 5.48 2.88 -9.47
C ARG A 79 5.57 1.76 -8.44
N TRP A 80 6.78 1.39 -8.08
CA TRP A 80 7.00 0.30 -7.13
C TRP A 80 7.26 0.88 -5.74
N PHE A 81 6.25 0.82 -4.87
CA PHE A 81 6.40 1.31 -3.50
C PHE A 81 5.18 0.94 -2.67
N PRO A 82 5.41 0.53 -1.41
CA PRO A 82 6.72 0.33 -0.84
C PRO A 82 7.17 -1.12 -0.92
N ALA A 83 8.33 -1.43 -0.36
CA ALA A 83 8.82 -2.79 -0.30
C ALA A 83 8.96 -3.24 1.15
N VAL A 84 8.41 -4.39 1.49
CA VAL A 84 8.45 -4.89 2.85
C VAL A 84 8.78 -6.38 2.88
N CYS A 85 9.51 -6.82 3.90
CA CYS A 85 9.85 -8.21 4.05
C CYS A 85 9.18 -8.81 5.28
N ALA A 86 8.12 -9.58 5.05
CA ALA A 86 7.34 -10.14 6.14
C ALA A 86 7.60 -11.63 6.29
N HIS A 87 6.92 -12.25 7.25
CA HIS A 87 7.12 -13.67 7.53
C HIS A 87 6.10 -14.51 6.76
N SER A 88 5.14 -13.82 6.16
CA SER A 88 4.08 -14.49 5.40
C SER A 88 3.59 -13.58 4.27
N LYS A 89 2.84 -14.16 3.34
CA LYS A 89 2.32 -13.43 2.18
C LYS A 89 1.36 -12.32 2.59
N LYS A 90 0.29 -12.71 3.29
CA LYS A 90 -0.75 -11.78 3.67
C LYS A 90 -0.19 -10.68 4.56
N GLN A 91 0.76 -11.06 5.42
CA GLN A 91 1.53 -10.10 6.18
C GLN A 91 2.15 -9.07 5.25
N GLY A 92 2.91 -9.55 4.27
CA GLY A 92 3.60 -8.67 3.33
C GLY A 92 2.64 -7.75 2.59
N LYS A 93 1.56 -8.32 2.06
CA LYS A 93 0.58 -7.52 1.34
C LYS A 93 0.01 -6.41 2.22
N GLN A 94 -0.31 -6.74 3.47
CA GLN A 94 -0.85 -5.76 4.41
C GLN A 94 0.19 -4.73 4.80
N GLU A 95 1.40 -5.21 5.13
CA GLU A 95 2.49 -4.31 5.53
C GLU A 95 2.81 -3.32 4.42
N ALA A 96 2.79 -3.80 3.17
CA ALA A 96 3.05 -2.96 2.02
C ALA A 96 1.96 -1.91 1.87
N ALA A 97 0.72 -2.36 1.90
CA ALA A 97 -0.42 -1.46 1.73
C ALA A 97 -0.50 -0.46 2.88
N ASP A 98 -0.23 -0.93 4.09
CA ASP A 98 -0.24 -0.08 5.27
C ASP A 98 0.81 1.02 5.13
N ALA A 99 2.03 0.61 4.78
CA ALA A 99 3.11 1.56 4.57
C ALA A 99 2.80 2.50 3.42
N ALA A 100 2.18 1.96 2.36
CA ALA A 100 1.84 2.74 1.18
C ALA A 100 0.90 3.89 1.53
N LEU A 101 -0.14 3.59 2.30
CA LEU A 101 -1.10 4.62 2.70
C LEU A 101 -0.40 5.71 3.50
N ARG A 102 0.49 5.29 4.40
CA ARG A 102 1.27 6.22 5.19
C ARG A 102 2.07 7.16 4.28
N VAL A 103 2.61 6.60 3.19
CA VAL A 103 3.34 7.40 2.21
C VAL A 103 2.40 8.41 1.56
N LEU A 104 1.32 7.90 0.97
CA LEU A 104 0.36 8.73 0.26
C LEU A 104 -0.19 9.85 1.13
N ILE A 105 -0.60 9.48 2.34
CA ILE A 105 -1.12 10.45 3.30
C ILE A 105 -0.07 11.50 3.65
N GLY A 106 1.15 11.04 3.93
CA GLY A 106 2.23 11.95 4.26
C GLY A 106 2.53 12.94 3.15
N GLU A 107 2.48 12.44 1.91
CA GLU A 107 2.69 13.28 0.73
C GLU A 107 1.78 14.50 0.76
N ASN A 108 0.51 14.27 1.11
CA ASN A 108 -0.48 15.33 1.07
C ASN A 108 -0.47 16.16 2.35
N GLU A 109 -0.41 15.50 3.49
CA GLU A 109 -0.50 16.18 4.78
C GLU A 109 0.70 17.10 5.01
N LYS A 110 1.88 16.63 4.61
CA LYS A 110 3.07 17.47 4.70
C LYS A 110 3.07 18.45 3.53
N ALA A 111 2.73 17.94 2.35
CA ALA A 111 2.58 18.76 1.14
C ALA A 111 3.89 19.42 0.71
N GLU A 112 4.98 19.05 1.37
CA GLU A 112 6.31 19.49 0.98
C GLU A 112 7.06 18.32 0.36
N ARG A 113 6.28 17.35 -0.08
CA ARG A 113 6.80 16.15 -0.69
C ARG A 113 6.89 16.33 -2.20
N MET A 20 3.06 11.59 -12.42
CA MET A 20 2.37 12.31 -11.34
C MET A 20 1.11 11.55 -10.93
N MET A 21 0.54 11.92 -9.81
CA MET A 21 -0.70 11.31 -9.34
C MET A 21 -1.86 12.30 -9.47
N PRO A 22 -2.80 12.02 -10.37
CA PRO A 22 -3.97 12.89 -10.59
C PRO A 22 -4.90 12.90 -9.39
N ASN A 23 -4.81 13.95 -8.59
CA ASN A 23 -5.62 14.04 -7.38
C ASN A 23 -6.68 15.13 -7.52
N LYS A 24 -7.81 14.76 -8.11
CA LYS A 24 -8.95 15.66 -8.19
C LYS A 24 -9.78 15.54 -6.93
N VAL A 25 -9.67 14.38 -6.29
CA VAL A 25 -10.29 14.14 -5.01
C VAL A 25 -9.26 13.61 -4.02
N ARG A 26 -8.81 14.47 -3.12
CA ARG A 26 -7.86 14.08 -2.10
C ARG A 26 -8.54 13.18 -1.08
N LYS A 27 -8.38 11.88 -1.29
CA LYS A 27 -9.06 10.88 -0.48
C LYS A 27 -8.22 10.53 0.75
N ILE A 28 -7.29 11.42 1.07
CA ILE A 28 -6.28 11.18 2.10
C ILE A 28 -6.90 10.74 3.43
N GLY A 29 -7.92 11.45 3.88
CA GLY A 29 -8.57 11.11 5.14
C GLY A 29 -9.22 9.74 5.09
N GLU A 30 -9.68 9.35 3.91
CA GLU A 30 -10.30 8.05 3.74
C GLU A 30 -9.26 6.95 3.80
N LEU A 31 -8.08 7.20 3.23
CA LEU A 31 -6.97 6.25 3.31
C LEU A 31 -6.63 5.96 4.78
N VAL A 32 -6.76 6.99 5.61
CA VAL A 32 -6.49 6.86 7.05
C VAL A 32 -7.44 5.85 7.69
N ARG A 33 -8.72 5.89 7.30
CA ARG A 33 -9.70 4.95 7.86
C ARG A 33 -9.36 3.51 7.47
N TYR A 34 -8.66 3.36 6.35
CA TYR A 34 -8.24 2.05 5.88
C TYR A 34 -7.05 1.54 6.69
N LEU A 35 -6.24 2.46 7.19
CA LEU A 35 -5.16 2.10 8.10
C LEU A 35 -5.72 1.49 9.37
N ASN A 36 -6.93 1.92 9.71
CA ASN A 36 -7.64 1.39 10.86
C ASN A 36 -8.35 0.09 10.49
N THR A 37 -8.92 0.06 9.30
CA THR A 37 -9.69 -1.09 8.85
C THR A 37 -8.83 -2.07 8.07
N ASN A 38 -8.64 -1.83 6.78
CA ASN A 38 -7.90 -2.73 5.91
C ASN A 38 -7.02 -1.95 4.94
N PRO A 39 -5.71 -2.00 5.13
CA PRO A 39 -4.75 -1.28 4.28
C PRO A 39 -4.78 -1.76 2.83
N VAL A 40 -4.96 -3.07 2.65
CA VAL A 40 -4.97 -3.67 1.32
C VAL A 40 -6.10 -3.09 0.49
N GLY A 41 -7.30 -3.07 1.07
CA GLY A 41 -8.45 -2.51 0.39
C GLY A 41 -8.28 -1.03 0.12
N GLY A 42 -7.64 -0.34 1.05
CA GLY A 42 -7.42 1.08 0.90
C GLY A 42 -6.45 1.39 -0.23
N LEU A 43 -5.40 0.60 -0.34
CA LEU A 43 -4.41 0.76 -1.39
C LEU A 43 -5.06 0.53 -2.75
N LEU A 44 -5.92 -0.48 -2.83
CA LEU A 44 -6.65 -0.78 -4.05
C LEU A 44 -7.68 0.31 -4.35
N GLU A 45 -8.31 0.82 -3.29
CA GLU A 45 -9.32 1.85 -3.39
C GLU A 45 -8.72 3.16 -3.90
N TYR A 46 -7.56 3.53 -3.35
CA TYR A 46 -6.86 4.72 -3.80
C TYR A 46 -6.49 4.61 -5.27
N ALA A 47 -5.95 3.46 -5.65
CA ALA A 47 -5.49 3.26 -7.01
C ALA A 47 -6.67 3.29 -7.98
N ARG A 48 -7.71 2.56 -7.66
CA ARG A 48 -8.87 2.43 -8.53
C ARG A 48 -9.52 3.80 -8.78
N SER A 49 -9.56 4.62 -7.75
CA SER A 49 -10.19 5.93 -7.84
C SER A 49 -9.29 6.94 -8.55
N HIS A 50 -7.98 6.70 -8.55
CA HIS A 50 -7.03 7.66 -9.09
C HIS A 50 -6.42 7.20 -10.41
N GLY A 51 -6.89 6.07 -10.92
CA GLY A 51 -6.46 5.61 -12.22
C GLY A 51 -5.22 4.73 -12.17
N PHE A 52 -4.74 4.45 -10.97
CA PHE A 52 -3.56 3.62 -10.80
C PHE A 52 -3.93 2.15 -10.83
N ALA A 53 -2.94 1.30 -11.07
CA ALA A 53 -3.14 -0.13 -11.07
C ALA A 53 -2.34 -0.74 -9.93
N ALA A 54 -3.03 -1.11 -8.86
CA ALA A 54 -2.38 -1.64 -7.68
C ALA A 54 -2.16 -3.14 -7.79
N GLU A 55 -0.91 -3.56 -7.59
CA GLU A 55 -0.54 -4.96 -7.67
C GLU A 55 0.43 -5.31 -6.55
N PHE A 56 0.17 -6.43 -5.90
CA PHE A 56 1.05 -6.92 -4.85
C PHE A 56 1.82 -8.14 -5.36
N LYS A 57 3.10 -7.94 -5.66
CA LYS A 57 3.89 -8.99 -6.26
C LYS A 57 5.07 -9.36 -5.37
N LEU A 58 5.44 -10.63 -5.42
CA LEU A 58 6.60 -11.12 -4.69
C LEU A 58 7.87 -10.73 -5.41
N VAL A 59 8.73 -10.01 -4.72
CA VAL A 59 10.00 -9.60 -5.27
C VAL A 59 11.01 -10.74 -5.12
N ASP A 60 11.09 -11.27 -3.92
CA ASP A 60 12.04 -12.34 -3.62
C ASP A 60 11.70 -12.98 -2.29
N GLN A 61 12.11 -14.22 -2.09
CA GLN A 61 11.94 -14.88 -0.80
C GLN A 61 13.30 -15.16 -0.17
N SER A 62 13.52 -14.58 1.00
CA SER A 62 14.76 -14.77 1.72
C SER A 62 14.48 -15.02 3.19
N GLY A 63 14.66 -16.26 3.63
CA GLY A 63 14.41 -16.58 5.01
C GLY A 63 14.57 -18.07 5.30
N PRO A 64 14.90 -18.41 6.54
CA PRO A 64 14.99 -19.82 6.99
C PRO A 64 13.63 -20.51 6.99
N PRO A 65 13.60 -21.85 7.15
CA PRO A 65 12.35 -22.62 7.17
C PRO A 65 11.38 -22.17 8.28
N HIS A 66 11.95 -21.73 9.40
CA HIS A 66 11.14 -21.29 10.54
C HIS A 66 10.76 -19.82 10.41
N GLU A 67 11.30 -19.16 9.40
CA GLU A 67 11.03 -17.75 9.16
C GLU A 67 11.10 -17.42 7.67
N PRO A 68 10.19 -18.00 6.85
CA PRO A 68 10.16 -17.75 5.42
C PRO A 68 9.73 -16.32 5.11
N LYS A 69 10.70 -15.44 4.98
CA LYS A 69 10.42 -14.03 4.81
C LYS A 69 10.26 -13.68 3.33
N PHE A 70 9.04 -13.34 2.96
CA PHE A 70 8.72 -12.95 1.60
C PHE A 70 8.87 -11.45 1.43
N VAL A 71 9.56 -11.05 0.38
CA VAL A 71 9.72 -9.65 0.06
C VAL A 71 8.63 -9.23 -0.92
N TYR A 72 7.68 -8.44 -0.44
CA TYR A 72 6.57 -7.97 -1.27
C TYR A 72 6.68 -6.48 -1.51
N GLN A 73 6.35 -6.07 -2.72
CA GLN A 73 6.39 -4.66 -3.08
C GLN A 73 5.05 -4.24 -3.67
N ALA A 74 4.60 -3.05 -3.26
CA ALA A 74 3.34 -2.52 -3.74
C ALA A 74 3.54 -1.79 -5.07
N LYS A 75 3.02 -2.39 -6.12
CA LYS A 75 3.13 -1.84 -7.45
C LYS A 75 1.88 -1.03 -7.76
N VAL A 76 1.99 0.29 -7.71
CA VAL A 76 0.83 1.15 -7.90
C VAL A 76 0.99 2.02 -9.14
N GLY A 77 0.38 1.59 -10.23
CA GLY A 77 0.38 2.35 -11.47
C GLY A 77 1.77 2.59 -12.02
N GLY A 78 2.64 1.61 -11.89
CA GLY A 78 4.00 1.75 -12.37
C GLY A 78 4.96 2.20 -11.30
N ARG A 79 4.43 2.72 -10.20
CA ARG A 79 5.25 3.13 -9.07
C ARG A 79 5.42 1.98 -8.10
N TRP A 80 6.65 1.68 -7.73
CA TRP A 80 6.95 0.56 -6.88
C TRP A 80 7.31 1.02 -5.48
N PHE A 81 6.34 0.96 -4.57
CA PHE A 81 6.55 1.41 -3.19
C PHE A 81 5.37 1.02 -2.31
N PRO A 82 5.64 0.51 -1.11
CA PRO A 82 6.99 0.25 -0.63
C PRO A 82 7.42 -1.19 -0.87
N ALA A 83 8.65 -1.50 -0.48
CA ALA A 83 9.14 -2.88 -0.56
C ALA A 83 9.42 -3.41 0.84
N VAL A 84 8.54 -4.26 1.33
CA VAL A 84 8.64 -4.77 2.69
C VAL A 84 8.93 -6.26 2.69
N CYS A 85 9.37 -6.77 3.83
CA CYS A 85 9.68 -8.18 3.97
C CYS A 85 8.95 -8.76 5.18
N ALA A 86 8.09 -9.75 4.93
CA ALA A 86 7.31 -10.36 5.99
C ALA A 86 7.30 -11.88 5.84
N HIS A 87 7.31 -12.58 6.96
CA HIS A 87 7.36 -14.05 6.95
C HIS A 87 6.02 -14.68 6.60
N SER A 88 5.12 -13.88 6.03
CA SER A 88 3.82 -14.39 5.60
C SER A 88 3.35 -13.62 4.36
N LYS A 89 2.75 -14.33 3.43
CA LYS A 89 2.30 -13.72 2.18
C LYS A 89 1.24 -12.64 2.44
N LYS A 90 0.28 -12.95 3.29
CA LYS A 90 -0.78 -11.99 3.61
C LYS A 90 -0.20 -10.80 4.37
N GLN A 91 0.79 -11.07 5.22
CA GLN A 91 1.46 -10.02 5.96
C GLN A 91 2.18 -9.08 5.01
N GLY A 92 2.86 -9.66 4.03
CA GLY A 92 3.55 -8.84 3.03
C GLY A 92 2.61 -7.91 2.31
N LYS A 93 1.42 -8.40 2.00
CA LYS A 93 0.40 -7.60 1.33
C LYS A 93 -0.08 -6.48 2.25
N GLN A 94 -0.38 -6.83 3.49
CA GLN A 94 -0.93 -5.87 4.45
C GLN A 94 0.12 -4.82 4.84
N GLU A 95 1.33 -5.28 5.16
CA GLU A 95 2.41 -4.38 5.53
C GLU A 95 2.72 -3.39 4.40
N ALA A 96 2.81 -3.92 3.18
CA ALA A 96 3.10 -3.09 2.02
C ALA A 96 2.00 -2.07 1.79
N ALA A 97 0.76 -2.53 1.82
CA ALA A 97 -0.39 -1.67 1.59
C ALA A 97 -0.48 -0.59 2.66
N ASP A 98 -0.25 -0.99 3.91
CA ASP A 98 -0.29 -0.06 5.04
C ASP A 98 0.74 1.05 4.84
N ALA A 99 1.99 0.66 4.65
CA ALA A 99 3.08 1.60 4.47
C ALA A 99 2.86 2.46 3.22
N ALA A 100 2.28 1.86 2.20
CA ALA A 100 2.00 2.59 0.96
C ALA A 100 1.05 3.75 1.21
N LEU A 101 0.01 3.51 2.02
CA LEU A 101 -0.95 4.55 2.33
C LEU A 101 -0.29 5.66 3.13
N ARG A 102 0.67 5.30 3.98
CA ARG A 102 1.40 6.29 4.77
C ARG A 102 2.14 7.24 3.84
N VAL A 103 2.78 6.68 2.82
CA VAL A 103 3.51 7.46 1.83
C VAL A 103 2.58 8.46 1.16
N LEU A 104 1.39 8.00 0.80
CA LEU A 104 0.41 8.83 0.12
C LEU A 104 -0.12 9.92 1.05
N ILE A 105 -0.56 9.50 2.23
CA ILE A 105 -1.13 10.42 3.21
C ILE A 105 -0.13 11.48 3.64
N GLY A 106 1.09 11.05 3.95
CA GLY A 106 2.10 11.99 4.39
C GLY A 106 2.56 12.91 3.29
N GLU A 107 2.44 12.47 2.04
CA GLU A 107 2.86 13.27 0.90
C GLU A 107 1.83 14.35 0.58
N ASN A 108 0.55 13.96 0.60
CA ASN A 108 -0.52 14.89 0.23
C ASN A 108 -1.02 15.63 1.46
N GLU A 109 -0.37 15.39 2.59
CA GLU A 109 -0.71 16.05 3.84
C GLU A 109 -0.62 17.56 3.69
N LYS A 110 0.53 18.03 3.23
CA LYS A 110 0.73 19.43 2.96
C LYS A 110 1.16 19.62 1.51
N ALA A 111 0.34 19.10 0.61
CA ALA A 111 0.61 19.20 -0.82
C ALA A 111 -0.15 20.37 -1.41
N GLU A 112 -0.08 20.51 -2.74
CA GLU A 112 -0.75 21.61 -3.41
C GLU A 112 -2.13 21.19 -3.87
N ARG A 113 -2.42 19.91 -3.77
CA ARG A 113 -3.65 19.36 -4.28
C ARG A 113 -4.48 18.75 -3.14
N MET A 20 -8.67 9.19 -12.72
CA MET A 20 -9.58 9.97 -13.58
C MET A 20 -10.94 10.12 -12.91
N MET A 21 -11.54 11.30 -13.08
CA MET A 21 -12.87 11.62 -12.54
C MET A 21 -12.87 11.77 -11.02
N PRO A 22 -13.56 12.79 -10.51
CA PRO A 22 -13.66 13.06 -9.08
C PRO A 22 -14.76 12.24 -8.41
N ASN A 23 -14.90 10.99 -8.85
CA ASN A 23 -15.92 10.09 -8.31
C ASN A 23 -15.67 9.85 -6.83
N LYS A 24 -14.41 9.62 -6.48
CA LYS A 24 -14.02 9.46 -5.10
C LYS A 24 -12.91 10.47 -4.77
N VAL A 25 -13.26 11.48 -3.99
CA VAL A 25 -12.33 12.54 -3.61
C VAL A 25 -11.12 11.95 -2.88
N ARG A 26 -9.96 12.57 -3.01
CA ARG A 26 -8.75 12.08 -2.39
C ARG A 26 -8.72 12.38 -0.89
N LYS A 27 -9.81 12.03 -0.22
CA LYS A 27 -9.94 12.22 1.21
C LYS A 27 -8.94 11.32 1.93
N ILE A 28 -7.88 11.93 2.45
CA ILE A 28 -6.79 11.19 3.07
C ILE A 28 -7.24 10.52 4.35
N GLY A 29 -8.26 11.08 4.99
CA GLY A 29 -8.83 10.46 6.17
C GLY A 29 -9.34 9.07 5.87
N GLU A 30 -9.76 8.84 4.63
CA GLU A 30 -10.24 7.54 4.20
C GLU A 30 -9.10 6.53 4.14
N LEU A 31 -7.94 6.97 3.65
CA LEU A 31 -6.78 6.09 3.60
C LEU A 31 -6.34 5.71 5.01
N VAL A 32 -6.65 6.60 5.96
CA VAL A 32 -6.29 6.38 7.36
C VAL A 32 -7.21 5.37 8.02
N ARG A 33 -8.50 5.38 7.66
CA ARG A 33 -9.43 4.42 8.24
C ARG A 33 -9.11 3.01 7.73
N TYR A 34 -8.42 2.95 6.60
CA TYR A 34 -7.96 1.68 6.08
C TYR A 34 -6.74 1.20 6.83
N LEU A 35 -5.93 2.13 7.32
CA LEU A 35 -4.80 1.77 8.16
C LEU A 35 -5.27 1.05 9.40
N ASN A 36 -6.48 1.39 9.84
CA ASN A 36 -7.09 0.77 11.00
C ASN A 36 -7.86 -0.50 10.62
N THR A 37 -8.55 -0.45 9.48
CA THR A 37 -9.37 -1.57 9.05
C THR A 37 -8.57 -2.54 8.16
N ASN A 38 -8.35 -2.16 6.91
CA ASN A 38 -7.63 -2.99 5.96
C ASN A 38 -6.90 -2.12 4.94
N PRO A 39 -5.57 -2.01 5.06
CA PRO A 39 -4.75 -1.18 4.18
C PRO A 39 -4.83 -1.62 2.72
N VAL A 40 -5.00 -2.93 2.52
CA VAL A 40 -5.04 -3.50 1.18
C VAL A 40 -6.22 -2.92 0.40
N GLY A 41 -7.39 -2.91 1.03
CA GLY A 41 -8.57 -2.40 0.38
C GLY A 41 -8.45 -0.92 0.07
N GLY A 42 -7.74 -0.20 0.91
CA GLY A 42 -7.54 1.22 0.69
C GLY A 42 -6.57 1.50 -0.42
N LEU A 43 -5.46 0.78 -0.44
CA LEU A 43 -4.44 0.97 -1.46
C LEU A 43 -5.00 0.60 -2.83
N LEU A 44 -5.77 -0.47 -2.89
CA LEU A 44 -6.37 -0.92 -4.14
C LEU A 44 -7.37 0.10 -4.69
N GLU A 45 -8.16 0.71 -3.82
CA GLU A 45 -9.16 1.67 -4.27
C GLU A 45 -8.51 3.01 -4.57
N TYR A 46 -7.44 3.35 -3.85
CA TYR A 46 -6.70 4.56 -4.11
C TYR A 46 -6.28 4.61 -5.57
N ALA A 47 -5.76 3.49 -6.06
CA ALA A 47 -5.28 3.40 -7.43
C ALA A 47 -6.43 3.56 -8.40
N ARG A 48 -7.46 2.74 -8.23
CA ARG A 48 -8.58 2.70 -9.16
C ARG A 48 -9.29 4.06 -9.23
N SER A 49 -9.33 4.74 -8.10
CA SER A 49 -9.94 6.07 -8.01
C SER A 49 -9.07 7.12 -8.67
N HIS A 50 -7.75 6.97 -8.54
CA HIS A 50 -6.82 7.99 -9.01
C HIS A 50 -6.29 7.68 -10.41
N GLY A 51 -6.78 6.60 -11.01
CA GLY A 51 -6.45 6.31 -12.38
C GLY A 51 -5.29 5.35 -12.53
N PHE A 52 -4.74 4.91 -11.41
CA PHE A 52 -3.65 3.95 -11.43
C PHE A 52 -4.17 2.54 -11.29
N ALA A 53 -3.27 1.57 -11.28
CA ALA A 53 -3.61 0.19 -11.01
C ALA A 53 -2.73 -0.34 -9.89
N ALA A 54 -3.33 -1.03 -8.92
CA ALA A 54 -2.58 -1.51 -7.77
C ALA A 54 -2.46 -3.03 -7.80
N GLU A 55 -1.24 -3.52 -7.60
CA GLU A 55 -0.99 -4.95 -7.56
C GLU A 55 0.15 -5.26 -6.59
N PHE A 56 0.14 -6.46 -6.05
CA PHE A 56 1.17 -6.88 -5.10
C PHE A 56 1.88 -8.12 -5.64
N LYS A 57 3.18 -8.01 -5.86
CA LYS A 57 3.94 -9.13 -6.38
C LYS A 57 5.08 -9.51 -5.44
N LEU A 58 5.26 -10.80 -5.27
CA LEU A 58 6.36 -11.33 -4.46
C LEU A 58 7.66 -11.19 -5.23
N VAL A 59 8.59 -10.44 -4.68
CA VAL A 59 9.86 -10.18 -5.34
C VAL A 59 10.93 -11.18 -4.86
N ASP A 60 10.99 -11.39 -3.56
CA ASP A 60 12.02 -12.26 -2.98
C ASP A 60 11.49 -12.93 -1.72
N GLN A 61 12.11 -14.04 -1.35
CA GLN A 61 11.74 -14.78 -0.14
C GLN A 61 13.00 -15.31 0.52
N SER A 62 13.31 -14.80 1.70
CA SER A 62 14.53 -15.21 2.39
C SER A 62 14.30 -15.28 3.90
N GLY A 63 15.38 -15.38 4.65
CA GLY A 63 15.26 -15.49 6.08
C GLY A 63 15.35 -16.93 6.53
N PRO A 64 14.70 -17.28 7.65
CA PRO A 64 14.69 -18.65 8.15
C PRO A 64 13.68 -19.51 7.41
N PRO A 65 13.86 -20.84 7.43
CA PRO A 65 12.99 -21.77 6.71
C PRO A 65 11.63 -21.91 7.38
N HIS A 66 11.62 -21.88 8.71
CA HIS A 66 10.39 -22.04 9.47
C HIS A 66 9.54 -20.77 9.42
N GLU A 67 10.20 -19.63 9.28
CA GLU A 67 9.52 -18.33 9.21
C GLU A 67 10.04 -17.53 8.02
N PRO A 68 9.64 -17.91 6.80
CA PRO A 68 10.10 -17.23 5.59
C PRO A 68 9.66 -15.78 5.53
N LYS A 69 10.59 -14.90 5.22
CA LYS A 69 10.27 -13.49 5.11
C LYS A 69 10.08 -13.12 3.65
N PHE A 70 8.84 -12.80 3.30
CA PHE A 70 8.45 -12.52 1.94
C PHE A 70 8.60 -11.03 1.62
N VAL A 71 9.39 -10.74 0.60
CA VAL A 71 9.57 -9.38 0.15
C VAL A 71 8.50 -9.03 -0.89
N TYR A 72 7.56 -8.20 -0.48
CA TYR A 72 6.47 -7.78 -1.35
C TYR A 72 6.60 -6.31 -1.71
N GLN A 73 6.40 -6.02 -2.97
CA GLN A 73 6.47 -4.65 -3.46
C GLN A 73 5.14 -4.26 -4.08
N ALA A 74 4.59 -3.15 -3.62
CA ALA A 74 3.31 -2.68 -4.13
C ALA A 74 3.52 -1.88 -5.41
N LYS A 75 2.91 -2.33 -6.48
CA LYS A 75 3.02 -1.67 -7.75
C LYS A 75 1.75 -0.89 -8.06
N VAL A 76 1.84 0.42 -7.98
CA VAL A 76 0.70 1.29 -8.24
C VAL A 76 0.98 2.14 -9.47
N GLY A 77 0.38 1.75 -10.58
CA GLY A 77 0.67 2.41 -11.84
C GLY A 77 2.04 2.03 -12.35
N GLY A 78 2.88 3.02 -12.58
CA GLY A 78 4.26 2.76 -12.93
C GLY A 78 5.17 2.94 -11.76
N ARG A 79 4.57 3.25 -10.61
CA ARG A 79 5.33 3.50 -9.40
C ARG A 79 5.38 2.25 -8.52
N TRP A 80 6.58 1.88 -8.13
CA TRP A 80 6.78 0.74 -7.26
C TRP A 80 7.09 1.23 -5.86
N PHE A 81 6.18 0.98 -4.93
CA PHE A 81 6.33 1.43 -3.55
C PHE A 81 5.17 0.94 -2.69
N PRO A 82 5.47 0.46 -1.49
CA PRO A 82 6.82 0.32 -1.00
C PRO A 82 7.37 -1.09 -1.22
N ALA A 83 8.52 -1.36 -0.63
CA ALA A 83 9.11 -2.69 -0.69
C ALA A 83 9.28 -3.22 0.73
N VAL A 84 8.36 -4.07 1.16
CA VAL A 84 8.36 -4.57 2.52
C VAL A 84 8.74 -6.04 2.56
N CYS A 85 9.09 -6.51 3.74
CA CYS A 85 9.43 -7.91 3.93
C CYS A 85 8.83 -8.42 5.23
N ALA A 86 7.84 -9.30 5.11
CA ALA A 86 7.13 -9.80 6.28
C ALA A 86 7.31 -11.31 6.42
N HIS A 87 7.33 -11.79 7.66
CA HIS A 87 7.54 -13.21 7.94
C HIS A 87 6.28 -14.04 7.65
N SER A 88 5.32 -13.44 6.97
CA SER A 88 4.13 -14.14 6.54
C SER A 88 3.62 -13.51 5.24
N LYS A 89 3.23 -14.36 4.29
CA LYS A 89 2.84 -13.91 2.96
C LYS A 89 1.62 -12.98 3.02
N LYS A 90 0.65 -13.32 3.88
CA LYS A 90 -0.55 -12.51 4.02
C LYS A 90 -0.19 -11.15 4.63
N GLN A 91 0.85 -11.13 5.44
CA GLN A 91 1.31 -9.90 6.05
C GLN A 91 2.02 -9.04 5.02
N GLY A 92 2.79 -9.67 4.14
CA GLY A 92 3.51 -8.95 3.11
C GLY A 92 2.61 -8.04 2.30
N LYS A 93 1.46 -8.56 1.91
CA LYS A 93 0.47 -7.78 1.18
C LYS A 93 -0.02 -6.60 2.03
N GLN A 94 -0.35 -6.90 3.28
CA GLN A 94 -0.90 -5.89 4.19
C GLN A 94 0.14 -4.83 4.52
N GLU A 95 1.35 -5.26 4.88
CA GLU A 95 2.42 -4.33 5.24
C GLU A 95 2.74 -3.40 4.08
N ALA A 96 2.76 -3.96 2.87
CA ALA A 96 3.01 -3.17 1.68
C ALA A 96 1.92 -2.12 1.49
N ALA A 97 0.68 -2.54 1.60
CA ALA A 97 -0.45 -1.64 1.42
C ALA A 97 -0.48 -0.59 2.53
N ASP A 98 -0.17 -1.02 3.75
CA ASP A 98 -0.11 -0.12 4.90
C ASP A 98 0.92 0.97 4.68
N ALA A 99 2.15 0.56 4.41
CA ALA A 99 3.24 1.49 4.19
C ALA A 99 3.00 2.34 2.94
N ALA A 100 2.31 1.77 1.96
CA ALA A 100 1.94 2.50 0.76
C ALA A 100 1.03 3.67 1.10
N LEU A 101 0.02 3.40 1.94
CA LEU A 101 -0.89 4.44 2.38
C LEU A 101 -0.12 5.48 3.19
N ARG A 102 0.87 5.02 3.96
CA ARG A 102 1.75 5.92 4.70
C ARG A 102 2.42 6.90 3.75
N VAL A 103 2.93 6.40 2.64
CA VAL A 103 3.55 7.23 1.63
C VAL A 103 2.54 8.22 1.06
N LEU A 104 1.38 7.71 0.67
CA LEU A 104 0.32 8.53 0.07
C LEU A 104 -0.12 9.63 1.03
N ILE A 105 -0.44 9.24 2.25
CA ILE A 105 -0.86 10.18 3.27
C ILE A 105 0.23 11.21 3.55
N GLY A 106 1.45 10.73 3.77
CA GLY A 106 2.57 11.61 4.03
C GLY A 106 2.86 12.55 2.88
N GLU A 107 2.69 12.05 1.66
CA GLU A 107 2.91 12.84 0.45
C GLU A 107 1.89 13.97 0.37
N ASN A 108 0.64 13.64 0.65
CA ASN A 108 -0.43 14.63 0.62
C ASN A 108 -0.24 15.68 1.72
N GLU A 109 0.33 15.28 2.84
CA GLU A 109 0.61 16.21 3.93
C GLU A 109 1.65 17.24 3.52
N LYS A 110 2.41 16.93 2.47
CA LYS A 110 3.39 17.84 1.92
C LYS A 110 2.72 18.86 1.01
N ALA A 111 1.50 18.54 0.58
CA ALA A 111 0.73 19.42 -0.28
C ALA A 111 -0.25 20.24 0.54
N GLU A 112 -0.86 19.60 1.53
CA GLU A 112 -1.81 20.27 2.41
C GLU A 112 -1.12 21.36 3.23
N ARG A 113 -1.20 22.57 2.73
CA ARG A 113 -0.65 23.73 3.42
C ARG A 113 -1.77 24.60 3.95
N MET A 20 6.41 16.65 -11.34
CA MET A 20 5.72 15.50 -10.72
C MET A 20 4.41 15.97 -10.11
N MET A 21 3.31 15.60 -10.73
CA MET A 21 2.00 16.05 -10.29
C MET A 21 1.19 14.89 -9.73
N PRO A 22 0.97 14.88 -8.42
CA PRO A 22 0.18 13.86 -7.75
C PRO A 22 -1.30 14.15 -7.83
N ASN A 23 -2.08 13.18 -8.30
CA ASN A 23 -3.52 13.32 -8.37
C ASN A 23 -4.09 13.46 -6.96
N LYS A 24 -4.63 14.63 -6.67
CA LYS A 24 -5.01 15.00 -5.32
C LYS A 24 -6.37 14.45 -4.92
N VAL A 25 -6.60 14.43 -3.63
CA VAL A 25 -7.87 14.00 -3.06
C VAL A 25 -7.93 14.43 -1.60
N ARG A 26 -9.05 15.00 -1.19
CA ARG A 26 -9.20 15.49 0.17
C ARG A 26 -9.81 14.43 1.08
N LYS A 27 -9.78 13.19 0.61
CA LYS A 27 -10.30 12.07 1.37
C LYS A 27 -9.16 11.26 1.96
N ILE A 28 -8.02 11.93 2.17
CA ILE A 28 -6.83 11.28 2.71
C ILE A 28 -7.11 10.69 4.09
N GLY A 29 -8.03 11.30 4.82
CA GLY A 29 -8.44 10.76 6.10
C GLY A 29 -9.05 9.37 5.98
N GLU A 30 -9.67 9.09 4.84
CA GLU A 30 -10.26 7.77 4.61
C GLU A 30 -9.18 6.74 4.31
N LEU A 31 -8.05 7.19 3.80
CA LEU A 31 -6.90 6.31 3.60
C LEU A 31 -6.37 5.84 4.95
N VAL A 32 -6.45 6.71 5.94
CA VAL A 32 -6.08 6.37 7.31
C VAL A 32 -7.07 5.37 7.88
N ARG A 33 -8.33 5.50 7.46
CA ARG A 33 -9.40 4.61 7.90
C ARG A 33 -9.08 3.17 7.47
N TYR A 34 -8.47 3.03 6.30
CA TYR A 34 -8.09 1.72 5.80
C TYR A 34 -6.93 1.13 6.60
N LEU A 35 -6.05 2.00 7.08
CA LEU A 35 -4.97 1.56 7.95
C LEU A 35 -5.53 0.86 9.18
N ASN A 36 -6.70 1.30 9.61
CA ASN A 36 -7.38 0.70 10.75
C ASN A 36 -7.92 -0.68 10.41
N THR A 37 -8.64 -0.77 9.30
CA THR A 37 -9.31 -2.01 8.92
C THR A 37 -8.44 -2.87 8.00
N ASN A 38 -8.26 -2.44 6.76
CA ASN A 38 -7.48 -3.20 5.79
C ASN A 38 -6.71 -2.28 4.86
N PRO A 39 -5.39 -2.16 5.08
CA PRO A 39 -4.53 -1.32 4.25
C PRO A 39 -4.53 -1.75 2.79
N VAL A 40 -4.64 -3.06 2.56
CA VAL A 40 -4.64 -3.60 1.21
C VAL A 40 -5.81 -3.07 0.42
N GLY A 41 -7.00 -3.12 1.01
CA GLY A 41 -8.19 -2.61 0.37
C GLY A 41 -8.10 -1.13 0.12
N GLY A 42 -7.39 -0.43 1.00
CA GLY A 42 -7.22 1.00 0.84
C GLY A 42 -6.31 1.35 -0.32
N LEU A 43 -5.23 0.59 -0.47
CA LEU A 43 -4.29 0.81 -1.55
C LEU A 43 -4.97 0.49 -2.88
N LEU A 44 -5.77 -0.57 -2.89
CA LEU A 44 -6.54 -0.94 -4.06
C LEU A 44 -7.61 0.12 -4.37
N GLU A 45 -8.22 0.65 -3.33
CA GLU A 45 -9.23 1.67 -3.45
C GLU A 45 -8.64 2.95 -4.02
N TYR A 46 -7.50 3.35 -3.46
CA TYR A 46 -6.78 4.53 -3.95
C TYR A 46 -6.49 4.41 -5.44
N ALA A 47 -5.97 3.27 -5.85
CA ALA A 47 -5.63 3.04 -7.24
C ALA A 47 -6.88 3.01 -8.12
N ARG A 48 -7.89 2.27 -7.69
CA ARG A 48 -9.11 2.07 -8.48
C ARG A 48 -9.87 3.39 -8.64
N SER A 49 -9.80 4.22 -7.62
CA SER A 49 -10.49 5.50 -7.63
C SER A 49 -9.74 6.54 -8.47
N HIS A 50 -8.42 6.48 -8.43
CA HIS A 50 -7.60 7.49 -9.10
C HIS A 50 -7.29 7.09 -10.54
N GLY A 51 -7.24 5.81 -10.80
CA GLY A 51 -6.93 5.34 -12.15
C GLY A 51 -5.56 4.72 -12.24
N PHE A 52 -5.04 4.28 -11.11
CA PHE A 52 -3.77 3.58 -11.07
C PHE A 52 -3.99 2.07 -11.06
N ALA A 53 -2.92 1.33 -11.29
CA ALA A 53 -2.96 -0.12 -11.22
C ALA A 53 -2.19 -0.58 -9.99
N ALA A 54 -2.89 -1.17 -9.04
CA ALA A 54 -2.28 -1.63 -7.80
C ALA A 54 -1.88 -3.09 -7.92
N GLU A 55 -0.59 -3.34 -7.97
CA GLU A 55 -0.07 -4.69 -8.14
C GLU A 55 0.81 -5.09 -6.97
N PHE A 56 0.39 -6.11 -6.24
CA PHE A 56 1.20 -6.65 -5.17
C PHE A 56 1.89 -7.91 -5.65
N LYS A 57 3.16 -7.80 -5.98
CA LYS A 57 3.88 -8.95 -6.51
C LYS A 57 5.08 -9.29 -5.64
N LEU A 58 5.46 -10.56 -5.66
CA LEU A 58 6.58 -11.03 -4.86
C LEU A 58 7.89 -10.71 -5.55
N VAL A 59 8.79 -10.09 -4.81
CA VAL A 59 10.10 -9.74 -5.34
C VAL A 59 11.08 -10.88 -5.08
N ASP A 60 11.08 -11.36 -3.84
CA ASP A 60 11.97 -12.45 -3.45
C ASP A 60 11.39 -13.20 -2.26
N GLN A 61 11.69 -14.50 -2.19
CA GLN A 61 11.21 -15.34 -1.11
C GLN A 61 12.40 -16.01 -0.44
N SER A 62 12.74 -15.57 0.76
CA SER A 62 13.88 -16.12 1.48
C SER A 62 13.57 -16.21 2.97
N GLY A 63 14.51 -16.74 3.74
CA GLY A 63 14.33 -16.80 5.16
C GLY A 63 14.31 -18.23 5.69
N PRO A 64 14.30 -18.39 7.01
CA PRO A 64 14.26 -19.69 7.68
C PRO A 64 12.96 -20.46 7.40
N PRO A 65 12.91 -21.76 7.71
CA PRO A 65 11.72 -22.58 7.51
C PRO A 65 10.56 -22.15 8.39
N HIS A 66 10.87 -21.64 9.59
CA HIS A 66 9.85 -21.20 10.52
C HIS A 66 9.39 -19.78 10.19
N GLU A 67 10.24 -19.03 9.50
CA GLU A 67 9.91 -17.67 9.11
C GLU A 67 10.22 -17.41 7.65
N PRO A 68 9.36 -17.88 6.73
CA PRO A 68 9.48 -17.54 5.31
C PRO A 68 9.18 -16.07 5.08
N LYS A 69 10.21 -15.28 4.83
CA LYS A 69 10.04 -13.85 4.68
C LYS A 69 9.83 -13.46 3.23
N PHE A 70 8.60 -13.07 2.95
CA PHE A 70 8.20 -12.71 1.60
C PHE A 70 8.48 -11.23 1.35
N VAL A 71 9.36 -10.96 0.40
CA VAL A 71 9.67 -9.60 0.01
C VAL A 71 8.64 -9.11 -1.00
N TYR A 72 7.68 -8.33 -0.54
CA TYR A 72 6.62 -7.83 -1.40
C TYR A 72 6.81 -6.36 -1.69
N GLN A 73 6.43 -5.96 -2.90
CA GLN A 73 6.50 -4.57 -3.29
C GLN A 73 5.19 -4.15 -3.94
N ALA A 74 4.71 -2.98 -3.55
CA ALA A 74 3.46 -2.45 -4.08
C ALA A 74 3.72 -1.63 -5.32
N LYS A 75 3.30 -2.14 -6.46
CA LYS A 75 3.41 -1.45 -7.72
C LYS A 75 2.11 -0.69 -8.01
N VAL A 76 2.15 0.62 -7.88
CA VAL A 76 0.95 1.42 -8.11
C VAL A 76 1.13 2.30 -9.35
N GLY A 77 0.55 1.85 -10.45
CA GLY A 77 0.59 2.60 -11.69
C GLY A 77 1.98 2.66 -12.28
N GLY A 78 2.81 1.69 -11.92
CA GLY A 78 4.17 1.65 -12.43
C GLY A 78 5.16 2.20 -11.42
N ARG A 79 4.65 2.67 -10.28
CA ARG A 79 5.50 3.18 -9.22
C ARG A 79 5.64 2.11 -8.14
N TRP A 80 6.87 1.74 -7.86
CA TRP A 80 7.14 0.61 -6.96
C TRP A 80 7.48 1.10 -5.56
N PHE A 81 6.50 1.06 -4.67
CA PHE A 81 6.70 1.52 -3.30
C PHE A 81 5.55 1.05 -2.41
N PRO A 82 5.85 0.57 -1.21
CA PRO A 82 7.22 0.38 -0.74
C PRO A 82 7.70 -1.05 -1.01
N ALA A 83 8.88 -1.38 -0.50
CA ALA A 83 9.40 -2.74 -0.58
C ALA A 83 9.70 -3.28 0.81
N VAL A 84 8.88 -4.20 1.28
CA VAL A 84 9.00 -4.73 2.64
C VAL A 84 8.99 -6.26 2.64
N CYS A 85 9.35 -6.85 3.76
CA CYS A 85 9.35 -8.30 3.90
C CYS A 85 8.68 -8.72 5.21
N ALA A 86 7.97 -9.84 5.18
CA ALA A 86 7.27 -10.34 6.36
C ALA A 86 7.27 -11.87 6.37
N HIS A 87 7.16 -12.45 7.57
CA HIS A 87 7.22 -13.91 7.71
C HIS A 87 5.92 -14.57 7.25
N SER A 88 4.95 -13.75 6.85
CA SER A 88 3.70 -14.25 6.29
C SER A 88 3.40 -13.50 4.99
N LYS A 89 2.91 -14.23 4.00
CA LYS A 89 2.70 -13.66 2.68
C LYS A 89 1.69 -12.51 2.73
N LYS A 90 0.59 -12.70 3.44
CA LYS A 90 -0.42 -11.66 3.55
C LYS A 90 0.13 -10.46 4.30
N GLN A 91 0.94 -10.71 5.33
CA GLN A 91 1.52 -9.63 6.12
C GLN A 91 2.40 -8.73 5.25
N GLY A 92 3.14 -9.36 4.34
CA GLY A 92 3.96 -8.61 3.41
C GLY A 92 3.15 -7.67 2.56
N LYS A 93 2.03 -8.17 2.07
CA LYS A 93 1.12 -7.36 1.26
C LYS A 93 0.46 -6.28 2.12
N GLN A 94 0.08 -6.64 3.33
CA GLN A 94 -0.54 -5.70 4.26
C GLN A 94 0.40 -4.56 4.59
N GLU A 95 1.63 -4.88 5.00
CA GLU A 95 2.60 -3.86 5.38
C GLU A 95 2.99 -3.01 4.18
N ALA A 96 3.03 -3.63 3.01
CA ALA A 96 3.28 -2.89 1.77
C ALA A 96 2.21 -1.82 1.58
N ALA A 97 0.95 -2.23 1.62
CA ALA A 97 -0.16 -1.32 1.45
C ALA A 97 -0.22 -0.33 2.62
N ASP A 98 0.03 -0.83 3.81
CA ASP A 98 0.05 -0.01 5.03
C ASP A 98 1.00 1.16 4.88
N ALA A 99 2.25 0.86 4.56
CA ALA A 99 3.26 1.89 4.36
C ALA A 99 2.92 2.74 3.15
N ALA A 100 2.42 2.11 2.10
CA ALA A 100 2.09 2.81 0.86
C ALA A 100 1.05 3.89 1.08
N LEU A 101 0.00 3.55 1.82
CA LEU A 101 -1.06 4.52 2.12
C LEU A 101 -0.46 5.72 2.84
N ARG A 102 0.37 5.46 3.84
CA ARG A 102 1.00 6.51 4.62
C ARG A 102 1.95 7.36 3.77
N VAL A 103 2.50 6.77 2.70
CA VAL A 103 3.31 7.54 1.75
C VAL A 103 2.43 8.55 1.03
N LEU A 104 1.27 8.08 0.60
CA LEU A 104 0.29 8.92 -0.10
C LEU A 104 -0.29 9.96 0.84
N ILE A 105 -0.63 9.51 2.04
CA ILE A 105 -1.15 10.38 3.09
C ILE A 105 -0.15 11.49 3.43
N GLY A 106 1.07 11.08 3.77
CA GLY A 106 2.11 12.04 4.10
C GLY A 106 2.38 13.02 2.98
N GLU A 107 2.39 12.50 1.75
CA GLU A 107 2.60 13.32 0.56
C GLU A 107 1.58 14.45 0.52
N ASN A 108 0.32 14.11 0.74
CA ASN A 108 -0.77 15.08 0.62
C ASN A 108 -0.77 16.05 1.79
N GLU A 109 -0.47 15.55 2.99
CA GLU A 109 -0.53 16.37 4.20
C GLU A 109 0.63 17.37 4.25
N LYS A 110 1.68 17.12 3.48
CA LYS A 110 2.83 18.02 3.43
C LYS A 110 2.61 19.14 2.42
N ALA A 111 1.45 19.13 1.77
CA ALA A 111 1.14 20.12 0.76
C ALA A 111 0.10 21.10 1.28
N GLU A 112 -0.06 22.20 0.56
CA GLU A 112 -0.99 23.27 0.96
C GLU A 112 -2.35 23.05 0.30
N ARG A 113 -2.60 21.82 -0.11
CA ARG A 113 -3.81 21.49 -0.83
C ARG A 113 -4.51 20.32 -0.16
N MET A 20 -5.04 26.56 1.20
CA MET A 20 -5.61 25.29 1.74
C MET A 20 -6.65 24.71 0.79
N MET A 21 -6.59 25.09 -0.48
CA MET A 21 -7.48 24.53 -1.48
C MET A 21 -6.69 24.11 -2.71
N PRO A 22 -6.17 22.87 -2.69
CA PRO A 22 -5.34 22.36 -3.78
C PRO A 22 -6.14 22.14 -5.07
N ASN A 23 -5.45 22.22 -6.20
CA ASN A 23 -6.07 21.99 -7.50
C ASN A 23 -6.70 20.61 -7.56
N LYS A 24 -5.98 19.61 -7.08
CA LYS A 24 -6.53 18.28 -6.91
C LYS A 24 -6.93 18.06 -5.46
N VAL A 25 -8.10 17.48 -5.25
CA VAL A 25 -8.61 17.33 -3.89
C VAL A 25 -7.90 16.20 -3.16
N ARG A 26 -8.07 16.16 -1.85
CA ARG A 26 -7.52 15.09 -1.05
C ARG A 26 -8.63 14.20 -0.51
N LYS A 27 -8.52 12.92 -0.75
CA LYS A 27 -9.45 11.95 -0.21
C LYS A 27 -8.72 11.12 0.84
N ILE A 28 -7.68 11.73 1.38
CA ILE A 28 -6.74 11.08 2.28
C ILE A 28 -7.40 10.57 3.55
N GLY A 29 -8.49 11.21 3.96
CA GLY A 29 -9.22 10.78 5.14
C GLY A 29 -9.66 9.34 5.05
N GLU A 30 -9.92 8.89 3.83
CA GLU A 30 -10.32 7.51 3.59
C GLU A 30 -9.14 6.57 3.77
N LEU A 31 -7.99 6.98 3.28
CA LEU A 31 -6.77 6.16 3.38
C LEU A 31 -6.39 5.95 4.84
N VAL A 32 -6.60 6.97 5.65
CA VAL A 32 -6.36 6.86 7.09
C VAL A 32 -7.35 5.87 7.71
N ARG A 33 -8.60 5.93 7.23
CA ARG A 33 -9.64 5.02 7.70
C ARG A 33 -9.24 3.58 7.41
N TYR A 34 -8.56 3.36 6.29
CA TYR A 34 -8.11 2.04 5.89
C TYR A 34 -6.93 1.58 6.73
N LEU A 35 -6.13 2.53 7.22
CA LEU A 35 -5.01 2.19 8.09
C LEU A 35 -5.48 1.47 9.34
N ASN A 36 -6.61 1.92 9.87
CA ASN A 36 -7.18 1.31 11.07
C ASN A 36 -8.07 0.12 10.72
N THR A 37 -8.48 0.03 9.47
CA THR A 37 -9.39 -1.02 9.04
C THR A 37 -8.69 -2.07 8.17
N ASN A 38 -8.57 -1.77 6.88
CA ASN A 38 -7.96 -2.71 5.94
C ASN A 38 -7.05 -1.96 4.96
N PRO A 39 -5.74 -2.06 5.15
CA PRO A 39 -4.76 -1.35 4.32
C PRO A 39 -4.81 -1.80 2.86
N VAL A 40 -4.95 -3.10 2.65
CA VAL A 40 -4.92 -3.68 1.30
C VAL A 40 -6.08 -3.12 0.48
N GLY A 41 -7.26 -3.10 1.06
CA GLY A 41 -8.43 -2.58 0.37
C GLY A 41 -8.30 -1.11 0.06
N GLY A 42 -7.61 -0.39 0.95
CA GLY A 42 -7.42 1.03 0.76
C GLY A 42 -6.45 1.36 -0.34
N LEU A 43 -5.35 0.62 -0.39
CA LEU A 43 -4.34 0.83 -1.42
C LEU A 43 -4.94 0.53 -2.79
N LEU A 44 -5.74 -0.53 -2.86
CA LEU A 44 -6.44 -0.88 -4.10
C LEU A 44 -7.45 0.20 -4.47
N GLU A 45 -8.17 0.69 -3.47
CA GLU A 45 -9.18 1.72 -3.66
C GLU A 45 -8.54 3.02 -4.14
N TYR A 46 -7.40 3.38 -3.54
CA TYR A 46 -6.67 4.56 -3.95
C TYR A 46 -6.35 4.51 -5.43
N ALA A 47 -5.73 3.41 -5.86
CA ALA A 47 -5.38 3.24 -7.25
C ALA A 47 -6.61 3.24 -8.13
N ARG A 48 -7.59 2.46 -7.74
CA ARG A 48 -8.84 2.31 -8.46
C ARG A 48 -9.53 3.65 -8.70
N SER A 49 -9.69 4.42 -7.64
CA SER A 49 -10.41 5.69 -7.70
C SER A 49 -9.59 6.75 -8.42
N HIS A 50 -8.26 6.61 -8.41
CA HIS A 50 -7.39 7.64 -8.99
C HIS A 50 -7.02 7.31 -10.43
N GLY A 51 -7.16 6.05 -10.82
CA GLY A 51 -6.87 5.68 -12.19
C GLY A 51 -5.54 4.96 -12.32
N PHE A 52 -4.99 4.50 -11.20
CA PHE A 52 -3.77 3.71 -11.22
C PHE A 52 -4.11 2.24 -11.02
N ALA A 53 -3.15 1.38 -11.28
CA ALA A 53 -3.32 -0.03 -11.00
C ALA A 53 -2.42 -0.44 -9.84
N ALA A 54 -2.99 -1.04 -8.82
CA ALA A 54 -2.24 -1.48 -7.67
C ALA A 54 -1.92 -2.96 -7.76
N GLU A 55 -0.66 -3.25 -8.00
CA GLU A 55 -0.23 -4.63 -8.19
C GLU A 55 0.68 -5.10 -7.08
N PHE A 56 0.23 -6.08 -6.33
CA PHE A 56 1.03 -6.69 -5.29
C PHE A 56 1.77 -7.88 -5.85
N LYS A 57 3.10 -7.87 -5.76
CA LYS A 57 3.89 -8.97 -6.27
C LYS A 57 4.94 -9.41 -5.27
N LEU A 58 5.24 -10.70 -5.30
CA LEU A 58 6.25 -11.28 -4.44
C LEU A 58 7.61 -11.16 -5.12
N VAL A 59 8.45 -10.27 -4.61
CA VAL A 59 9.75 -10.02 -5.20
C VAL A 59 10.77 -11.06 -4.76
N ASP A 60 10.90 -11.22 -3.45
CA ASP A 60 11.89 -12.14 -2.90
C ASP A 60 11.27 -13.08 -1.87
N GLN A 61 11.83 -14.27 -1.78
CA GLN A 61 11.39 -15.27 -0.82
C GLN A 61 12.61 -16.07 -0.36
N SER A 62 13.11 -15.75 0.81
CA SER A 62 14.33 -16.37 1.30
C SER A 62 14.27 -16.54 2.81
N GLY A 63 15.37 -16.97 3.40
CA GLY A 63 15.42 -17.14 4.84
C GLY A 63 15.25 -18.59 5.26
N PRO A 64 15.15 -18.84 6.57
CA PRO A 64 14.95 -20.20 7.09
C PRO A 64 13.55 -20.73 6.77
N PRO A 65 13.36 -22.05 6.90
CA PRO A 65 12.08 -22.68 6.58
C PRO A 65 10.98 -22.31 7.57
N HIS A 66 11.36 -22.14 8.83
CA HIS A 66 10.41 -21.76 9.86
C HIS A 66 10.05 -20.28 9.77
N GLU A 67 10.97 -19.48 9.22
CA GLU A 67 10.73 -18.05 9.04
C GLU A 67 10.95 -17.63 7.59
N PRO A 68 10.04 -18.00 6.69
CA PRO A 68 10.14 -17.62 5.28
C PRO A 68 9.92 -16.13 5.09
N LYS A 69 10.97 -15.44 4.66
CA LYS A 69 10.91 -13.99 4.51
C LYS A 69 10.45 -13.63 3.11
N PHE A 70 9.25 -13.05 3.05
CA PHE A 70 8.66 -12.63 1.79
C PHE A 70 8.86 -11.14 1.60
N VAL A 71 9.48 -10.76 0.49
CA VAL A 71 9.64 -9.36 0.16
C VAL A 71 8.56 -8.96 -0.84
N TYR A 72 7.60 -8.20 -0.37
CA TYR A 72 6.50 -7.74 -1.21
C TYR A 72 6.66 -6.28 -1.54
N GLN A 73 6.33 -5.93 -2.78
CA GLN A 73 6.39 -4.55 -3.22
C GLN A 73 5.11 -4.21 -3.96
N ALA A 74 4.54 -3.06 -3.65
CA ALA A 74 3.30 -2.63 -4.28
C ALA A 74 3.58 -1.77 -5.50
N LYS A 75 3.18 -2.26 -6.65
CA LYS A 75 3.33 -1.53 -7.89
C LYS A 75 2.08 -0.73 -8.19
N VAL A 76 2.12 0.57 -7.96
CA VAL A 76 0.99 1.42 -8.24
C VAL A 76 1.28 2.30 -9.45
N GLY A 77 0.73 1.90 -10.59
CA GLY A 77 1.03 2.57 -11.83
C GLY A 77 2.46 2.28 -12.25
N GLY A 78 3.27 3.32 -12.29
CA GLY A 78 4.69 3.16 -12.61
C GLY A 78 5.56 3.44 -11.40
N ARG A 79 4.93 3.48 -10.22
CA ARG A 79 5.66 3.74 -8.99
C ARG A 79 5.68 2.48 -8.14
N TRP A 80 6.88 1.99 -7.84
CA TRP A 80 7.05 0.80 -7.03
C TRP A 80 7.27 1.21 -5.58
N PHE A 81 6.28 0.98 -4.72
CA PHE A 81 6.38 1.37 -3.32
C PHE A 81 5.25 0.76 -2.50
N PRO A 82 5.55 0.29 -1.29
CA PRO A 82 6.89 0.27 -0.75
C PRO A 82 7.53 -1.11 -0.89
N ALA A 83 8.68 -1.29 -0.26
CA ALA A 83 9.35 -2.59 -0.23
C ALA A 83 9.37 -3.10 1.20
N VAL A 84 8.51 -4.07 1.48
CA VAL A 84 8.39 -4.59 2.83
C VAL A 84 8.73 -6.08 2.87
N CYS A 85 9.01 -6.58 4.06
CA CYS A 85 9.30 -8.00 4.24
C CYS A 85 8.60 -8.53 5.48
N ALA A 86 8.11 -9.76 5.38
CA ALA A 86 7.41 -10.40 6.49
C ALA A 86 7.62 -11.91 6.42
N HIS A 87 7.39 -12.61 7.53
CA HIS A 87 7.56 -14.05 7.55
C HIS A 87 6.28 -14.76 7.10
N SER A 88 5.27 -13.97 6.81
CA SER A 88 4.02 -14.48 6.29
C SER A 88 3.58 -13.64 5.10
N LYS A 89 3.15 -14.30 4.04
CA LYS A 89 2.79 -13.64 2.80
C LYS A 89 1.70 -12.60 3.02
N LYS A 90 0.64 -13.00 3.72
CA LYS A 90 -0.50 -12.14 3.97
C LYS A 90 -0.06 -10.86 4.68
N GLN A 91 0.89 -11.00 5.62
CA GLN A 91 1.41 -9.85 6.34
C GLN A 91 2.22 -8.97 5.40
N GLY A 92 2.96 -9.59 4.49
CA GLY A 92 3.73 -8.84 3.52
C GLY A 92 2.85 -7.96 2.65
N LYS A 93 1.78 -8.54 2.14
CA LYS A 93 0.81 -7.79 1.33
C LYS A 93 0.18 -6.67 2.15
N GLN A 94 -0.23 -6.99 3.37
CA GLN A 94 -0.84 -6.02 4.27
C GLN A 94 0.12 -4.89 4.59
N GLU A 95 1.34 -5.25 5.01
CA GLU A 95 2.36 -4.26 5.36
C GLU A 95 2.70 -3.36 4.17
N ALA A 96 2.70 -3.93 2.97
CA ALA A 96 2.96 -3.17 1.77
C ALA A 96 1.93 -2.07 1.61
N ALA A 97 0.66 -2.45 1.61
CA ALA A 97 -0.43 -1.50 1.46
C ALA A 97 -0.45 -0.51 2.63
N ASP A 98 -0.23 -1.04 3.82
CA ASP A 98 -0.21 -0.24 5.06
C ASP A 98 0.82 0.87 4.96
N ALA A 99 2.06 0.51 4.67
CA ALA A 99 3.14 1.46 4.55
C ALA A 99 2.91 2.41 3.38
N ALA A 100 2.33 1.89 2.29
CA ALA A 100 2.07 2.68 1.11
C ALA A 100 1.06 3.79 1.39
N LEU A 101 0.10 3.51 2.25
CA LEU A 101 -0.93 4.50 2.56
C LEU A 101 -0.31 5.69 3.28
N ARG A 102 0.62 5.44 4.20
CA ARG A 102 1.31 6.53 4.90
C ARG A 102 2.12 7.37 3.91
N VAL A 103 2.64 6.74 2.86
CA VAL A 103 3.35 7.47 1.81
C VAL A 103 2.42 8.47 1.16
N LEU A 104 1.26 7.97 0.73
CA LEU A 104 0.27 8.80 0.06
C LEU A 104 -0.23 9.91 0.97
N ILE A 105 -0.57 9.53 2.20
CA ILE A 105 -1.04 10.48 3.20
C ILE A 105 -0.01 11.58 3.46
N GLY A 106 1.20 11.17 3.83
CA GLY A 106 2.26 12.12 4.13
C GLY A 106 2.59 13.00 2.94
N GLU A 107 2.57 12.40 1.76
CA GLU A 107 2.84 13.12 0.53
C GLU A 107 1.79 14.20 0.29
N ASN A 108 0.52 13.84 0.51
CA ASN A 108 -0.57 14.77 0.26
C ASN A 108 -0.63 15.85 1.34
N GLU A 109 -0.03 15.56 2.49
CA GLU A 109 0.07 16.54 3.57
C GLU A 109 0.81 17.79 3.11
N LYS A 110 1.59 17.64 2.04
CA LYS A 110 2.35 18.75 1.46
C LYS A 110 1.55 19.46 0.37
N ALA A 111 0.42 18.89 -0.02
CA ALA A 111 -0.30 19.36 -1.19
C ALA A 111 -1.41 20.36 -0.84
N GLU A 112 -1.58 20.67 0.44
CA GLU A 112 -2.62 21.59 0.86
C GLU A 112 -2.19 23.04 0.62
N ARG A 113 -2.47 23.53 -0.57
CA ARG A 113 -2.15 24.90 -0.95
C ARG A 113 -3.28 25.50 -1.78
N MET A 20 -20.80 12.10 -15.73
CA MET A 20 -21.92 11.16 -15.49
C MET A 20 -22.17 11.04 -13.99
N MET A 21 -21.14 10.67 -13.25
CA MET A 21 -21.22 10.64 -11.80
C MET A 21 -19.95 11.22 -11.20
N PRO A 22 -20.05 11.91 -10.06
CA PRO A 22 -18.90 12.51 -9.39
C PRO A 22 -17.86 11.46 -9.01
N ASN A 23 -16.60 11.74 -9.30
CA ASN A 23 -15.52 10.82 -8.98
C ASN A 23 -15.23 10.80 -7.49
N LYS A 24 -14.30 9.98 -7.08
CA LYS A 24 -13.89 9.91 -5.70
C LYS A 24 -12.67 10.78 -5.46
N VAL A 25 -12.85 11.85 -4.71
CA VAL A 25 -11.77 12.78 -4.41
C VAL A 25 -10.72 12.11 -3.53
N ARG A 26 -9.51 12.64 -3.55
CA ARG A 26 -8.45 12.12 -2.70
C ARG A 26 -8.59 12.65 -1.28
N LYS A 27 -9.51 12.06 -0.54
CA LYS A 27 -9.70 12.39 0.87
C LYS A 27 -8.77 11.53 1.70
N ILE A 28 -7.70 12.14 2.18
CA ILE A 28 -6.63 11.42 2.84
C ILE A 28 -7.07 10.83 4.18
N GLY A 29 -8.05 11.47 4.80
CA GLY A 29 -8.62 10.95 6.03
C GLY A 29 -9.22 9.57 5.84
N GLU A 30 -9.61 9.26 4.61
CA GLU A 30 -10.15 7.95 4.31
C GLU A 30 -9.03 6.92 4.20
N LEU A 31 -7.90 7.30 3.63
CA LEU A 31 -6.75 6.40 3.56
C LEU A 31 -6.30 6.04 4.97
N VAL A 32 -6.45 6.98 5.89
CA VAL A 32 -6.15 6.75 7.30
C VAL A 32 -7.14 5.77 7.91
N ARG A 33 -8.41 5.89 7.52
CA ARG A 33 -9.44 4.98 8.03
C ARG A 33 -9.16 3.55 7.57
N TYR A 34 -8.50 3.42 6.42
CA TYR A 34 -8.12 2.12 5.90
C TYR A 34 -6.98 1.52 6.71
N LEU A 35 -6.10 2.38 7.23
CA LEU A 35 -5.03 1.92 8.12
C LEU A 35 -5.64 1.31 9.38
N ASN A 36 -6.82 1.78 9.75
CA ASN A 36 -7.52 1.28 10.92
C ASN A 36 -8.44 0.11 10.57
N THR A 37 -8.71 -0.08 9.28
CA THR A 37 -9.65 -1.09 8.85
C THR A 37 -9.00 -2.14 7.95
N ASN A 38 -8.70 -1.76 6.73
CA ASN A 38 -8.10 -2.67 5.76
C ASN A 38 -7.21 -1.90 4.79
N PRO A 39 -5.89 -1.97 5.01
CA PRO A 39 -4.90 -1.25 4.19
C PRO A 39 -4.95 -1.70 2.73
N VAL A 40 -5.10 -3.01 2.53
CA VAL A 40 -5.11 -3.58 1.19
C VAL A 40 -6.27 -3.04 0.37
N GLY A 41 -7.45 -2.99 0.98
CA GLY A 41 -8.62 -2.48 0.29
C GLY A 41 -8.48 -1.00 0.00
N GLY A 42 -7.83 -0.28 0.90
CA GLY A 42 -7.63 1.15 0.72
C GLY A 42 -6.65 1.45 -0.39
N LEU A 43 -5.56 0.68 -0.45
CA LEU A 43 -4.54 0.88 -1.47
C LEU A 43 -5.11 0.58 -2.86
N LEU A 44 -5.87 -0.50 -2.95
CA LEU A 44 -6.50 -0.87 -4.21
C LEU A 44 -7.56 0.17 -4.61
N GLU A 45 -8.28 0.68 -3.62
CA GLU A 45 -9.28 1.70 -3.85
C GLU A 45 -8.61 2.99 -4.31
N TYR A 46 -7.51 3.36 -3.66
CA TYR A 46 -6.74 4.53 -4.03
C TYR A 46 -6.37 4.48 -5.51
N ALA A 47 -5.84 3.34 -5.94
CA ALA A 47 -5.40 3.19 -7.32
C ALA A 47 -6.57 3.27 -8.28
N ARG A 48 -7.60 2.49 -8.00
CA ARG A 48 -8.76 2.40 -8.89
C ARG A 48 -9.49 3.73 -8.99
N SER A 49 -9.45 4.49 -7.90
CA SER A 49 -10.06 5.81 -7.85
C SER A 49 -9.21 6.86 -8.56
N HIS A 50 -7.90 6.66 -8.57
CA HIS A 50 -6.99 7.67 -9.11
C HIS A 50 -6.52 7.34 -10.51
N GLY A 51 -6.94 6.18 -11.02
CA GLY A 51 -6.60 5.80 -12.37
C GLY A 51 -5.31 5.01 -12.45
N PHE A 52 -4.84 4.55 -11.32
CA PHE A 52 -3.66 3.68 -11.27
C PHE A 52 -4.10 2.22 -11.22
N ALA A 53 -3.14 1.33 -11.40
CA ALA A 53 -3.38 -0.10 -11.27
C ALA A 53 -2.47 -0.67 -10.20
N ALA A 54 -3.05 -0.98 -9.04
CA ALA A 54 -2.27 -1.43 -7.90
C ALA A 54 -2.12 -2.93 -7.87
N GLU A 55 -0.88 -3.39 -7.87
CA GLU A 55 -0.57 -4.81 -7.83
C GLU A 55 0.39 -5.12 -6.70
N PHE A 56 0.52 -6.40 -6.39
CA PHE A 56 1.39 -6.85 -5.31
C PHE A 56 2.21 -8.05 -5.77
N LYS A 57 3.50 -7.84 -5.98
CA LYS A 57 4.37 -8.92 -6.43
C LYS A 57 5.34 -9.35 -5.34
N LEU A 58 5.69 -10.62 -5.34
CA LEU A 58 6.69 -11.15 -4.43
C LEU A 58 8.06 -10.98 -5.10
N VAL A 59 8.83 -10.04 -4.60
CA VAL A 59 10.11 -9.69 -5.19
C VAL A 59 11.21 -10.64 -4.72
N ASP A 60 11.34 -10.78 -3.41
CA ASP A 60 12.40 -11.59 -2.82
C ASP A 60 11.83 -12.58 -1.83
N GLN A 61 12.44 -13.74 -1.75
CA GLN A 61 12.06 -14.75 -0.78
C GLN A 61 13.28 -15.30 -0.08
N SER A 62 13.61 -14.70 1.05
CA SER A 62 14.66 -15.21 1.91
C SER A 62 14.03 -15.91 3.09
N GLY A 63 13.63 -17.16 2.90
CA GLY A 63 12.84 -17.82 3.90
C GLY A 63 13.38 -19.16 4.34
N PRO A 64 14.17 -19.19 5.43
CA PRO A 64 14.48 -20.42 6.14
C PRO A 64 13.19 -21.08 6.66
N PRO A 65 13.24 -22.35 7.07
CA PRO A 65 12.04 -23.07 7.54
C PRO A 65 11.37 -22.38 8.72
N HIS A 66 12.19 -21.81 9.61
CA HIS A 66 11.67 -21.16 10.81
C HIS A 66 11.20 -19.74 10.53
N GLU A 67 11.74 -19.12 9.48
CA GLU A 67 11.41 -17.73 9.15
C GLU A 67 11.31 -17.51 7.65
N PRO A 68 10.22 -17.99 7.01
CA PRO A 68 9.99 -17.74 5.58
C PRO A 68 9.61 -16.30 5.31
N LYS A 69 10.61 -15.44 5.17
CA LYS A 69 10.38 -14.01 5.02
C LYS A 69 10.28 -13.62 3.56
N PHE A 70 9.08 -13.19 3.17
CA PHE A 70 8.80 -12.79 1.80
C PHE A 70 8.86 -11.29 1.67
N VAL A 71 9.34 -10.82 0.53
CA VAL A 71 9.39 -9.39 0.25
C VAL A 71 8.37 -9.03 -0.82
N TYR A 72 7.35 -8.28 -0.43
CA TYR A 72 6.31 -7.87 -1.36
C TYR A 72 6.43 -6.39 -1.67
N GLN A 73 6.25 -6.04 -2.93
CA GLN A 73 6.30 -4.66 -3.36
C GLN A 73 5.02 -4.32 -4.10
N ALA A 74 4.46 -3.17 -3.79
CA ALA A 74 3.22 -2.73 -4.40
C ALA A 74 3.50 -1.91 -5.65
N LYS A 75 3.02 -2.39 -6.78
CA LYS A 75 3.16 -1.68 -8.04
C LYS A 75 1.89 -0.92 -8.34
N VAL A 76 1.87 0.36 -8.01
CA VAL A 76 0.71 1.18 -8.24
C VAL A 76 0.89 2.00 -9.50
N GLY A 77 0.30 1.51 -10.59
CA GLY A 77 0.50 2.15 -11.87
C GLY A 77 1.92 1.98 -12.36
N GLY A 78 2.67 3.06 -12.32
CA GLY A 78 4.07 2.99 -12.70
C GLY A 78 4.98 3.30 -11.52
N ARG A 79 4.39 3.38 -10.33
CA ARG A 79 5.15 3.70 -9.13
C ARG A 79 5.28 2.44 -8.26
N TRP A 80 6.51 2.04 -8.00
CA TRP A 80 6.78 0.89 -7.16
C TRP A 80 7.01 1.33 -5.72
N PHE A 81 6.09 1.00 -4.83
CA PHE A 81 6.20 1.40 -3.43
C PHE A 81 5.06 0.78 -2.61
N PRO A 82 5.38 0.29 -1.42
CA PRO A 82 6.73 0.20 -0.91
C PRO A 82 7.29 -1.22 -1.08
N ALA A 83 8.44 -1.48 -0.49
CA ALA A 83 9.00 -2.82 -0.47
C ALA A 83 9.19 -3.29 0.96
N VAL A 84 8.32 -4.19 1.40
CA VAL A 84 8.35 -4.66 2.78
C VAL A 84 8.55 -6.17 2.84
N CYS A 85 9.00 -6.66 3.98
CA CYS A 85 9.24 -8.08 4.16
C CYS A 85 8.49 -8.60 5.39
N ALA A 86 8.03 -9.84 5.32
CA ALA A 86 7.33 -10.47 6.42
C ALA A 86 7.40 -11.98 6.29
N HIS A 87 7.44 -12.68 7.41
CA HIS A 87 7.50 -14.15 7.38
C HIS A 87 6.11 -14.76 7.12
N SER A 88 5.21 -13.94 6.63
CA SER A 88 3.88 -14.38 6.24
C SER A 88 3.46 -13.63 4.98
N LYS A 89 2.98 -14.38 3.99
CA LYS A 89 2.56 -13.79 2.72
C LYS A 89 1.47 -12.75 2.96
N LYS A 90 0.53 -13.09 3.84
CA LYS A 90 -0.57 -12.20 4.17
C LYS A 90 -0.03 -10.88 4.73
N GLN A 91 0.92 -10.98 5.66
CA GLN A 91 1.52 -9.81 6.26
C GLN A 91 2.25 -8.98 5.21
N GLY A 92 2.96 -9.65 4.31
CA GLY A 92 3.71 -8.96 3.27
C GLY A 92 2.83 -8.04 2.44
N LYS A 93 1.66 -8.54 2.06
CA LYS A 93 0.72 -7.76 1.26
C LYS A 93 0.08 -6.66 2.10
N GLN A 94 -0.31 -7.00 3.32
CA GLN A 94 -1.00 -6.04 4.20
C GLN A 94 -0.07 -4.90 4.61
N GLU A 95 1.15 -5.24 5.00
CA GLU A 95 2.12 -4.21 5.40
C GLU A 95 2.52 -3.34 4.22
N ALA A 96 2.56 -3.94 3.04
CA ALA A 96 2.86 -3.20 1.81
C ALA A 96 1.82 -2.12 1.59
N ALA A 97 0.56 -2.51 1.62
CA ALA A 97 -0.53 -1.58 1.43
C ALA A 97 -0.59 -0.57 2.57
N ASP A 98 -0.33 -1.05 3.78
CA ASP A 98 -0.32 -0.22 4.98
C ASP A 98 0.73 0.89 4.85
N ALA A 99 1.95 0.51 4.51
CA ALA A 99 3.04 1.47 4.34
C ALA A 99 2.79 2.36 3.13
N ALA A 100 2.20 1.79 2.08
CA ALA A 100 1.91 2.54 0.87
C ALA A 100 0.96 3.69 1.15
N LEU A 101 -0.04 3.43 1.98
CA LEU A 101 -1.00 4.47 2.35
C LEU A 101 -0.30 5.58 3.11
N ARG A 102 0.62 5.22 4.00
CA ARG A 102 1.39 6.19 4.75
C ARG A 102 2.20 7.09 3.83
N VAL A 103 2.68 6.53 2.73
CA VAL A 103 3.38 7.31 1.71
C VAL A 103 2.46 8.36 1.13
N LEU A 104 1.27 7.93 0.73
CA LEU A 104 0.27 8.82 0.14
C LEU A 104 -0.15 9.89 1.13
N ILE A 105 -0.46 9.46 2.34
CA ILE A 105 -0.86 10.36 3.42
C ILE A 105 0.24 11.37 3.72
N GLY A 106 1.48 10.90 3.80
CA GLY A 106 2.59 11.77 4.08
C GLY A 106 2.89 12.73 2.95
N GLU A 107 2.67 12.28 1.73
CA GLU A 107 2.92 13.10 0.55
C GLU A 107 1.87 14.22 0.46
N ASN A 108 0.62 13.90 0.74
CA ASN A 108 -0.44 14.89 0.69
C ASN A 108 -0.42 15.75 1.95
N GLU A 109 0.24 15.24 2.99
CA GLU A 109 0.41 15.98 4.23
C GLU A 109 1.14 17.30 3.95
N LYS A 110 2.13 17.23 3.07
CA LYS A 110 2.88 18.41 2.68
C LYS A 110 2.28 19.06 1.43
N ALA A 111 1.05 18.70 1.12
CA ALA A 111 0.34 19.26 -0.01
C ALA A 111 -0.90 20.01 0.46
N GLU A 112 -1.29 21.04 -0.26
CA GLU A 112 -2.47 21.81 0.13
C GLU A 112 -3.72 21.16 -0.43
N ARG A 113 -4.53 20.63 0.47
CA ARG A 113 -5.75 19.94 0.09
C ARG A 113 -6.95 20.84 0.37
N MET A 20 -30.61 8.73 0.07
CA MET A 20 -29.18 8.48 -0.16
C MET A 20 -28.40 9.77 -0.18
N MET A 21 -27.33 9.81 0.60
CA MET A 21 -26.47 10.98 0.65
C MET A 21 -25.34 10.84 -0.38
N PRO A 22 -24.84 11.95 -0.92
CA PRO A 22 -23.74 11.92 -1.88
C PRO A 22 -22.49 11.26 -1.31
N ASN A 23 -22.16 10.10 -1.84
CA ASN A 23 -20.98 9.36 -1.39
C ASN A 23 -19.72 10.19 -1.58
N LYS A 24 -18.96 10.34 -0.51
CA LYS A 24 -17.79 11.19 -0.51
C LYS A 24 -16.63 10.54 -1.25
N VAL A 25 -15.89 11.36 -1.98
CA VAL A 25 -14.66 10.91 -2.61
C VAL A 25 -13.64 10.51 -1.53
N ARG A 26 -12.83 9.51 -1.82
CA ARG A 26 -11.85 9.04 -0.86
C ARG A 26 -10.73 10.06 -0.68
N LYS A 27 -10.81 10.81 0.41
CA LYS A 27 -9.78 11.76 0.75
C LYS A 27 -8.63 11.06 1.48
N ILE A 28 -7.65 11.83 1.93
CA ILE A 28 -6.48 11.26 2.59
C ILE A 28 -6.88 10.61 3.91
N GLY A 29 -7.82 11.23 4.61
CA GLY A 29 -8.33 10.65 5.84
C GLY A 29 -8.97 9.29 5.61
N GLU A 30 -9.45 9.08 4.39
CA GLU A 30 -10.04 7.79 4.02
C GLU A 30 -9.00 6.71 3.98
N LEU A 31 -7.77 7.04 3.57
CA LEU A 31 -6.69 6.06 3.55
C LEU A 31 -6.31 5.68 4.97
N VAL A 32 -6.49 6.63 5.90
CA VAL A 32 -6.18 6.40 7.29
C VAL A 32 -7.13 5.36 7.91
N ARG A 33 -8.41 5.45 7.56
CA ARG A 33 -9.40 4.53 8.07
C ARG A 33 -9.11 3.11 7.57
N TYR A 34 -8.52 3.01 6.38
CA TYR A 34 -8.13 1.72 5.84
C TYR A 34 -6.95 1.14 6.60
N LEU A 35 -6.04 2.00 7.03
CA LEU A 35 -4.92 1.57 7.86
C LEU A 35 -5.42 0.86 9.11
N ASN A 36 -6.60 1.26 9.58
CA ASN A 36 -7.23 0.62 10.72
C ASN A 36 -8.01 -0.62 10.28
N THR A 37 -8.93 -0.44 9.33
CA THR A 37 -9.79 -1.53 8.89
C THR A 37 -9.05 -2.52 7.98
N ASN A 38 -8.77 -2.10 6.75
CA ASN A 38 -8.15 -2.98 5.77
C ASN A 38 -7.26 -2.19 4.81
N PRO A 39 -5.94 -2.21 5.04
CA PRO A 39 -4.97 -1.43 4.26
C PRO A 39 -4.96 -1.82 2.79
N VAL A 40 -5.06 -3.12 2.54
CA VAL A 40 -4.98 -3.65 1.19
C VAL A 40 -6.08 -3.05 0.31
N GLY A 41 -7.30 -3.07 0.84
CA GLY A 41 -8.42 -2.53 0.11
C GLY A 41 -8.31 -1.04 -0.11
N GLY A 42 -7.67 -0.37 0.85
CA GLY A 42 -7.47 1.06 0.74
C GLY A 42 -6.51 1.43 -0.37
N LEU A 43 -5.44 0.67 -0.50
CA LEU A 43 -4.45 0.89 -1.54
C LEU A 43 -5.08 0.64 -2.91
N LEU A 44 -5.90 -0.42 -2.98
CA LEU A 44 -6.59 -0.77 -4.21
C LEU A 44 -7.68 0.28 -4.54
N GLU A 45 -8.25 0.87 -3.50
CA GLU A 45 -9.27 1.87 -3.65
C GLU A 45 -8.65 3.19 -4.12
N TYR A 46 -7.51 3.54 -3.52
CA TYR A 46 -6.77 4.73 -3.91
C TYR A 46 -6.44 4.68 -5.41
N ALA A 47 -5.96 3.53 -5.86
CA ALA A 47 -5.58 3.37 -7.25
C ALA A 47 -6.79 3.48 -8.17
N ARG A 48 -7.86 2.78 -7.83
CA ARG A 48 -9.06 2.74 -8.66
C ARG A 48 -9.71 4.12 -8.77
N SER A 49 -9.65 4.86 -7.69
CA SER A 49 -10.25 6.19 -7.63
C SER A 49 -9.43 7.20 -8.42
N HIS A 50 -8.11 7.04 -8.39
CA HIS A 50 -7.22 8.00 -9.00
C HIS A 50 -6.95 7.67 -10.47
N GLY A 51 -6.95 6.39 -10.80
CA GLY A 51 -6.68 5.99 -12.16
C GLY A 51 -5.37 5.24 -12.28
N PHE A 52 -4.92 4.69 -11.18
CA PHE A 52 -3.70 3.89 -11.16
C PHE A 52 -4.04 2.40 -11.20
N ALA A 53 -3.03 1.58 -11.40
CA ALA A 53 -3.19 0.14 -11.33
C ALA A 53 -2.34 -0.42 -10.20
N ALA A 54 -3.00 -0.92 -9.16
CA ALA A 54 -2.30 -1.40 -7.97
C ALA A 54 -2.06 -2.90 -8.05
N GLU A 55 -0.83 -3.30 -7.79
CA GLU A 55 -0.46 -4.71 -7.81
C GLU A 55 0.36 -5.07 -6.58
N PHE A 56 0.11 -6.25 -6.03
CA PHE A 56 0.89 -6.77 -4.92
C PHE A 56 1.62 -8.02 -5.39
N LYS A 57 2.90 -7.88 -5.71
CA LYS A 57 3.63 -9.03 -6.24
C LYS A 57 4.84 -9.37 -5.39
N LEU A 58 5.11 -10.67 -5.30
CA LEU A 58 6.22 -11.19 -4.53
C LEU A 58 7.52 -11.02 -5.33
N VAL A 59 8.40 -10.16 -4.84
CA VAL A 59 9.65 -9.89 -5.52
C VAL A 59 10.67 -10.98 -5.22
N ASP A 60 10.84 -11.29 -3.94
CA ASP A 60 11.80 -12.29 -3.51
C ASP A 60 11.40 -12.88 -2.17
N GLN A 61 11.73 -14.12 -1.94
CA GLN A 61 11.54 -14.73 -0.63
C GLN A 61 12.79 -15.49 -0.22
N SER A 62 13.50 -14.95 0.75
CA SER A 62 14.70 -15.58 1.26
C SER A 62 14.66 -15.63 2.78
N GLY A 63 13.92 -16.59 3.31
CA GLY A 63 13.82 -16.72 4.75
C GLY A 63 13.84 -18.17 5.18
N PRO A 64 14.36 -18.46 6.39
CA PRO A 64 14.42 -19.81 6.93
C PRO A 64 13.02 -20.42 7.13
N PRO A 65 12.93 -21.75 7.23
CA PRO A 65 11.64 -22.45 7.38
C PRO A 65 10.86 -21.97 8.61
N HIS A 66 11.58 -21.65 9.67
CA HIS A 66 10.95 -21.23 10.93
C HIS A 66 10.60 -19.75 10.90
N GLU A 67 11.17 -19.01 9.96
CA GLU A 67 10.95 -17.57 9.86
C GLU A 67 11.05 -17.12 8.41
N PRO A 68 10.05 -17.48 7.59
CA PRO A 68 9.99 -17.08 6.18
C PRO A 68 10.10 -15.58 6.00
N LYS A 69 10.73 -15.16 4.91
CA LYS A 69 10.88 -13.75 4.62
C LYS A 69 10.44 -13.46 3.20
N PHE A 70 9.36 -12.71 3.08
CA PHE A 70 8.79 -12.39 1.78
C PHE A 70 8.94 -10.92 1.46
N VAL A 71 9.67 -10.63 0.40
CA VAL A 71 9.82 -9.26 -0.07
C VAL A 71 8.66 -8.91 -0.99
N TYR A 72 7.71 -8.17 -0.43
CA TYR A 72 6.55 -7.75 -1.19
C TYR A 72 6.65 -6.27 -1.52
N GLN A 73 6.30 -5.94 -2.75
CA GLN A 73 6.34 -4.56 -3.19
C GLN A 73 5.08 -4.23 -3.97
N ALA A 74 4.47 -3.10 -3.62
CA ALA A 74 3.24 -2.68 -4.25
C ALA A 74 3.52 -1.84 -5.49
N LYS A 75 3.01 -2.30 -6.62
CA LYS A 75 3.18 -1.59 -7.88
C LYS A 75 1.94 -0.76 -8.15
N VAL A 76 2.05 0.54 -7.97
CA VAL A 76 0.94 1.44 -8.21
C VAL A 76 1.21 2.27 -9.46
N GLY A 77 0.63 1.83 -10.57
CA GLY A 77 0.86 2.48 -11.83
C GLY A 77 2.27 2.23 -12.33
N GLY A 78 3.10 3.25 -12.28
CA GLY A 78 4.48 3.11 -12.68
C GLY A 78 5.42 3.16 -11.50
N ARG A 79 4.87 3.32 -10.31
CA ARG A 79 5.66 3.44 -9.10
C ARG A 79 5.67 2.14 -8.31
N TRP A 80 6.83 1.79 -7.79
CA TRP A 80 6.99 0.63 -6.93
C TRP A 80 7.24 1.09 -5.51
N PHE A 81 6.26 0.90 -4.64
CA PHE A 81 6.40 1.30 -3.25
C PHE A 81 5.25 0.74 -2.42
N PRO A 82 5.56 0.25 -1.22
CA PRO A 82 6.92 0.17 -0.71
C PRO A 82 7.50 -1.23 -0.89
N ALA A 83 8.70 -1.44 -0.38
CA ALA A 83 9.31 -2.76 -0.37
C ALA A 83 9.39 -3.27 1.06
N VAL A 84 8.53 -4.22 1.39
CA VAL A 84 8.49 -4.75 2.75
C VAL A 84 8.92 -6.20 2.80
N CYS A 85 9.55 -6.58 3.91
CA CYS A 85 10.00 -7.94 4.11
C CYS A 85 9.20 -8.58 5.24
N ALA A 86 8.16 -9.31 4.87
CA ALA A 86 7.24 -9.87 5.84
C ALA A 86 7.61 -11.29 6.22
N HIS A 87 7.00 -11.79 7.29
CA HIS A 87 7.28 -13.13 7.78
C HIS A 87 6.32 -14.14 7.17
N SER A 88 5.36 -13.65 6.39
CA SER A 88 4.41 -14.50 5.68
C SER A 88 3.81 -13.73 4.51
N LYS A 89 3.03 -14.42 3.69
CA LYS A 89 2.45 -13.81 2.49
C LYS A 89 1.47 -12.70 2.84
N LYS A 90 0.50 -13.02 3.69
CA LYS A 90 -0.57 -12.08 3.99
C LYS A 90 -0.02 -10.84 4.68
N GLN A 91 0.97 -11.03 5.55
CA GLN A 91 1.65 -9.90 6.19
C GLN A 91 2.28 -9.01 5.12
N GLY A 92 2.86 -9.64 4.10
CA GLY A 92 3.49 -8.89 3.03
C GLY A 92 2.51 -8.01 2.30
N LYS A 93 1.37 -8.58 1.92
CA LYS A 93 0.34 -7.82 1.23
C LYS A 93 -0.20 -6.70 2.11
N GLN A 94 -0.34 -6.97 3.41
CA GLN A 94 -0.87 -5.98 4.34
C GLN A 94 0.16 -4.88 4.61
N GLU A 95 1.38 -5.27 4.96
CA GLU A 95 2.44 -4.31 5.27
C GLU A 95 2.73 -3.42 4.08
N ALA A 96 2.69 -4.00 2.89
CA ALA A 96 2.91 -3.23 1.67
C ALA A 96 1.85 -2.14 1.55
N ALA A 97 0.59 -2.53 1.68
CA ALA A 97 -0.51 -1.59 1.57
C ALA A 97 -0.48 -0.58 2.71
N ASP A 98 -0.21 -1.08 3.91
CA ASP A 98 -0.12 -0.24 5.10
C ASP A 98 0.90 0.87 4.89
N ALA A 99 2.12 0.48 4.59
CA ALA A 99 3.21 1.43 4.40
C ALA A 99 2.95 2.32 3.18
N ALA A 100 2.30 1.76 2.17
CA ALA A 100 1.99 2.51 0.95
C ALA A 100 1.01 3.64 1.25
N LEU A 101 -0.02 3.35 2.04
CA LEU A 101 -0.99 4.36 2.42
C LEU A 101 -0.30 5.47 3.19
N ARG A 102 0.62 5.08 4.07
CA ARG A 102 1.41 6.04 4.82
C ARG A 102 2.22 6.95 3.90
N VAL A 103 2.69 6.40 2.78
CA VAL A 103 3.37 7.20 1.77
C VAL A 103 2.41 8.19 1.15
N LEU A 104 1.27 7.67 0.68
CA LEU A 104 0.25 8.49 0.03
C LEU A 104 -0.21 9.61 0.95
N ILE A 105 -0.52 9.23 2.19
CA ILE A 105 -0.94 10.18 3.21
C ILE A 105 0.15 11.21 3.46
N GLY A 106 1.37 10.73 3.71
CA GLY A 106 2.49 11.62 3.99
C GLY A 106 2.81 12.55 2.83
N GLU A 107 2.74 12.01 1.63
CA GLU A 107 2.99 12.80 0.42
C GLU A 107 2.00 13.95 0.30
N ASN A 108 0.71 13.62 0.36
CA ASN A 108 -0.34 14.62 0.18
C ASN A 108 -0.40 15.58 1.37
N GLU A 109 -0.04 15.08 2.54
CA GLU A 109 0.04 15.90 3.74
C GLU A 109 1.10 16.99 3.57
N LYS A 110 2.16 16.62 2.85
CA LYS A 110 3.30 17.51 2.64
C LYS A 110 3.11 18.35 1.37
N ALA A 111 2.57 17.74 0.33
CA ALA A 111 2.47 18.39 -0.96
C ALA A 111 1.12 19.04 -1.17
N GLU A 112 1.14 20.34 -1.42
CA GLU A 112 -0.06 21.06 -1.81
C GLU A 112 -0.31 20.84 -3.29
N ARG A 113 -1.46 20.28 -3.60
CA ARG A 113 -1.84 20.01 -4.99
C ARG A 113 -1.98 21.30 -5.78
N MET A 20 -23.07 13.25 -4.66
CA MET A 20 -22.18 12.22 -5.26
C MET A 20 -20.73 12.56 -4.99
N MET A 21 -19.91 11.54 -4.86
CA MET A 21 -18.48 11.73 -4.60
C MET A 21 -17.71 11.73 -5.92
N PRO A 22 -16.74 12.65 -6.05
CA PRO A 22 -15.91 12.76 -7.25
C PRO A 22 -14.87 11.64 -7.30
N ASN A 23 -14.17 11.54 -8.42
CA ASN A 23 -13.11 10.54 -8.57
C ASN A 23 -11.75 11.17 -8.36
N LYS A 24 -11.66 12.47 -8.60
CA LYS A 24 -10.40 13.19 -8.45
C LYS A 24 -10.18 13.68 -7.01
N VAL A 25 -11.09 13.32 -6.13
CA VAL A 25 -10.99 13.76 -4.74
C VAL A 25 -9.98 12.89 -4.00
N ARG A 26 -9.14 13.52 -3.19
CA ARG A 26 -8.19 12.79 -2.38
C ARG A 26 -8.32 13.14 -0.91
N LYS A 27 -9.23 12.46 -0.24
CA LYS A 27 -9.39 12.62 1.19
C LYS A 27 -8.54 11.59 1.92
N ILE A 28 -7.41 12.05 2.44
CA ILE A 28 -6.40 11.18 3.03
C ILE A 28 -6.93 10.48 4.28
N GLY A 29 -7.89 11.11 4.96
CA GLY A 29 -8.51 10.50 6.12
C GLY A 29 -9.13 9.15 5.80
N GLU A 30 -9.55 8.97 4.56
CA GLU A 30 -10.14 7.71 4.12
C GLU A 30 -9.06 6.63 4.04
N LEU A 31 -7.86 7.00 3.63
CA LEU A 31 -6.75 6.06 3.58
C LEU A 31 -6.36 5.63 4.99
N VAL A 32 -6.53 6.55 5.93
CA VAL A 32 -6.26 6.26 7.33
C VAL A 32 -7.28 5.27 7.89
N ARG A 33 -8.53 5.36 7.43
CA ARG A 33 -9.57 4.44 7.87
C ARG A 33 -9.21 3.01 7.43
N TYR A 34 -8.48 2.91 6.32
CA TYR A 34 -8.04 1.62 5.82
C TYR A 34 -6.87 1.08 6.63
N LEU A 35 -6.03 1.97 7.15
CA LEU A 35 -4.93 1.56 8.01
C LEU A 35 -5.46 0.79 9.21
N ASN A 36 -6.65 1.19 9.66
CA ASN A 36 -7.32 0.51 10.77
C ASN A 36 -8.07 -0.72 10.26
N THR A 37 -8.77 -0.56 9.15
CA THR A 37 -9.62 -1.63 8.63
C THR A 37 -8.81 -2.62 7.78
N ASN A 38 -8.54 -2.25 6.54
CA ASN A 38 -7.78 -3.11 5.62
C ASN A 38 -6.97 -2.25 4.67
N PRO A 39 -5.65 -2.24 4.83
CA PRO A 39 -4.75 -1.45 3.99
C PRO A 39 -4.79 -1.87 2.53
N VAL A 40 -4.98 -3.17 2.29
CA VAL A 40 -5.01 -3.71 0.93
C VAL A 40 -6.18 -3.11 0.16
N GLY A 41 -7.35 -3.14 0.78
CA GLY A 41 -8.53 -2.58 0.15
C GLY A 41 -8.43 -1.08 -0.02
N GLY A 42 -7.61 -0.45 0.81
CA GLY A 42 -7.38 0.98 0.72
C GLY A 42 -6.43 1.35 -0.39
N LEU A 43 -5.39 0.55 -0.56
CA LEU A 43 -4.41 0.78 -1.61
C LEU A 43 -5.06 0.60 -2.97
N LEU A 44 -5.90 -0.43 -3.08
CA LEU A 44 -6.67 -0.67 -4.30
C LEU A 44 -7.65 0.48 -4.53
N GLU A 45 -8.22 0.99 -3.44
CA GLU A 45 -9.17 2.07 -3.48
C GLU A 45 -8.51 3.35 -3.98
N TYR A 46 -7.37 3.68 -3.40
CA TYR A 46 -6.60 4.85 -3.79
C TYR A 46 -6.31 4.83 -5.28
N ALA A 47 -5.82 3.69 -5.76
CA ALA A 47 -5.44 3.54 -7.15
C ALA A 47 -6.66 3.61 -8.06
N ARG A 48 -7.71 2.87 -7.71
CA ARG A 48 -8.90 2.77 -8.55
C ARG A 48 -9.58 4.13 -8.71
N SER A 49 -9.49 4.94 -7.68
CA SER A 49 -10.08 6.28 -7.71
C SER A 49 -9.17 7.26 -8.46
N HIS A 50 -7.87 7.10 -8.29
CA HIS A 50 -6.91 8.06 -8.82
C HIS A 50 -6.44 7.68 -10.23
N GLY A 51 -6.91 6.55 -10.73
CA GLY A 51 -6.60 6.16 -12.10
C GLY A 51 -5.32 5.35 -12.20
N PHE A 52 -4.82 4.87 -11.07
CA PHE A 52 -3.64 4.02 -11.07
C PHE A 52 -4.03 2.55 -10.99
N ALA A 53 -3.13 1.69 -11.42
CA ALA A 53 -3.35 0.25 -11.33
C ALA A 53 -2.54 -0.30 -10.15
N ALA A 54 -3.24 -0.80 -9.15
CA ALA A 54 -2.59 -1.30 -7.94
C ALA A 54 -2.31 -2.80 -8.05
N GLU A 55 -1.05 -3.16 -8.08
CA GLU A 55 -0.65 -4.55 -8.21
C GLU A 55 0.30 -4.95 -7.09
N PHE A 56 0.03 -6.09 -6.48
CA PHE A 56 0.87 -6.59 -5.40
C PHE A 56 1.71 -7.77 -5.89
N LYS A 57 2.97 -7.52 -6.19
CA LYS A 57 3.84 -8.58 -6.68
C LYS A 57 4.79 -9.05 -5.59
N LEU A 58 5.02 -10.35 -5.57
CA LEU A 58 5.98 -10.94 -4.65
C LEU A 58 7.36 -10.90 -5.31
N VAL A 59 8.22 -10.06 -4.78
CA VAL A 59 9.54 -9.85 -5.36
C VAL A 59 10.44 -11.05 -5.06
N ASP A 60 10.56 -11.37 -3.77
CA ASP A 60 11.41 -12.46 -3.34
C ASP A 60 10.92 -12.97 -1.99
N GLN A 61 11.21 -14.22 -1.66
CA GLN A 61 10.84 -14.76 -0.37
C GLN A 61 11.95 -15.63 0.20
N SER A 62 12.76 -15.04 1.05
CA SER A 62 13.79 -15.78 1.75
C SER A 62 13.21 -16.31 3.06
N GLY A 63 12.88 -17.59 3.07
CA GLY A 63 12.20 -18.15 4.21
C GLY A 63 12.96 -19.28 4.87
N PRO A 64 13.95 -18.98 5.72
CA PRO A 64 14.59 -19.98 6.56
C PRO A 64 13.60 -20.57 7.57
N PRO A 65 13.89 -21.75 8.13
CA PRO A 65 12.95 -22.45 9.01
C PRO A 65 12.57 -21.63 10.25
N HIS A 66 13.47 -20.75 10.67
CA HIS A 66 13.25 -19.98 11.88
C HIS A 66 12.58 -18.63 11.57
N GLU A 67 12.58 -18.23 10.31
CA GLU A 67 12.02 -16.93 9.93
C GLU A 67 11.64 -16.88 8.45
N PRO A 68 10.57 -17.57 8.04
CA PRO A 68 10.02 -17.42 6.69
C PRO A 68 9.63 -15.97 6.41
N LYS A 69 10.30 -15.36 5.45
CA LYS A 69 10.07 -13.96 5.15
C LYS A 69 9.67 -13.78 3.70
N PHE A 70 8.67 -12.94 3.47
CA PHE A 70 8.13 -12.74 2.13
C PHE A 70 8.20 -11.25 1.76
N VAL A 71 8.93 -10.95 0.69
CA VAL A 71 9.13 -9.58 0.24
C VAL A 71 8.11 -9.21 -0.83
N TYR A 72 7.26 -8.25 -0.50
CA TYR A 72 6.23 -7.77 -1.41
C TYR A 72 6.46 -6.32 -1.77
N GLN A 73 6.09 -5.96 -3.00
CA GLN A 73 6.18 -4.58 -3.46
C GLN A 73 4.89 -4.17 -4.12
N ALA A 74 4.44 -2.96 -3.84
CA ALA A 74 3.19 -2.47 -4.38
C ALA A 74 3.44 -1.66 -5.64
N LYS A 75 2.99 -2.20 -6.76
CA LYS A 75 3.10 -1.53 -8.03
C LYS A 75 1.84 -0.70 -8.28
N VAL A 76 1.96 0.60 -8.12
CA VAL A 76 0.82 1.49 -8.33
C VAL A 76 1.04 2.31 -9.58
N GLY A 77 0.38 1.92 -10.65
CA GLY A 77 0.60 2.54 -11.93
C GLY A 77 1.95 2.17 -12.49
N GLY A 78 2.80 3.15 -12.71
CA GLY A 78 4.15 2.88 -13.16
C GLY A 78 5.13 3.00 -12.01
N ARG A 79 4.60 3.17 -10.81
CA ARG A 79 5.42 3.35 -9.63
C ARG A 79 5.54 2.05 -8.84
N TRP A 80 6.67 1.88 -8.19
CA TRP A 80 6.94 0.68 -7.40
C TRP A 80 7.31 1.07 -5.97
N PHE A 81 6.34 0.97 -5.07
CA PHE A 81 6.56 1.35 -3.68
C PHE A 81 5.37 0.93 -2.82
N PRO A 82 5.62 0.46 -1.59
CA PRO A 82 6.97 0.29 -1.06
C PRO A 82 7.48 -1.14 -1.22
N ALA A 83 8.57 -1.46 -0.56
CA ALA A 83 9.11 -2.82 -0.55
C ALA A 83 9.18 -3.31 0.89
N VAL A 84 8.31 -4.25 1.23
CA VAL A 84 8.24 -4.76 2.59
C VAL A 84 8.58 -6.23 2.65
N CYS A 85 9.00 -6.69 3.81
CA CYS A 85 9.33 -8.09 4.02
C CYS A 85 8.72 -8.59 5.31
N ALA A 86 7.60 -9.29 5.20
CA ALA A 86 6.84 -9.74 6.37
C ALA A 86 7.08 -11.22 6.64
N HIS A 87 6.48 -11.72 7.71
CA HIS A 87 6.65 -13.12 8.10
C HIS A 87 5.66 -14.01 7.36
N SER A 88 4.64 -13.40 6.79
CA SER A 88 3.59 -14.13 6.10
C SER A 88 3.36 -13.53 4.72
N LYS A 89 2.89 -14.36 3.79
CA LYS A 89 2.65 -13.92 2.43
C LYS A 89 1.56 -12.86 2.38
N LYS A 90 0.43 -13.12 3.03
CA LYS A 90 -0.67 -12.16 3.04
C LYS A 90 -0.30 -10.95 3.88
N GLN A 91 0.59 -11.16 4.85
CA GLN A 91 1.13 -10.06 5.63
C GLN A 91 1.98 -9.17 4.77
N GLY A 92 2.72 -9.78 3.83
CA GLY A 92 3.50 -8.99 2.89
C GLY A 92 2.63 -8.05 2.09
N LYS A 93 1.51 -8.57 1.60
CA LYS A 93 0.55 -7.76 0.86
C LYS A 93 -0.02 -6.66 1.75
N GLN A 94 -0.40 -7.02 2.97
CA GLN A 94 -0.96 -6.06 3.91
C GLN A 94 0.06 -4.99 4.30
N GLU A 95 1.27 -5.43 4.63
CA GLU A 95 2.34 -4.52 5.03
C GLU A 95 2.71 -3.58 3.89
N ALA A 96 2.74 -4.10 2.68
CA ALA A 96 3.02 -3.29 1.50
C ALA A 96 1.94 -2.23 1.32
N ALA A 97 0.70 -2.66 1.44
CA ALA A 97 -0.44 -1.76 1.29
C ALA A 97 -0.46 -0.72 2.40
N ASP A 98 -0.23 -1.17 3.64
CA ASP A 98 -0.20 -0.28 4.79
C ASP A 98 0.88 0.78 4.59
N ALA A 99 2.10 0.32 4.33
CA ALA A 99 3.24 1.21 4.15
C ALA A 99 3.02 2.14 2.95
N ALA A 100 2.35 1.63 1.93
CA ALA A 100 2.02 2.43 0.76
C ALA A 100 1.12 3.59 1.15
N LEU A 101 0.08 3.30 1.93
CA LEU A 101 -0.85 4.33 2.37
C LEU A 101 -0.12 5.34 3.22
N ARG A 102 0.84 4.88 4.01
CA ARG A 102 1.65 5.76 4.85
C ARG A 102 2.38 6.78 3.98
N VAL A 103 2.91 6.30 2.85
CA VAL A 103 3.59 7.16 1.89
C VAL A 103 2.62 8.17 1.29
N LEU A 104 1.47 7.66 0.82
CA LEU A 104 0.45 8.51 0.19
C LEU A 104 -0.02 9.58 1.17
N ILE A 105 -0.30 9.15 2.39
CA ILE A 105 -0.72 10.04 3.46
C ILE A 105 0.40 11.05 3.79
N GLY A 106 1.62 10.53 3.90
CA GLY A 106 2.76 11.36 4.24
C GLY A 106 3.08 12.38 3.16
N GLU A 107 2.99 11.99 1.90
CA GLU A 107 3.30 12.89 0.81
C GLU A 107 2.20 13.93 0.61
N ASN A 108 1.04 13.66 1.18
CA ASN A 108 -0.05 14.63 1.15
C ASN A 108 0.06 15.56 2.35
N GLU A 109 0.88 15.16 3.31
CA GLU A 109 1.16 15.98 4.49
C GLU A 109 2.04 17.15 4.08
N LYS A 110 2.91 16.91 3.09
CA LYS A 110 3.76 17.96 2.55
C LYS A 110 3.09 18.64 1.35
N ALA A 111 1.79 18.44 1.21
CA ALA A 111 1.05 18.97 0.07
C ALA A 111 -0.37 19.36 0.48
N GLU A 112 -1.16 19.78 -0.51
CA GLU A 112 -2.56 20.09 -0.31
C GLU A 112 -3.41 19.27 -1.28
N ARG A 113 -4.33 18.49 -0.73
CA ARG A 113 -5.19 17.64 -1.52
C ARG A 113 -6.10 18.45 -2.46
N MET A 20 -24.07 10.37 -2.19
CA MET A 20 -24.41 11.54 -3.02
C MET A 20 -23.84 11.37 -4.42
N MET A 21 -22.53 11.40 -4.55
CA MET A 21 -21.88 11.21 -5.84
C MET A 21 -21.24 9.83 -5.91
N PRO A 22 -21.12 9.26 -7.11
CA PRO A 22 -20.55 7.92 -7.31
C PRO A 22 -19.12 7.79 -6.80
N ASN A 23 -18.26 8.72 -7.18
CA ASN A 23 -16.86 8.66 -6.80
C ASN A 23 -16.52 9.79 -5.83
N LYS A 24 -15.33 9.75 -5.26
CA LYS A 24 -14.90 10.76 -4.30
C LYS A 24 -13.72 11.56 -4.85
N VAL A 25 -13.40 12.65 -4.15
CA VAL A 25 -12.26 13.48 -4.49
C VAL A 25 -11.02 13.01 -3.71
N ARG A 26 -9.96 13.82 -3.71
CA ARG A 26 -8.76 13.51 -2.93
C ARG A 26 -9.07 13.54 -1.43
N LYS A 27 -9.50 12.41 -0.92
CA LYS A 27 -9.78 12.27 0.51
C LYS A 27 -8.71 11.41 1.16
N ILE A 28 -7.83 12.05 1.90
CA ILE A 28 -6.71 11.36 2.53
C ILE A 28 -7.16 10.61 3.78
N GLY A 29 -8.23 11.11 4.39
CA GLY A 29 -8.78 10.47 5.57
C GLY A 29 -9.22 9.04 5.29
N GLU A 30 -9.63 8.79 4.05
CA GLU A 30 -9.99 7.45 3.62
C GLU A 30 -8.83 6.50 3.83
N LEU A 31 -7.66 6.89 3.34
CA LEU A 31 -6.49 6.02 3.43
C LEU A 31 -6.14 5.76 4.89
N VAL A 32 -6.46 6.73 5.75
CA VAL A 32 -6.20 6.61 7.17
C VAL A 32 -7.16 5.62 7.81
N ARG A 33 -8.44 5.69 7.43
CA ARG A 33 -9.45 4.79 7.99
C ARG A 33 -9.17 3.34 7.59
N TYR A 34 -8.45 3.17 6.48
CA TYR A 34 -8.04 1.84 6.05
C TYR A 34 -6.88 1.32 6.87
N LEU A 35 -6.02 2.21 7.33
CA LEU A 35 -4.93 1.83 8.23
C LEU A 35 -5.50 1.23 9.51
N ASN A 36 -6.67 1.71 9.88
CA ASN A 36 -7.35 1.25 11.09
C ASN A 36 -8.22 0.02 10.79
N THR A 37 -8.52 -0.20 9.52
CA THR A 37 -9.38 -1.31 9.14
C THR A 37 -8.65 -2.31 8.25
N ASN A 38 -8.53 -2.00 6.96
CA ASN A 38 -7.86 -2.88 6.01
C ASN A 38 -7.01 -2.08 5.05
N PRO A 39 -5.67 -2.15 5.22
CA PRO A 39 -4.73 -1.40 4.39
C PRO A 39 -4.80 -1.81 2.92
N VAL A 40 -4.97 -3.10 2.67
CA VAL A 40 -4.95 -3.62 1.30
C VAL A 40 -6.09 -3.03 0.48
N GLY A 41 -7.28 -3.02 1.06
CA GLY A 41 -8.44 -2.46 0.38
C GLY A 41 -8.26 -0.99 0.08
N GLY A 42 -7.60 -0.28 0.99
CA GLY A 42 -7.36 1.14 0.81
C GLY A 42 -6.41 1.42 -0.33
N LEU A 43 -5.35 0.63 -0.43
CA LEU A 43 -4.36 0.79 -1.48
C LEU A 43 -5.00 0.50 -2.84
N LEU A 44 -5.80 -0.55 -2.89
CA LEU A 44 -6.47 -0.96 -4.12
C LEU A 44 -7.48 0.10 -4.56
N GLU A 45 -8.29 0.59 -3.63
CA GLU A 45 -9.34 1.54 -3.97
C GLU A 45 -8.74 2.92 -4.28
N TYR A 46 -7.63 3.24 -3.64
CA TYR A 46 -6.92 4.49 -3.93
C TYR A 46 -6.55 4.54 -5.41
N ALA A 47 -5.96 3.46 -5.88
CA ALA A 47 -5.47 3.40 -7.25
C ALA A 47 -6.63 3.50 -8.24
N ARG A 48 -7.61 2.64 -8.04
CA ARG A 48 -8.74 2.54 -8.96
C ARG A 48 -9.53 3.84 -9.02
N SER A 49 -9.59 4.53 -7.89
CA SER A 49 -10.32 5.79 -7.79
C SER A 49 -9.49 6.97 -8.29
N HIS A 50 -8.20 6.75 -8.50
CA HIS A 50 -7.31 7.85 -8.93
C HIS A 50 -6.80 7.64 -10.35
N GLY A 51 -7.05 6.47 -10.91
CA GLY A 51 -6.61 6.20 -12.27
C GLY A 51 -5.34 5.37 -12.33
N PHE A 52 -4.91 4.88 -11.17
CA PHE A 52 -3.73 4.04 -11.09
C PHE A 52 -4.14 2.57 -11.06
N ALA A 53 -3.19 1.69 -11.32
CA ALA A 53 -3.44 0.26 -11.20
C ALA A 53 -2.62 -0.31 -10.05
N ALA A 54 -3.30 -0.86 -9.07
CA ALA A 54 -2.65 -1.37 -7.86
C ALA A 54 -2.35 -2.86 -7.99
N GLU A 55 -1.10 -3.22 -7.74
CA GLU A 55 -0.68 -4.61 -7.82
C GLU A 55 0.26 -4.95 -6.68
N PHE A 56 0.31 -6.22 -6.33
CA PHE A 56 1.21 -6.70 -5.27
C PHE A 56 2.03 -7.87 -5.79
N LYS A 57 3.33 -7.68 -5.91
CA LYS A 57 4.18 -8.76 -6.39
C LYS A 57 5.11 -9.25 -5.29
N LEU A 58 5.44 -10.53 -5.36
CA LEU A 58 6.36 -11.15 -4.43
C LEU A 58 7.75 -11.14 -5.05
N VAL A 59 8.60 -10.25 -4.57
CA VAL A 59 9.91 -10.05 -5.15
C VAL A 59 10.86 -11.17 -4.74
N ASP A 60 10.84 -11.52 -3.46
CA ASP A 60 11.77 -12.51 -2.94
C ASP A 60 11.18 -13.22 -1.73
N GLN A 61 11.56 -14.49 -1.55
CA GLN A 61 11.17 -15.24 -0.36
C GLN A 61 12.35 -16.07 0.12
N SER A 62 13.06 -15.53 1.10
CA SER A 62 14.29 -16.15 1.59
C SER A 62 14.25 -16.28 3.11
N GLY A 63 15.33 -16.81 3.67
CA GLY A 63 15.39 -16.96 5.12
C GLY A 63 15.17 -18.38 5.56
N PRO A 64 15.24 -18.64 6.87
CA PRO A 64 15.07 -19.99 7.43
C PRO A 64 13.67 -20.53 7.21
N PRO A 65 13.48 -21.85 7.29
CA PRO A 65 12.17 -22.49 7.07
C PRO A 65 11.13 -22.06 8.09
N HIS A 66 11.58 -21.71 9.29
CA HIS A 66 10.67 -21.30 10.35
C HIS A 66 10.35 -19.81 10.27
N GLU A 67 11.15 -19.09 9.48
CA GLU A 67 10.94 -17.66 9.29
C GLU A 67 11.17 -17.27 7.83
N PRO A 68 10.21 -17.63 6.95
CA PRO A 68 10.29 -17.28 5.53
C PRO A 68 10.01 -15.80 5.30
N LYS A 69 11.02 -15.08 4.86
CA LYS A 69 10.89 -13.65 4.64
C LYS A 69 10.40 -13.36 3.23
N PHE A 70 9.21 -12.82 3.15
CA PHE A 70 8.61 -12.46 1.88
C PHE A 70 8.79 -10.98 1.60
N VAL A 71 9.55 -10.69 0.56
CA VAL A 71 9.78 -9.32 0.15
C VAL A 71 8.69 -8.89 -0.81
N TYR A 72 7.77 -8.07 -0.33
CA TYR A 72 6.65 -7.62 -1.13
C TYR A 72 6.82 -6.16 -1.51
N GLN A 73 6.38 -5.83 -2.72
CA GLN A 73 6.45 -4.46 -3.21
C GLN A 73 5.13 -4.12 -3.90
N ALA A 74 4.54 -3.01 -3.49
CA ALA A 74 3.28 -2.57 -4.06
C ALA A 74 3.50 -1.76 -5.32
N LYS A 75 2.81 -2.13 -6.37
CA LYS A 75 2.92 -1.46 -7.65
C LYS A 75 1.69 -0.60 -7.87
N VAL A 76 1.89 0.71 -7.88
CA VAL A 76 0.80 1.64 -8.12
C VAL A 76 1.10 2.46 -9.35
N GLY A 77 0.57 2.02 -10.49
CA GLY A 77 0.88 2.65 -11.75
C GLY A 77 2.29 2.34 -12.19
N GLY A 78 3.13 3.36 -12.28
CA GLY A 78 4.52 3.16 -12.62
C GLY A 78 5.41 3.23 -11.39
N ARG A 79 4.79 3.52 -10.25
CA ARG A 79 5.52 3.66 -9.00
C ARG A 79 5.51 2.36 -8.21
N TRP A 80 6.71 1.86 -7.91
CA TRP A 80 6.86 0.65 -7.11
C TRP A 80 7.26 1.02 -5.69
N PHE A 81 6.32 0.93 -4.76
CA PHE A 81 6.55 1.30 -3.38
C PHE A 81 5.40 0.81 -2.51
N PRO A 82 5.68 0.39 -1.28
CA PRO A 82 7.03 0.32 -0.73
C PRO A 82 7.61 -1.08 -0.83
N ALA A 83 8.81 -1.26 -0.29
CA ALA A 83 9.43 -2.57 -0.20
C ALA A 83 9.39 -3.06 1.24
N VAL A 84 8.55 -4.06 1.49
CA VAL A 84 8.38 -4.57 2.85
C VAL A 84 8.81 -6.02 2.94
N CYS A 85 9.17 -6.44 4.13
CA CYS A 85 9.59 -7.82 4.36
C CYS A 85 8.83 -8.41 5.55
N ALA A 86 7.99 -9.39 5.26
CA ALA A 86 7.22 -10.07 6.29
C ALA A 86 7.62 -11.54 6.34
N HIS A 87 6.98 -12.31 7.22
CA HIS A 87 7.25 -13.74 7.28
C HIS A 87 5.97 -14.53 7.04
N SER A 88 5.00 -13.85 6.46
CA SER A 88 3.77 -14.46 5.99
C SER A 88 3.28 -13.71 4.76
N LYS A 89 2.79 -14.42 3.77
CA LYS A 89 2.43 -13.82 2.49
C LYS A 89 1.33 -12.77 2.66
N LYS A 90 0.30 -13.10 3.44
CA LYS A 90 -0.81 -12.18 3.65
C LYS A 90 -0.34 -10.93 4.39
N GLN A 91 0.66 -11.10 5.25
CA GLN A 91 1.22 -9.98 5.98
C GLN A 91 2.04 -9.10 5.05
N GLY A 92 2.71 -9.72 4.10
CA GLY A 92 3.45 -8.96 3.10
C GLY A 92 2.54 -8.03 2.31
N LYS A 93 1.38 -8.56 1.93
CA LYS A 93 0.37 -7.76 1.24
C LYS A 93 -0.10 -6.60 2.12
N GLN A 94 -0.42 -6.91 3.38
CA GLN A 94 -0.90 -5.91 4.32
C GLN A 94 0.16 -4.85 4.58
N GLU A 95 1.38 -5.28 4.91
CA GLU A 95 2.48 -4.36 5.17
C GLU A 95 2.75 -3.45 3.98
N ALA A 96 2.74 -4.03 2.78
CA ALA A 96 2.97 -3.26 1.57
C ALA A 96 1.92 -2.17 1.42
N ALA A 97 0.66 -2.55 1.53
CA ALA A 97 -0.45 -1.62 1.39
C ALA A 97 -0.46 -0.61 2.52
N ASP A 98 -0.24 -1.09 3.74
CA ASP A 98 -0.24 -0.26 4.93
C ASP A 98 0.82 0.84 4.82
N ALA A 99 2.04 0.44 4.51
CA ALA A 99 3.13 1.39 4.36
C ALA A 99 2.91 2.30 3.17
N ALA A 100 2.32 1.74 2.10
CA ALA A 100 2.01 2.53 0.90
C ALA A 100 1.04 3.64 1.22
N LEU A 101 0.02 3.34 2.03
CA LEU A 101 -0.95 4.33 2.45
C LEU A 101 -0.25 5.47 3.19
N ARG A 102 0.68 5.10 4.07
CA ARG A 102 1.47 6.07 4.81
C ARG A 102 2.25 6.98 3.86
N VAL A 103 2.74 6.40 2.77
CA VAL A 103 3.45 7.17 1.75
C VAL A 103 2.50 8.16 1.08
N LEU A 104 1.35 7.64 0.66
CA LEU A 104 0.34 8.46 -0.02
C LEU A 104 -0.16 9.58 0.88
N ILE A 105 -0.46 9.22 2.13
CA ILE A 105 -0.89 10.19 3.12
C ILE A 105 0.20 11.23 3.37
N GLY A 106 1.43 10.76 3.57
CA GLY A 106 2.55 11.65 3.80
C GLY A 106 2.81 12.55 2.60
N GLU A 107 2.62 12.00 1.41
CA GLU A 107 2.78 12.76 0.18
C GLU A 107 1.86 13.97 0.16
N ASN A 108 0.58 13.72 0.44
CA ASN A 108 -0.42 14.79 0.41
C ASN A 108 -0.48 15.51 1.75
N GLU A 109 0.36 15.08 2.68
CA GLU A 109 0.51 15.76 3.95
C GLU A 109 1.49 16.92 3.79
N LYS A 110 2.61 16.63 3.12
CA LYS A 110 3.60 17.65 2.84
C LYS A 110 3.10 18.57 1.72
N ALA A 111 2.21 18.02 0.90
CA ALA A 111 1.54 18.82 -0.12
C ALA A 111 0.32 19.50 0.48
N GLU A 112 -0.09 20.61 -0.10
CA GLU A 112 -1.23 21.34 0.42
C GLU A 112 -2.29 21.50 -0.67
N ARG A 113 -3.14 20.50 -0.81
CA ARG A 113 -4.20 20.52 -1.79
C ARG A 113 -5.55 20.51 -1.10
N MET A 20 -12.57 28.30 -5.00
CA MET A 20 -11.34 27.49 -4.87
C MET A 20 -11.67 26.01 -4.91
N MET A 21 -10.77 25.22 -5.48
CA MET A 21 -10.93 23.79 -5.53
C MET A 21 -9.59 23.13 -5.84
N PRO A 22 -9.34 21.93 -5.32
CA PRO A 22 -8.11 21.21 -5.58
C PRO A 22 -8.00 20.78 -7.03
N ASN A 23 -6.77 20.67 -7.52
CA ASN A 23 -6.53 20.18 -8.88
C ASN A 23 -6.97 18.72 -8.96
N LYS A 24 -6.66 17.98 -7.91
CA LYS A 24 -7.17 16.63 -7.73
C LYS A 24 -7.82 16.56 -6.34
N VAL A 25 -9.07 16.12 -6.29
CA VAL A 25 -9.81 16.09 -5.04
C VAL A 25 -9.05 15.31 -3.97
N ARG A 26 -8.96 15.87 -2.78
CA ARG A 26 -8.13 15.30 -1.73
C ARG A 26 -8.89 14.24 -0.95
N LYS A 27 -8.83 13.00 -1.42
CA LYS A 27 -9.36 11.88 -0.66
C LYS A 27 -8.22 11.21 0.08
N ILE A 28 -8.01 11.63 1.31
CA ILE A 28 -6.88 11.14 2.11
C ILE A 28 -7.38 10.51 3.40
N GLY A 29 -8.44 11.07 3.97
CA GLY A 29 -9.01 10.54 5.19
C GLY A 29 -9.49 9.12 5.02
N GLU A 30 -9.90 8.80 3.80
CA GLU A 30 -10.31 7.46 3.44
C GLU A 30 -9.16 6.48 3.68
N LEU A 31 -7.97 6.84 3.22
CA LEU A 31 -6.81 5.96 3.36
C LEU A 31 -6.42 5.85 4.84
N VAL A 32 -6.62 6.93 5.59
CA VAL A 32 -6.29 6.96 7.01
C VAL A 32 -7.15 5.96 7.78
N ARG A 33 -8.43 5.89 7.42
CA ARG A 33 -9.34 5.00 8.11
C ARG A 33 -9.00 3.55 7.81
N TYR A 34 -8.35 3.33 6.67
CA TYR A 34 -7.92 2.00 6.30
C TYR A 34 -6.68 1.58 7.08
N LEU A 35 -5.85 2.54 7.44
CA LEU A 35 -4.73 2.25 8.33
C LEU A 35 -5.26 1.69 9.65
N ASN A 36 -6.44 2.16 10.03
CA ASN A 36 -7.10 1.68 11.23
C ASN A 36 -7.86 0.38 10.96
N THR A 37 -8.52 0.30 9.82
CA THR A 37 -9.34 -0.86 9.47
C THR A 37 -8.59 -1.87 8.59
N ASN A 38 -8.48 -1.57 7.30
CA ASN A 38 -7.92 -2.51 6.34
C ASN A 38 -7.07 -1.80 5.29
N PRO A 39 -5.74 -1.82 5.45
CA PRO A 39 -4.81 -1.13 4.56
C PRO A 39 -4.88 -1.62 3.12
N VAL A 40 -5.04 -2.93 2.96
CA VAL A 40 -5.03 -3.55 1.63
C VAL A 40 -6.15 -3.00 0.76
N GLY A 41 -7.36 -2.97 1.31
CA GLY A 41 -8.51 -2.49 0.57
C GLY A 41 -8.36 -1.05 0.15
N GLY A 42 -7.78 -0.24 1.04
CA GLY A 42 -7.60 1.17 0.76
C GLY A 42 -6.60 1.41 -0.34
N LEU A 43 -5.50 0.68 -0.32
CA LEU A 43 -4.46 0.81 -1.35
C LEU A 43 -5.05 0.43 -2.71
N LEU A 44 -5.86 -0.61 -2.74
CA LEU A 44 -6.48 -1.08 -3.96
C LEU A 44 -7.44 -0.05 -4.54
N GLU A 45 -8.24 0.58 -3.68
CA GLU A 45 -9.24 1.52 -4.14
C GLU A 45 -8.63 2.89 -4.43
N TYR A 46 -7.52 3.21 -3.78
CA TYR A 46 -6.79 4.43 -4.07
C TYR A 46 -6.40 4.45 -5.55
N ALA A 47 -5.92 3.31 -6.04
CA ALA A 47 -5.48 3.20 -7.41
C ALA A 47 -6.65 3.34 -8.38
N ARG A 48 -7.73 2.62 -8.09
CA ARG A 48 -8.90 2.61 -8.97
C ARG A 48 -9.53 4.00 -9.05
N SER A 49 -9.42 4.74 -7.96
CA SER A 49 -9.99 6.07 -7.89
C SER A 49 -9.15 7.08 -8.66
N HIS A 50 -7.83 6.87 -8.67
CA HIS A 50 -6.90 7.83 -9.28
C HIS A 50 -6.52 7.44 -10.71
N GLY A 51 -6.83 6.23 -11.11
CA GLY A 51 -6.54 5.80 -12.46
C GLY A 51 -5.28 4.95 -12.54
N PHE A 52 -4.80 4.49 -11.39
CA PHE A 52 -3.65 3.60 -11.35
C PHE A 52 -4.10 2.16 -11.20
N ALA A 53 -3.14 1.27 -11.04
CA ALA A 53 -3.42 -0.13 -10.76
C ALA A 53 -2.65 -0.57 -9.53
N ALA A 54 -3.28 -1.36 -8.67
CA ALA A 54 -2.66 -1.77 -7.43
C ALA A 54 -2.31 -3.25 -7.45
N GLU A 55 -1.02 -3.55 -7.38
CA GLU A 55 -0.57 -4.93 -7.43
C GLU A 55 0.34 -5.24 -6.25
N PHE A 56 0.27 -6.48 -5.78
CA PHE A 56 1.13 -6.94 -4.70
C PHE A 56 1.91 -8.16 -5.17
N LYS A 57 3.18 -7.98 -5.47
CA LYS A 57 3.99 -9.06 -5.99
C LYS A 57 5.16 -9.38 -5.08
N LEU A 58 5.67 -10.59 -5.21
CA LEU A 58 6.84 -11.01 -4.48
C LEU A 58 8.10 -10.61 -5.24
N VAL A 59 8.96 -9.85 -4.60
CA VAL A 59 10.19 -9.39 -5.22
C VAL A 59 11.34 -10.32 -4.88
N ASP A 60 11.47 -10.66 -3.61
CA ASP A 60 12.56 -11.50 -3.14
C ASP A 60 12.08 -12.41 -2.03
N GLN A 61 12.66 -13.60 -1.93
CA GLN A 61 12.33 -14.53 -0.88
C GLN A 61 13.61 -15.09 -0.27
N SER A 62 13.98 -14.57 0.90
CA SER A 62 15.21 -14.97 1.56
C SER A 62 15.01 -15.02 3.07
N GLY A 63 15.44 -16.12 3.68
CA GLY A 63 15.32 -16.24 5.12
C GLY A 63 15.42 -17.69 5.57
N PRO A 64 15.03 -17.96 6.82
CA PRO A 64 15.01 -19.31 7.37
C PRO A 64 13.79 -20.10 6.89
N PRO A 65 13.82 -21.44 7.04
CA PRO A 65 12.72 -22.30 6.61
C PRO A 65 11.53 -22.25 7.57
N HIS A 66 11.80 -21.97 8.84
CA HIS A 66 10.75 -21.86 9.85
C HIS A 66 10.05 -20.50 9.76
N GLU A 67 10.73 -19.55 9.13
CA GLU A 67 10.16 -18.23 8.90
C GLU A 67 10.53 -17.74 7.50
N PRO A 68 9.81 -18.22 6.46
CA PRO A 68 10.04 -17.79 5.09
C PRO A 68 9.69 -16.31 4.92
N LYS A 69 10.70 -15.46 4.87
CA LYS A 69 10.46 -14.03 4.79
C LYS A 69 10.33 -13.60 3.33
N PHE A 70 9.14 -13.13 2.99
CA PHE A 70 8.82 -12.69 1.66
C PHE A 70 8.94 -11.19 1.53
N VAL A 71 9.72 -10.74 0.58
CA VAL A 71 9.83 -9.31 0.29
C VAL A 71 8.77 -8.92 -0.71
N TYR A 72 7.72 -8.28 -0.23
CA TYR A 72 6.61 -7.87 -1.08
C TYR A 72 6.70 -6.38 -1.37
N GLN A 73 6.35 -6.02 -2.59
CA GLN A 73 6.37 -4.63 -3.01
C GLN A 73 5.08 -4.29 -3.74
N ALA A 74 4.51 -3.14 -3.42
CA ALA A 74 3.26 -2.71 -4.01
C ALA A 74 3.52 -1.96 -5.31
N LYS A 75 3.05 -2.52 -6.40
CA LYS A 75 3.19 -1.89 -7.70
C LYS A 75 1.94 -1.09 -8.03
N VAL A 76 2.02 0.22 -7.83
CA VAL A 76 0.90 1.09 -8.09
C VAL A 76 1.14 1.86 -9.38
N GLY A 77 0.51 1.39 -10.46
CA GLY A 77 0.75 1.97 -11.76
C GLY A 77 2.14 1.62 -12.25
N GLY A 78 2.98 2.63 -12.35
CA GLY A 78 4.36 2.40 -12.73
C GLY A 78 5.31 2.67 -11.58
N ARG A 79 4.73 2.84 -10.40
CA ARG A 79 5.53 3.14 -9.21
C ARG A 79 5.57 1.93 -8.29
N TRP A 80 6.77 1.59 -7.85
CA TRP A 80 6.98 0.43 -7.00
C TRP A 80 7.30 0.87 -5.57
N PHE A 81 6.32 0.81 -4.69
CA PHE A 81 6.51 1.25 -3.31
C PHE A 81 5.34 0.81 -2.44
N PRO A 82 5.62 0.37 -1.20
CA PRO A 82 6.97 0.23 -0.69
C PRO A 82 7.50 -1.20 -0.86
N ALA A 83 8.64 -1.49 -0.25
CA ALA A 83 9.20 -2.83 -0.27
C ALA A 83 9.37 -3.35 1.14
N VAL A 84 8.46 -4.20 1.56
CA VAL A 84 8.47 -4.72 2.93
C VAL A 84 8.83 -6.19 2.94
N CYS A 85 9.11 -6.72 4.13
CA CYS A 85 9.47 -8.12 4.28
C CYS A 85 8.71 -8.77 5.43
N ALA A 86 7.84 -9.71 5.09
CA ALA A 86 7.03 -10.41 6.09
C ALA A 86 7.10 -11.90 5.83
N HIS A 87 6.99 -12.70 6.89
CA HIS A 87 7.12 -14.16 6.74
C HIS A 87 5.80 -14.80 6.31
N SER A 88 4.89 -14.00 5.79
CA SER A 88 3.63 -14.49 5.27
C SER A 88 3.17 -13.62 4.10
N LYS A 89 2.56 -14.25 3.10
CA LYS A 89 2.04 -13.55 1.93
C LYS A 89 1.02 -12.51 2.35
N LYS A 90 0.06 -12.92 3.17
CA LYS A 90 -1.01 -12.05 3.63
C LYS A 90 -0.42 -10.85 4.36
N GLN A 91 0.54 -11.11 5.25
CA GLN A 91 1.20 -10.05 5.99
C GLN A 91 1.97 -9.14 5.03
N GLY A 92 2.63 -9.74 4.05
CA GLY A 92 3.37 -8.96 3.06
C GLY A 92 2.49 -7.95 2.37
N LYS A 93 1.29 -8.39 1.97
CA LYS A 93 0.33 -7.50 1.34
C LYS A 93 -0.15 -6.41 2.32
N GLN A 94 -0.45 -6.84 3.55
CA GLN A 94 -0.94 -5.92 4.58
C GLN A 94 0.13 -4.88 4.92
N GLU A 95 1.35 -5.34 5.15
CA GLU A 95 2.46 -4.46 5.50
C GLU A 95 2.75 -3.46 4.38
N ALA A 96 2.74 -3.95 3.15
CA ALA A 96 2.99 -3.12 1.99
C ALA A 96 1.92 -2.05 1.85
N ALA A 97 0.67 -2.45 1.93
CA ALA A 97 -0.45 -1.52 1.79
C ALA A 97 -0.47 -0.51 2.93
N ASP A 98 -0.21 -0.99 4.14
CA ASP A 98 -0.17 -0.15 5.33
C ASP A 98 0.87 0.95 5.16
N ALA A 99 2.08 0.57 4.77
CA ALA A 99 3.16 1.52 4.57
C ALA A 99 2.87 2.43 3.38
N ALA A 100 2.30 1.86 2.32
CA ALA A 100 2.01 2.61 1.11
C ALA A 100 1.03 3.74 1.38
N LEU A 101 -0.01 3.46 2.16
CA LEU A 101 -1.01 4.47 2.49
C LEU A 101 -0.36 5.65 3.20
N ARG A 102 0.52 5.35 4.14
CA ARG A 102 1.24 6.38 4.88
C ARG A 102 2.08 7.23 3.94
N VAL A 103 2.61 6.62 2.90
CA VAL A 103 3.35 7.35 1.86
C VAL A 103 2.41 8.31 1.14
N LEU A 104 1.27 7.79 0.70
CA LEU A 104 0.28 8.57 -0.04
C LEU A 104 -0.23 9.73 0.81
N ILE A 105 -0.65 9.41 2.02
CA ILE A 105 -1.15 10.39 2.97
C ILE A 105 -0.08 11.45 3.27
N GLY A 106 1.09 11.00 3.68
CA GLY A 106 2.16 11.90 4.05
C GLY A 106 2.66 12.73 2.88
N GLU A 107 2.50 12.19 1.67
CA GLU A 107 2.88 12.90 0.46
C GLU A 107 1.99 14.12 0.26
N ASN A 108 0.69 13.92 0.42
CA ASN A 108 -0.27 15.01 0.26
C ASN A 108 -0.09 16.04 1.35
N GLU A 109 -0.06 15.57 2.61
CA GLU A 109 0.01 16.47 3.76
C GLU A 109 1.35 17.17 3.85
N LYS A 110 2.32 16.70 3.08
CA LYS A 110 3.61 17.37 2.98
C LYS A 110 3.43 18.69 2.22
N ALA A 111 2.34 18.76 1.47
CA ALA A 111 2.00 19.94 0.69
C ALA A 111 0.74 20.60 1.25
N GLU A 112 -0.16 19.74 1.75
CA GLU A 112 -1.47 20.15 2.22
C GLU A 112 -2.29 20.76 1.08
N ARG A 113 -2.94 19.89 0.33
CA ARG A 113 -3.74 20.31 -0.81
C ARG A 113 -4.94 19.41 -0.98
N MET A 20 -19.85 4.98 -2.50
CA MET A 20 -18.49 5.27 -3.02
C MET A 20 -18.35 6.75 -3.32
N MET A 21 -17.12 7.18 -3.55
CA MET A 21 -16.85 8.56 -3.92
C MET A 21 -15.79 8.59 -5.01
N PRO A 22 -16.04 9.38 -6.07
CA PRO A 22 -15.04 9.63 -7.11
C PRO A 22 -13.84 10.36 -6.53
N ASN A 23 -12.85 9.59 -6.11
CA ASN A 23 -11.70 10.12 -5.39
C ASN A 23 -10.62 10.56 -6.37
N LYS A 24 -10.74 11.78 -6.86
CA LYS A 24 -9.67 12.39 -7.64
C LYS A 24 -9.05 13.54 -6.83
N VAL A 25 -9.87 14.11 -5.96
CA VAL A 25 -9.40 15.10 -5.00
C VAL A 25 -8.66 14.39 -3.88
N ARG A 26 -7.75 15.08 -3.21
CA ARG A 26 -6.96 14.46 -2.16
C ARG A 26 -7.80 14.16 -0.91
N LYS A 27 -8.55 13.07 -0.96
CA LYS A 27 -9.23 12.56 0.22
C LYS A 27 -8.32 11.56 0.91
N ILE A 28 -7.47 12.08 1.77
CA ILE A 28 -6.44 11.28 2.41
C ILE A 28 -6.93 10.67 3.71
N GLY A 29 -7.92 11.32 4.31
CA GLY A 29 -8.56 10.77 5.49
C GLY A 29 -9.13 9.39 5.24
N GLU A 30 -9.43 9.11 3.98
CA GLU A 30 -9.89 7.79 3.57
C GLU A 30 -8.82 6.75 3.82
N LEU A 31 -7.60 7.02 3.38
CA LEU A 31 -6.51 6.06 3.49
C LEU A 31 -6.22 5.76 4.96
N VAL A 32 -6.43 6.75 5.80
CA VAL A 32 -6.23 6.61 7.24
C VAL A 32 -7.21 5.58 7.84
N ARG A 33 -8.45 5.61 7.36
CA ARG A 33 -9.46 4.68 7.87
C ARG A 33 -9.11 3.26 7.45
N TYR A 34 -8.37 3.13 6.36
CA TYR A 34 -7.96 1.82 5.88
C TYR A 34 -6.78 1.29 6.67
N LEU A 35 -5.95 2.19 7.18
CA LEU A 35 -4.85 1.79 8.06
C LEU A 35 -5.40 1.05 9.27
N ASN A 36 -6.54 1.51 9.77
CA ASN A 36 -7.21 0.88 10.88
C ASN A 36 -8.02 -0.34 10.42
N THR A 37 -8.71 -0.19 9.30
CA THR A 37 -9.57 -1.25 8.80
C THR A 37 -8.77 -2.31 8.01
N ASN A 38 -8.48 -2.01 6.75
CA ASN A 38 -7.74 -2.94 5.90
C ASN A 38 -6.90 -2.15 4.90
N PRO A 39 -5.59 -2.09 5.12
CA PRO A 39 -4.67 -1.32 4.29
C PRO A 39 -4.72 -1.75 2.82
N VAL A 40 -4.89 -3.05 2.61
CA VAL A 40 -4.91 -3.61 1.26
C VAL A 40 -6.05 -3.02 0.43
N GLY A 41 -7.24 -3.02 1.01
CA GLY A 41 -8.40 -2.48 0.31
C GLY A 41 -8.28 -0.99 0.08
N GLY A 42 -7.54 -0.32 0.95
CA GLY A 42 -7.33 1.10 0.81
C GLY A 42 -6.40 1.45 -0.34
N LEU A 43 -5.33 0.68 -0.46
CA LEU A 43 -4.38 0.87 -1.54
C LEU A 43 -5.05 0.58 -2.88
N LEU A 44 -5.88 -0.47 -2.89
CA LEU A 44 -6.65 -0.83 -4.08
C LEU A 44 -7.62 0.30 -4.44
N GLU A 45 -8.31 0.83 -3.43
CA GLU A 45 -9.28 1.87 -3.62
C GLU A 45 -8.62 3.16 -4.12
N TYR A 46 -7.47 3.49 -3.53
CA TYR A 46 -6.71 4.64 -3.96
C TYR A 46 -6.34 4.52 -5.44
N ALA A 47 -5.76 3.39 -5.80
CA ALA A 47 -5.31 3.18 -7.16
C ALA A 47 -6.48 3.18 -8.13
N ARG A 48 -7.49 2.37 -7.82
CA ARG A 48 -8.62 2.19 -8.72
C ARG A 48 -9.36 3.50 -8.97
N SER A 49 -9.43 4.35 -7.95
CA SER A 49 -10.14 5.61 -8.06
C SER A 49 -9.27 6.69 -8.72
N HIS A 50 -7.95 6.54 -8.60
CA HIS A 50 -7.03 7.53 -9.14
C HIS A 50 -6.55 7.15 -10.53
N GLY A 51 -6.99 5.99 -11.02
CA GLY A 51 -6.67 5.59 -12.37
C GLY A 51 -5.50 4.61 -12.43
N PHE A 52 -4.88 4.38 -11.29
CA PHE A 52 -3.73 3.47 -11.22
C PHE A 52 -4.19 2.02 -11.14
N ALA A 53 -3.26 1.12 -11.33
CA ALA A 53 -3.54 -0.30 -11.20
C ALA A 53 -2.66 -0.89 -10.11
N ALA A 54 -3.28 -1.28 -9.00
CA ALA A 54 -2.55 -1.77 -7.85
C ALA A 54 -2.24 -3.25 -7.95
N GLU A 55 -0.99 -3.61 -7.69
CA GLU A 55 -0.56 -5.00 -7.69
C GLU A 55 0.30 -5.30 -6.48
N PHE A 56 0.14 -6.49 -5.94
CA PHE A 56 0.95 -6.96 -4.83
C PHE A 56 1.71 -8.20 -5.25
N LYS A 57 2.98 -8.05 -5.58
CA LYS A 57 3.75 -9.18 -6.08
C LYS A 57 5.00 -9.39 -5.23
N LEU A 58 5.36 -10.66 -5.07
CA LEU A 58 6.55 -11.03 -4.32
C LEU A 58 7.80 -10.79 -5.17
N VAL A 59 8.65 -9.91 -4.70
CA VAL A 59 9.88 -9.60 -5.41
C VAL A 59 10.99 -10.55 -5.00
N ASP A 60 11.16 -10.70 -3.68
CA ASP A 60 12.19 -11.56 -3.12
C ASP A 60 11.69 -12.13 -1.81
N GLN A 61 12.22 -13.26 -1.41
CA GLN A 61 11.89 -13.81 -0.10
C GLN A 61 13.16 -14.25 0.62
N SER A 62 13.48 -13.56 1.69
CA SER A 62 14.63 -13.88 2.51
C SER A 62 14.16 -14.61 3.76
N GLY A 63 14.08 -15.93 3.69
CA GLY A 63 13.52 -16.66 4.80
C GLY A 63 14.04 -18.08 4.91
N PRO A 64 14.61 -18.43 6.07
CA PRO A 64 14.96 -19.81 6.41
C PRO A 64 13.69 -20.68 6.50
N PRO A 65 13.84 -22.02 6.55
CA PRO A 65 12.70 -22.94 6.61
C PRO A 65 11.78 -22.65 7.80
N HIS A 66 12.36 -22.20 8.90
CA HIS A 66 11.60 -21.95 10.13
C HIS A 66 11.04 -20.53 10.16
N GLU A 67 11.46 -19.69 9.23
CA GLU A 67 10.97 -18.31 9.16
C GLU A 67 11.02 -17.76 7.74
N PRO A 68 10.10 -18.22 6.88
CA PRO A 68 9.99 -17.69 5.51
C PRO A 68 9.48 -16.26 5.47
N LYS A 69 10.37 -15.31 5.25
CA LYS A 69 10.00 -13.91 5.17
C LYS A 69 9.82 -13.50 3.71
N PHE A 70 8.74 -12.81 3.43
CA PHE A 70 8.41 -12.43 2.07
C PHE A 70 8.56 -10.93 1.87
N VAL A 71 9.34 -10.56 0.87
CA VAL A 71 9.53 -9.16 0.52
C VAL A 71 8.55 -8.76 -0.57
N TYR A 72 7.51 -8.05 -0.18
CA TYR A 72 6.47 -7.63 -1.11
C TYR A 72 6.63 -6.18 -1.50
N GLN A 73 6.30 -5.89 -2.75
CA GLN A 73 6.36 -4.55 -3.27
C GLN A 73 5.07 -4.23 -4.00
N ALA A 74 4.49 -3.09 -3.69
CA ALA A 74 3.23 -2.69 -4.30
C ALA A 74 3.48 -1.91 -5.58
N LYS A 75 2.90 -2.39 -6.67
CA LYS A 75 3.00 -1.72 -7.95
C LYS A 75 1.73 -0.93 -8.18
N VAL A 76 1.80 0.39 -8.04
CA VAL A 76 0.62 1.21 -8.23
C VAL A 76 0.71 2.01 -9.53
N GLY A 77 0.18 1.43 -10.59
CA GLY A 77 0.19 2.09 -11.89
C GLY A 77 1.54 1.98 -12.58
N GLY A 78 2.52 1.48 -11.85
CA GLY A 78 3.86 1.37 -12.38
C GLY A 78 4.89 1.79 -11.36
N ARG A 79 4.50 2.70 -10.48
CA ARG A 79 5.36 3.15 -9.40
C ARG A 79 5.49 2.04 -8.36
N TRP A 80 6.71 1.56 -8.17
CA TRP A 80 6.96 0.49 -7.22
C TRP A 80 7.22 1.05 -5.83
N PHE A 81 6.24 0.91 -4.95
CA PHE A 81 6.36 1.39 -3.59
C PHE A 81 5.22 0.84 -2.74
N PRO A 82 5.52 0.42 -1.51
CA PRO A 82 6.86 0.40 -0.97
C PRO A 82 7.51 -0.97 -1.10
N ALA A 83 8.63 -1.16 -0.41
CA ALA A 83 9.31 -2.45 -0.38
C ALA A 83 9.37 -2.95 1.06
N VAL A 84 8.48 -3.87 1.41
CA VAL A 84 8.38 -4.35 2.78
C VAL A 84 8.70 -5.83 2.87
N CYS A 85 8.82 -6.32 4.09
CA CYS A 85 9.08 -7.73 4.31
C CYS A 85 8.32 -8.23 5.54
N ALA A 86 7.49 -9.23 5.34
CA ALA A 86 6.70 -9.80 6.42
C ALA A 86 6.93 -11.29 6.52
N HIS A 87 6.72 -11.86 7.70
CA HIS A 87 6.97 -13.28 7.92
C HIS A 87 5.81 -14.13 7.39
N SER A 88 4.77 -13.45 6.93
CA SER A 88 3.60 -14.13 6.38
C SER A 88 3.23 -13.50 5.04
N LYS A 89 2.77 -14.33 4.12
CA LYS A 89 2.46 -13.89 2.76
C LYS A 89 1.30 -12.89 2.77
N LYS A 90 0.27 -13.17 3.55
CA LYS A 90 -0.88 -12.28 3.63
C LYS A 90 -0.47 -10.96 4.27
N GLN A 91 0.41 -11.03 5.24
CA GLN A 91 0.91 -9.83 5.90
C GLN A 91 1.77 -9.02 4.95
N GLY A 92 2.47 -9.69 4.05
CA GLY A 92 3.25 -9.00 3.04
C GLY A 92 2.42 -8.04 2.22
N LYS A 93 1.24 -8.52 1.83
CA LYS A 93 0.28 -7.69 1.09
C LYS A 93 -0.20 -6.53 1.96
N GLN A 94 -0.49 -6.82 3.21
CA GLN A 94 -0.99 -5.81 4.14
C GLN A 94 0.07 -4.76 4.44
N GLU A 95 1.29 -5.22 4.74
CA GLU A 95 2.39 -4.32 5.06
C GLU A 95 2.72 -3.41 3.89
N ALA A 96 2.68 -3.96 2.68
CA ALA A 96 2.93 -3.19 1.48
C ALA A 96 1.90 -2.09 1.33
N ALA A 97 0.62 -2.47 1.40
CA ALA A 97 -0.47 -1.52 1.28
C ALA A 97 -0.45 -0.50 2.42
N ASP A 98 -0.19 -0.99 3.63
CA ASP A 98 -0.14 -0.16 4.82
C ASP A 98 0.89 0.95 4.66
N ALA A 99 2.13 0.56 4.38
CA ALA A 99 3.22 1.51 4.23
C ALA A 99 2.97 2.42 3.02
N ALA A 100 2.34 1.87 1.98
CA ALA A 100 2.00 2.65 0.79
C ALA A 100 1.04 3.78 1.14
N LEU A 101 0.06 3.48 1.98
CA LEU A 101 -0.91 4.48 2.42
C LEU A 101 -0.19 5.55 3.24
N ARG A 102 0.76 5.10 4.06
CA ARG A 102 1.58 6.01 4.87
C ARG A 102 2.31 7.00 3.97
N VAL A 103 2.82 6.49 2.85
CA VAL A 103 3.48 7.32 1.85
C VAL A 103 2.53 8.41 1.33
N LEU A 104 1.36 7.98 0.90
CA LEU A 104 0.37 8.88 0.32
C LEU A 104 -0.06 9.93 1.35
N ILE A 105 -0.40 9.47 2.54
CA ILE A 105 -0.80 10.35 3.63
C ILE A 105 0.33 11.33 3.98
N GLY A 106 1.56 10.83 4.00
CA GLY A 106 2.70 11.64 4.32
C GLY A 106 2.96 12.73 3.30
N GLU A 107 2.87 12.37 2.02
CA GLU A 107 3.11 13.32 0.94
C GLU A 107 2.08 14.45 0.97
N ASN A 108 0.82 14.09 1.16
CA ASN A 108 -0.24 15.08 1.21
C ASN A 108 -0.09 15.98 2.44
N GLU A 109 0.35 15.39 3.54
CA GLU A 109 0.59 16.15 4.76
C GLU A 109 1.70 17.17 4.54
N LYS A 110 2.87 16.68 4.14
CA LYS A 110 4.03 17.56 3.95
C LYS A 110 3.79 18.58 2.84
N ALA A 111 2.80 18.34 1.99
CA ALA A 111 2.44 19.29 0.96
C ALA A 111 1.86 20.57 1.56
N GLU A 112 1.30 20.45 2.76
CA GLU A 112 0.75 21.60 3.45
C GLU A 112 1.55 21.91 4.73
N ARG A 113 2.59 21.12 4.96
CA ARG A 113 3.45 21.32 6.12
C ARG A 113 4.86 21.66 5.66
N MET A 20 -23.20 4.34 -2.80
CA MET A 20 -22.93 4.23 -4.25
C MET A 20 -22.34 5.52 -4.79
N MET A 21 -22.01 5.53 -6.08
CA MET A 21 -21.38 6.67 -6.74
C MET A 21 -20.01 6.96 -6.15
N PRO A 22 -18.98 6.25 -6.64
CA PRO A 22 -17.60 6.42 -6.18
C PRO A 22 -16.98 7.70 -6.73
N ASN A 23 -16.83 8.68 -5.87
CA ASN A 23 -16.28 9.97 -6.28
C ASN A 23 -14.76 9.94 -6.24
N LYS A 24 -14.13 10.59 -7.22
CA LYS A 24 -12.67 10.64 -7.29
C LYS A 24 -12.15 11.67 -6.30
N VAL A 25 -12.09 11.28 -5.04
CA VAL A 25 -11.72 12.21 -3.97
C VAL A 25 -10.22 12.28 -3.78
N ARG A 26 -9.78 13.36 -3.16
CA ARG A 26 -8.39 13.53 -2.78
C ARG A 26 -8.29 13.42 -1.26
N LYS A 27 -9.43 13.12 -0.65
CA LYS A 27 -9.53 13.02 0.80
C LYS A 27 -8.62 11.92 1.34
N ILE A 28 -7.52 12.34 1.95
CA ILE A 28 -6.54 11.41 2.49
C ILE A 28 -7.06 10.73 3.75
N GLY A 29 -8.02 11.38 4.40
CA GLY A 29 -8.62 10.84 5.60
C GLY A 29 -9.24 9.47 5.38
N GLU A 30 -9.59 9.16 4.13
CA GLU A 30 -10.17 7.87 3.79
C GLU A 30 -9.08 6.79 3.83
N LEU A 31 -7.91 7.12 3.32
CA LEU A 31 -6.79 6.18 3.35
C LEU A 31 -6.39 5.89 4.78
N VAL A 32 -6.56 6.90 5.64
CA VAL A 32 -6.28 6.77 7.06
C VAL A 32 -7.20 5.75 7.71
N ARG A 33 -8.48 5.79 7.33
CA ARG A 33 -9.47 4.87 7.90
C ARG A 33 -9.12 3.42 7.55
N TYR A 34 -8.40 3.25 6.44
CA TYR A 34 -7.98 1.92 6.03
C TYR A 34 -6.79 1.44 6.83
N LEU A 35 -5.97 2.36 7.32
CA LEU A 35 -4.90 2.00 8.24
C LEU A 35 -5.50 1.45 9.53
N ASN A 36 -6.74 1.85 9.79
CA ASN A 36 -7.50 1.32 10.91
C ASN A 36 -8.12 -0.03 10.55
N THR A 37 -8.87 -0.07 9.47
CA THR A 37 -9.61 -1.26 9.09
C THR A 37 -8.79 -2.21 8.19
N ASN A 38 -8.59 -1.82 6.93
CA ASN A 38 -7.96 -2.69 5.95
C ASN A 38 -7.10 -1.90 4.98
N PRO A 39 -5.78 -1.92 5.17
CA PRO A 39 -4.84 -1.18 4.33
C PRO A 39 -4.87 -1.63 2.88
N VAL A 40 -5.02 -2.95 2.69
CA VAL A 40 -5.01 -3.53 1.36
C VAL A 40 -6.15 -2.98 0.51
N GLY A 41 -7.34 -2.91 1.09
CA GLY A 41 -8.50 -2.45 0.34
C GLY A 41 -8.37 -1.00 -0.06
N GLY A 42 -7.84 -0.19 0.85
CA GLY A 42 -7.71 1.24 0.59
C GLY A 42 -6.68 1.53 -0.49
N LEU A 43 -5.60 0.78 -0.49
CA LEU A 43 -4.56 0.94 -1.51
C LEU A 43 -5.13 0.62 -2.88
N LEU A 44 -5.94 -0.43 -2.94
CA LEU A 44 -6.56 -0.86 -4.18
C LEU A 44 -7.55 0.18 -4.69
N GLU A 45 -8.36 0.74 -3.80
CA GLU A 45 -9.40 1.69 -4.22
C GLU A 45 -8.82 3.08 -4.46
N TYR A 46 -7.70 3.40 -3.82
CA TYR A 46 -6.99 4.63 -4.12
C TYR A 46 -6.63 4.66 -5.60
N ALA A 47 -6.10 3.54 -6.08
CA ALA A 47 -5.70 3.41 -7.46
C ALA A 47 -6.91 3.44 -8.39
N ARG A 48 -7.93 2.67 -8.06
CA ARG A 48 -9.12 2.56 -8.91
C ARG A 48 -9.79 3.92 -9.07
N SER A 49 -9.73 4.72 -8.02
CA SER A 49 -10.35 6.05 -8.02
C SER A 49 -9.51 7.04 -8.82
N HIS A 50 -8.19 6.92 -8.69
CA HIS A 50 -7.28 7.91 -9.28
C HIS A 50 -6.77 7.48 -10.65
N GLY A 51 -7.23 6.33 -11.11
CA GLY A 51 -6.90 5.88 -12.46
C GLY A 51 -5.63 5.05 -12.53
N PHE A 52 -5.05 4.75 -11.37
CA PHE A 52 -3.84 3.94 -11.33
C PHE A 52 -4.18 2.46 -11.18
N ALA A 53 -3.16 1.62 -11.25
CA ALA A 53 -3.31 0.21 -11.00
C ALA A 53 -2.67 -0.15 -9.67
N ALA A 54 -3.22 -1.11 -8.97
CA ALA A 54 -2.70 -1.51 -7.67
C ALA A 54 -2.47 -3.01 -7.61
N GLU A 55 -1.21 -3.42 -7.57
CA GLU A 55 -0.87 -4.83 -7.57
C GLU A 55 0.22 -5.11 -6.54
N PHE A 56 0.27 -6.35 -6.06
CA PHE A 56 1.25 -6.76 -5.08
C PHE A 56 2.07 -7.93 -5.61
N LYS A 57 3.36 -7.74 -5.75
CA LYS A 57 4.23 -8.80 -6.25
C LYS A 57 5.27 -9.20 -5.21
N LEU A 58 5.64 -10.47 -5.25
CA LEU A 58 6.69 -10.99 -4.39
C LEU A 58 8.01 -10.89 -5.14
N VAL A 59 8.81 -9.89 -4.79
CA VAL A 59 10.05 -9.61 -5.51
C VAL A 59 11.09 -10.67 -5.20
N ASP A 60 11.23 -11.00 -3.92
CA ASP A 60 12.21 -11.98 -3.48
C ASP A 60 11.83 -12.48 -2.11
N GLN A 61 12.39 -13.60 -1.68
CA GLN A 61 12.10 -14.13 -0.36
C GLN A 61 13.36 -14.64 0.31
N SER A 62 13.61 -14.14 1.51
CA SER A 62 14.78 -14.52 2.27
C SER A 62 14.35 -15.02 3.64
N GLY A 63 14.31 -16.33 3.83
CA GLY A 63 13.88 -16.86 5.09
C GLY A 63 14.02 -18.36 5.20
N PRO A 64 14.54 -18.83 6.34
CA PRO A 64 14.60 -20.26 6.68
C PRO A 64 13.19 -20.86 6.80
N PRO A 65 13.07 -22.18 6.89
CA PRO A 65 11.77 -22.85 6.98
C PRO A 65 10.97 -22.42 8.21
N HIS A 66 11.68 -22.03 9.27
CA HIS A 66 11.03 -21.62 10.50
C HIS A 66 10.68 -20.12 10.48
N GLU A 67 11.29 -19.38 9.57
CA GLU A 67 11.10 -17.94 9.52
C GLU A 67 11.31 -17.38 8.11
N PRO A 68 10.41 -17.68 7.18
CA PRO A 68 10.52 -17.20 5.80
C PRO A 68 10.03 -15.76 5.64
N LYS A 69 10.96 -14.85 5.43
CA LYS A 69 10.62 -13.45 5.19
C LYS A 69 10.46 -13.18 3.70
N PHE A 70 9.24 -12.85 3.29
CA PHE A 70 8.94 -12.59 1.89
C PHE A 70 8.97 -11.09 1.63
N VAL A 71 9.69 -10.69 0.59
CA VAL A 71 9.78 -9.29 0.22
C VAL A 71 8.71 -8.95 -0.82
N TYR A 72 7.69 -8.25 -0.36
CA TYR A 72 6.58 -7.84 -1.22
C TYR A 72 6.72 -6.37 -1.59
N GLN A 73 6.33 -6.05 -2.81
CA GLN A 73 6.35 -4.68 -3.28
C GLN A 73 5.06 -4.36 -4.01
N ALA A 74 4.49 -3.21 -3.71
CA ALA A 74 3.24 -2.80 -4.32
C ALA A 74 3.49 -1.98 -5.58
N LYS A 75 2.87 -2.40 -6.67
CA LYS A 75 2.95 -1.71 -7.92
C LYS A 75 1.73 -0.82 -8.09
N VAL A 76 1.93 0.48 -7.96
CA VAL A 76 0.83 1.43 -8.10
C VAL A 76 1.07 2.34 -9.30
N GLY A 77 0.35 2.05 -10.38
CA GLY A 77 0.57 2.76 -11.62
C GLY A 77 1.88 2.37 -12.24
N GLY A 78 2.80 3.33 -12.32
CA GLY A 78 4.13 3.03 -12.81
C GLY A 78 5.15 3.12 -11.70
N ARG A 79 4.66 3.22 -10.47
CA ARG A 79 5.53 3.36 -9.31
C ARG A 79 5.54 2.07 -8.51
N TRP A 80 6.70 1.75 -7.97
CA TRP A 80 6.88 0.54 -7.20
C TRP A 80 7.23 0.89 -5.76
N PHE A 81 6.26 0.77 -4.87
CA PHE A 81 6.44 1.14 -3.48
C PHE A 81 5.26 0.65 -2.65
N PRO A 82 5.52 0.19 -1.43
CA PRO A 82 6.86 0.05 -0.89
C PRO A 82 7.37 -1.39 -1.01
N ALA A 83 8.59 -1.62 -0.55
CA ALA A 83 9.15 -2.96 -0.48
C ALA A 83 9.28 -3.37 0.97
N VAL A 84 8.49 -4.36 1.38
CA VAL A 84 8.48 -4.81 2.77
C VAL A 84 8.76 -6.31 2.84
N CYS A 85 9.38 -6.74 3.93
CA CYS A 85 9.66 -8.14 4.14
C CYS A 85 8.94 -8.66 5.38
N ALA A 86 8.00 -9.57 5.18
CA ALA A 86 7.21 -10.11 6.28
C ALA A 86 7.35 -11.63 6.33
N HIS A 87 7.09 -12.20 7.50
CA HIS A 87 7.27 -13.64 7.69
C HIS A 87 6.04 -14.42 7.20
N SER A 88 5.16 -13.76 6.49
CA SER A 88 3.95 -14.38 6.01
C SER A 88 3.47 -13.67 4.74
N LYS A 89 2.89 -14.45 3.82
CA LYS A 89 2.43 -13.91 2.54
C LYS A 89 1.38 -12.83 2.74
N LYS A 90 0.36 -13.12 3.54
CA LYS A 90 -0.70 -12.16 3.81
C LYS A 90 -0.13 -10.91 4.49
N GLN A 91 0.85 -11.13 5.37
CA GLN A 91 1.49 -10.03 6.07
C GLN A 91 2.23 -9.12 5.09
N GLY A 92 2.90 -9.74 4.12
CA GLY A 92 3.63 -8.99 3.12
C GLY A 92 2.75 -8.00 2.39
N LYS A 93 1.60 -8.46 1.93
CA LYS A 93 0.64 -7.61 1.23
C LYS A 93 0.09 -6.52 2.14
N GLN A 94 -0.29 -6.91 3.35
CA GLN A 94 -0.90 -5.98 4.30
C GLN A 94 0.09 -4.92 4.76
N GLU A 95 1.30 -5.33 5.12
CA GLU A 95 2.34 -4.38 5.52
C GLU A 95 2.69 -3.44 4.39
N ALA A 96 2.74 -3.99 3.17
CA ALA A 96 3.02 -3.19 1.99
C ALA A 96 1.93 -2.15 1.78
N ALA A 97 0.67 -2.58 1.88
CA ALA A 97 -0.46 -1.68 1.69
C ALA A 97 -0.50 -0.62 2.79
N ASP A 98 -0.26 -1.04 4.02
CA ASP A 98 -0.18 -0.12 5.16
C ASP A 98 0.87 0.95 4.91
N ALA A 99 2.06 0.50 4.55
CA ALA A 99 3.17 1.39 4.27
C ALA A 99 2.87 2.26 3.05
N ALA A 100 2.23 1.67 2.04
CA ALA A 100 1.88 2.39 0.82
C ALA A 100 0.93 3.53 1.11
N LEU A 101 -0.11 3.26 1.90
CA LEU A 101 -1.05 4.30 2.29
C LEU A 101 -0.33 5.39 3.07
N ARG A 102 0.54 4.97 3.98
CA ARG A 102 1.32 5.92 4.78
C ARG A 102 2.26 6.76 3.90
N VAL A 103 2.66 6.21 2.76
CA VAL A 103 3.42 6.99 1.79
C VAL A 103 2.54 8.08 1.18
N LEU A 104 1.37 7.66 0.71
CA LEU A 104 0.41 8.57 0.09
C LEU A 104 -0.02 9.64 1.09
N ILE A 105 -0.42 9.19 2.27
CA ILE A 105 -0.84 10.07 3.35
C ILE A 105 0.28 11.02 3.75
N GLY A 106 1.50 10.49 3.85
CA GLY A 106 2.64 11.31 4.21
C GLY A 106 3.01 12.32 3.15
N GLU A 107 2.79 11.96 1.88
CA GLU A 107 3.05 12.85 0.77
C GLU A 107 2.06 14.00 0.76
N ASN A 108 0.80 13.68 0.98
CA ASN A 108 -0.28 14.68 0.91
C ASN A 108 -0.54 15.26 2.31
N GLU A 109 0.33 14.93 3.25
CA GLU A 109 0.17 15.35 4.64
C GLU A 109 0.28 16.86 4.77
N LYS A 110 -0.86 17.50 5.01
CA LYS A 110 -0.96 18.97 5.09
C LYS A 110 -0.55 19.62 3.77
N ALA A 111 -0.62 18.86 2.70
CA ALA A 111 -0.25 19.36 1.38
C ALA A 111 -1.44 19.30 0.44
N GLU A 112 -1.88 20.46 -0.01
CA GLU A 112 -2.96 20.52 -0.96
C GLU A 112 -2.41 20.29 -2.38
N ARG A 113 -2.54 19.06 -2.85
CA ARG A 113 -2.12 18.72 -4.20
C ARG A 113 -3.31 18.70 -5.13
N MET A 20 -0.86 21.19 -12.64
CA MET A 20 -1.55 20.30 -11.69
C MET A 20 -3.06 20.50 -11.78
N MET A 21 -3.56 21.54 -11.11
CA MET A 21 -4.99 21.82 -11.04
C MET A 21 -5.78 20.59 -10.60
N PRO A 22 -5.75 20.28 -9.29
CA PRO A 22 -6.47 19.12 -8.75
C PRO A 22 -7.97 19.37 -8.70
N ASN A 23 -8.66 19.01 -9.77
CA ASN A 23 -10.11 19.10 -9.82
C ASN A 23 -10.73 18.08 -8.88
N LYS A 24 -10.03 16.95 -8.75
CA LYS A 24 -10.39 15.93 -7.77
C LYS A 24 -9.64 16.22 -6.48
N VAL A 25 -10.37 16.50 -5.43
CA VAL A 25 -9.77 16.88 -4.15
C VAL A 25 -8.90 15.76 -3.60
N ARG A 26 -7.89 16.13 -2.83
CA ARG A 26 -6.97 15.17 -2.25
C ARG A 26 -7.59 14.51 -1.02
N LYS A 27 -8.39 13.48 -1.25
CA LYS A 27 -9.01 12.73 -0.19
C LYS A 27 -8.00 11.80 0.46
N ILE A 28 -7.57 12.15 1.66
CA ILE A 28 -6.48 11.44 2.33
C ILE A 28 -6.96 10.78 3.63
N GLY A 29 -7.93 11.42 4.29
CA GLY A 29 -8.45 10.89 5.55
C GLY A 29 -9.07 9.51 5.37
N GLU A 30 -9.56 9.25 4.16
CA GLU A 30 -10.14 7.96 3.83
C GLU A 30 -9.08 6.87 3.92
N LEU A 31 -7.87 7.16 3.48
CA LEU A 31 -6.79 6.19 3.52
C LEU A 31 -6.41 5.90 4.97
N VAL A 32 -6.58 6.89 5.82
CA VAL A 32 -6.25 6.77 7.23
C VAL A 32 -7.18 5.76 7.92
N ARG A 33 -8.47 5.82 7.58
CA ARG A 33 -9.45 4.91 8.17
C ARG A 33 -9.13 3.47 7.75
N TYR A 34 -8.53 3.31 6.58
CA TYR A 34 -8.14 2.00 6.11
C TYR A 34 -6.91 1.50 6.86
N LEU A 35 -6.06 2.41 7.30
CA LEU A 35 -4.94 2.05 8.16
C LEU A 35 -5.44 1.42 9.44
N ASN A 36 -6.66 1.81 9.83
CA ASN A 36 -7.31 1.24 11.01
C ASN A 36 -8.06 -0.04 10.64
N THR A 37 -8.79 0.00 9.54
CA THR A 37 -9.64 -1.12 9.12
C THR A 37 -8.88 -2.11 8.24
N ASN A 38 -8.68 -1.75 6.97
CA ASN A 38 -8.04 -2.63 6.00
C ASN A 38 -7.20 -1.82 5.03
N PRO A 39 -5.88 -1.86 5.19
CA PRO A 39 -4.95 -1.11 4.33
C PRO A 39 -5.04 -1.53 2.87
N VAL A 40 -5.27 -2.82 2.65
CA VAL A 40 -5.34 -3.37 1.30
C VAL A 40 -6.54 -2.78 0.55
N GLY A 41 -7.68 -2.74 1.23
CA GLY A 41 -8.88 -2.19 0.63
C GLY A 41 -8.73 -0.75 0.23
N GLY A 42 -7.98 0.01 1.02
CA GLY A 42 -7.76 1.41 0.73
C GLY A 42 -6.79 1.61 -0.41
N LEU A 43 -5.72 0.83 -0.43
CA LEU A 43 -4.72 0.92 -1.48
C LEU A 43 -5.35 0.58 -2.84
N LEU A 44 -6.21 -0.42 -2.84
CA LEU A 44 -6.88 -0.84 -4.06
C LEU A 44 -7.80 0.25 -4.60
N GLU A 45 -8.61 0.85 -3.71
CA GLU A 45 -9.54 1.87 -4.15
C GLU A 45 -8.83 3.18 -4.49
N TYR A 46 -7.72 3.45 -3.81
CA TYR A 46 -6.90 4.61 -4.11
C TYR A 46 -6.45 4.55 -5.56
N ALA A 47 -5.93 3.40 -5.97
CA ALA A 47 -5.41 3.23 -7.31
C ALA A 47 -6.54 3.35 -8.34
N ARG A 48 -7.61 2.60 -8.12
CA ARG A 48 -8.70 2.52 -9.07
C ARG A 48 -9.36 3.87 -9.28
N SER A 49 -9.43 4.65 -8.22
CA SER A 49 -10.04 5.97 -8.29
C SER A 49 -9.10 6.99 -8.94
N HIS A 50 -7.81 6.86 -8.67
CA HIS A 50 -6.84 7.86 -9.09
C HIS A 50 -6.24 7.54 -10.46
N GLY A 51 -6.63 6.41 -11.04
CA GLY A 51 -6.17 6.07 -12.38
C GLY A 51 -4.94 5.18 -12.36
N PHE A 52 -4.58 4.71 -11.18
CA PHE A 52 -3.45 3.79 -11.04
C PHE A 52 -3.93 2.35 -11.08
N ALA A 53 -2.99 1.42 -11.00
CA ALA A 53 -3.30 0.01 -10.93
C ALA A 53 -2.54 -0.62 -9.77
N ALA A 54 -3.26 -1.28 -8.88
CA ALA A 54 -2.64 -1.85 -7.68
C ALA A 54 -2.29 -3.32 -7.90
N GLU A 55 -1.00 -3.61 -7.87
CA GLU A 55 -0.51 -4.97 -8.09
C GLU A 55 0.40 -5.41 -6.95
N PHE A 56 0.07 -6.54 -6.34
CA PHE A 56 0.87 -7.10 -5.25
C PHE A 56 1.68 -8.30 -5.73
N LYS A 57 2.99 -8.18 -5.67
CA LYS A 57 3.85 -9.29 -6.08
C LYS A 57 4.96 -9.53 -5.08
N LEU A 58 5.39 -10.78 -5.00
CA LEU A 58 6.53 -11.16 -4.20
C LEU A 58 7.79 -10.96 -5.05
N VAL A 59 8.61 -9.99 -4.68
CA VAL A 59 9.78 -9.64 -5.49
C VAL A 59 10.95 -10.56 -5.18
N ASP A 60 11.21 -10.78 -3.90
CA ASP A 60 12.34 -11.61 -3.49
C ASP A 60 12.05 -12.26 -2.15
N GLN A 61 12.61 -13.44 -1.93
CA GLN A 61 12.41 -14.15 -0.67
C GLN A 61 13.66 -14.91 -0.26
N SER A 62 13.81 -15.12 1.04
CA SER A 62 14.97 -15.80 1.60
C SER A 62 14.75 -15.97 3.09
N GLY A 63 15.79 -16.40 3.81
CA GLY A 63 15.70 -16.51 5.25
C GLY A 63 15.64 -17.95 5.72
N PRO A 64 15.65 -18.17 7.04
CA PRO A 64 15.61 -19.52 7.63
C PRO A 64 14.25 -20.20 7.43
N PRO A 65 14.19 -21.53 7.62
CA PRO A 65 12.95 -22.30 7.47
C PRO A 65 11.87 -21.90 8.49
N HIS A 66 12.30 -21.53 9.68
CA HIS A 66 11.38 -21.14 10.74
C HIS A 66 10.96 -19.67 10.59
N GLU A 67 11.70 -18.93 9.79
CA GLU A 67 11.37 -17.53 9.52
C GLU A 67 11.50 -17.22 8.03
N PRO A 68 10.54 -17.69 7.22
CA PRO A 68 10.54 -17.42 5.78
C PRO A 68 10.25 -15.95 5.50
N LYS A 69 11.23 -15.26 4.94
CA LYS A 69 11.10 -13.84 4.68
C LYS A 69 10.76 -13.58 3.22
N PHE A 70 9.59 -13.00 3.00
CA PHE A 70 9.11 -12.69 1.67
C PHE A 70 9.01 -11.18 1.48
N VAL A 71 9.73 -10.67 0.50
CA VAL A 71 9.70 -9.25 0.22
C VAL A 71 8.62 -8.92 -0.80
N TYR A 72 7.54 -8.31 -0.31
CA TYR A 72 6.44 -7.92 -1.15
C TYR A 72 6.53 -6.44 -1.48
N GLN A 73 6.24 -6.11 -2.73
CA GLN A 73 6.27 -4.73 -3.16
C GLN A 73 4.97 -4.39 -3.87
N ALA A 74 4.42 -3.23 -3.55
CA ALA A 74 3.17 -2.80 -4.15
C ALA A 74 3.43 -1.99 -5.41
N LYS A 75 3.04 -2.55 -6.54
CA LYS A 75 3.15 -1.86 -7.80
C LYS A 75 1.88 -1.06 -8.03
N VAL A 76 1.97 0.25 -7.85
CA VAL A 76 0.82 1.11 -8.01
C VAL A 76 0.99 1.97 -9.27
N GLY A 77 0.32 1.56 -10.33
CA GLY A 77 0.48 2.23 -11.60
C GLY A 77 1.81 1.87 -12.25
N GLY A 78 2.65 2.86 -12.44
CA GLY A 78 3.96 2.61 -12.98
C GLY A 78 5.03 2.68 -11.90
N ARG A 79 4.59 2.86 -10.67
CA ARG A 79 5.51 3.01 -9.55
C ARG A 79 5.56 1.73 -8.73
N TRP A 80 6.70 1.53 -8.07
CA TRP A 80 6.88 0.38 -7.20
C TRP A 80 7.15 0.88 -5.77
N PHE A 81 6.16 0.77 -4.90
CA PHE A 81 6.31 1.21 -3.51
C PHE A 81 5.12 0.78 -2.67
N PRO A 82 5.37 0.32 -1.44
CA PRO A 82 6.71 0.14 -0.90
C PRO A 82 7.16 -1.31 -0.97
N ALA A 83 8.35 -1.60 -0.45
CA ALA A 83 8.84 -2.97 -0.37
C ALA A 83 8.95 -3.37 1.09
N VAL A 84 8.17 -4.37 1.48
CA VAL A 84 8.15 -4.82 2.88
C VAL A 84 8.58 -6.27 3.01
N CYS A 85 9.35 -6.55 4.04
CA CYS A 85 9.81 -7.90 4.31
C CYS A 85 8.89 -8.59 5.31
N ALA A 86 8.04 -9.47 4.79
CA ALA A 86 7.06 -10.16 5.62
C ALA A 86 7.45 -11.61 5.81
N HIS A 87 6.65 -12.33 6.60
CA HIS A 87 6.90 -13.75 6.85
C HIS A 87 5.74 -14.57 6.32
N SER A 88 4.89 -13.93 5.53
CA SER A 88 3.69 -14.57 5.02
C SER A 88 3.08 -13.69 3.92
N LYS A 89 2.35 -14.32 3.01
CA LYS A 89 1.68 -13.60 1.93
C LYS A 89 0.65 -12.64 2.53
N LYS A 90 -0.08 -13.12 3.52
CA LYS A 90 -1.08 -12.33 4.23
C LYS A 90 -0.44 -11.09 4.85
N GLN A 91 0.76 -11.26 5.40
CA GLN A 91 1.49 -10.13 5.98
C GLN A 91 1.97 -9.20 4.87
N GLY A 92 2.54 -9.79 3.83
CA GLY A 92 3.11 -9.02 2.74
C GLY A 92 2.14 -8.04 2.14
N LYS A 93 0.93 -8.49 1.85
CA LYS A 93 -0.07 -7.64 1.23
C LYS A 93 -0.51 -6.52 2.18
N GLN A 94 -0.76 -6.88 3.43
CA GLN A 94 -1.23 -5.91 4.41
C GLN A 94 -0.16 -4.88 4.73
N GLU A 95 1.05 -5.34 5.03
CA GLU A 95 2.14 -4.44 5.39
C GLU A 95 2.49 -3.52 4.22
N ALA A 96 2.48 -4.07 3.01
CA ALA A 96 2.76 -3.28 1.82
C ALA A 96 1.73 -2.19 1.64
N ALA A 97 0.46 -2.57 1.70
CA ALA A 97 -0.63 -1.62 1.54
C ALA A 97 -0.66 -0.61 2.69
N ASP A 98 -0.38 -1.10 3.89
CA ASP A 98 -0.32 -0.25 5.08
C ASP A 98 0.72 0.85 4.89
N ALA A 99 1.94 0.44 4.56
CA ALA A 99 3.02 1.37 4.33
C ALA A 99 2.72 2.26 3.12
N ALA A 100 2.11 1.67 2.10
CA ALA A 100 1.77 2.40 0.88
C ALA A 100 0.85 3.58 1.19
N LEU A 101 -0.20 3.33 1.95
CA LEU A 101 -1.13 4.38 2.33
C LEU A 101 -0.41 5.44 3.13
N ARG A 102 0.48 4.99 4.01
CA ARG A 102 1.27 5.89 4.84
C ARG A 102 2.20 6.76 4.00
N VAL A 103 2.65 6.23 2.87
CA VAL A 103 3.43 7.02 1.92
C VAL A 103 2.56 8.11 1.31
N LEU A 104 1.38 7.70 0.86
CA LEU A 104 0.44 8.63 0.24
C LEU A 104 0.04 9.72 1.21
N ILE A 105 -0.43 9.31 2.38
CA ILE A 105 -0.81 10.22 3.44
C ILE A 105 0.38 11.08 3.85
N GLY A 106 1.54 10.46 4.01
CA GLY A 106 2.74 11.16 4.39
C GLY A 106 3.11 12.23 3.38
N GLU A 107 3.13 11.86 2.10
CA GLU A 107 3.46 12.79 1.03
C GLU A 107 2.49 13.96 0.97
N ASN A 108 1.24 13.72 1.36
CA ASN A 108 0.25 14.80 1.43
C ASN A 108 0.62 15.78 2.52
N GLU A 109 1.03 15.25 3.67
CA GLU A 109 1.31 16.07 4.84
C GLU A 109 2.58 16.89 4.68
N LYS A 110 3.49 16.45 3.82
CA LYS A 110 4.72 17.20 3.58
C LYS A 110 4.69 17.91 2.23
N ALA A 111 3.50 18.03 1.65
CA ALA A 111 3.34 18.74 0.39
C ALA A 111 2.51 20.00 0.59
N GLU A 112 2.45 20.83 -0.42
CA GLU A 112 1.64 22.04 -0.36
C GLU A 112 0.21 21.70 -0.76
N ARG A 113 -0.66 21.64 0.23
CA ARG A 113 -2.04 21.27 0.00
C ARG A 113 -2.82 22.45 -0.59
N MET A 20 -14.98 8.49 6.21
CA MET A 20 -15.60 7.14 6.25
C MET A 20 -16.36 6.85 4.95
N MET A 21 -16.71 7.89 4.22
CA MET A 21 -17.32 7.72 2.91
C MET A 21 -16.45 8.43 1.86
N PRO A 22 -15.79 7.65 0.99
CA PRO A 22 -14.85 8.18 0.00
C PRO A 22 -15.47 9.22 -0.92
N ASN A 23 -15.04 10.46 -0.77
CA ASN A 23 -15.50 11.54 -1.63
C ASN A 23 -14.61 11.63 -2.87
N LYS A 24 -15.13 12.22 -3.93
CA LYS A 24 -14.38 12.36 -5.16
C LYS A 24 -13.42 13.55 -5.04
N VAL A 25 -12.34 13.31 -4.32
CA VAL A 25 -11.32 14.31 -4.07
C VAL A 25 -10.16 13.63 -3.35
N ARG A 26 -9.01 14.27 -3.24
CA ARG A 26 -7.87 13.67 -2.55
C ARG A 26 -8.08 13.72 -1.04
N LYS A 27 -8.98 12.87 -0.56
CA LYS A 27 -9.27 12.80 0.86
C LYS A 27 -8.40 11.71 1.49
N ILE A 28 -7.40 12.15 2.24
CA ILE A 28 -6.40 11.26 2.80
C ILE A 28 -6.93 10.53 4.05
N GLY A 29 -7.92 11.14 4.70
CA GLY A 29 -8.50 10.55 5.90
C GLY A 29 -9.03 9.15 5.67
N GLU A 30 -9.51 8.90 4.45
CA GLU A 30 -10.05 7.58 4.11
C GLU A 30 -8.95 6.52 4.14
N LEU A 31 -7.78 6.87 3.64
CA LEU A 31 -6.67 5.94 3.59
C LEU A 31 -6.22 5.57 5.00
N VAL A 32 -6.29 6.56 5.90
CA VAL A 32 -5.96 6.34 7.30
C VAL A 32 -6.96 5.37 7.93
N ARG A 33 -8.22 5.48 7.52
CA ARG A 33 -9.27 4.61 8.03
C ARG A 33 -8.98 3.17 7.63
N TYR A 34 -8.31 3.00 6.49
CA TYR A 34 -7.95 1.68 6.01
C TYR A 34 -6.73 1.13 6.74
N LEU A 35 -5.90 2.02 7.27
CA LEU A 35 -4.79 1.60 8.11
C LEU A 35 -5.33 0.85 9.33
N ASN A 36 -6.52 1.24 9.74
CA ASN A 36 -7.23 0.54 10.82
C ASN A 36 -8.01 -0.66 10.28
N THR A 37 -8.90 -0.41 9.33
CA THR A 37 -9.82 -1.44 8.85
C THR A 37 -9.17 -2.45 7.90
N ASN A 38 -8.72 -1.99 6.74
CA ASN A 38 -8.18 -2.89 5.73
C ASN A 38 -7.30 -2.13 4.74
N PRO A 39 -5.97 -2.21 4.91
CA PRO A 39 -5.01 -1.50 4.07
C PRO A 39 -5.09 -1.93 2.61
N VAL A 40 -5.26 -3.23 2.40
CA VAL A 40 -5.31 -3.80 1.06
C VAL A 40 -6.43 -3.18 0.24
N GLY A 41 -7.60 -3.02 0.87
CA GLY A 41 -8.74 -2.47 0.18
C GLY A 41 -8.50 -1.03 -0.23
N GLY A 42 -8.01 -0.22 0.71
CA GLY A 42 -7.80 1.19 0.45
C GLY A 42 -6.77 1.46 -0.63
N LEU A 43 -5.70 0.68 -0.64
CA LEU A 43 -4.65 0.84 -1.64
C LEU A 43 -5.22 0.60 -3.03
N LEU A 44 -6.09 -0.39 -3.14
CA LEU A 44 -6.72 -0.73 -4.42
C LEU A 44 -7.67 0.36 -4.88
N GLU A 45 -8.53 0.85 -3.96
CA GLU A 45 -9.53 1.83 -4.33
C GLU A 45 -8.92 3.21 -4.50
N TYR A 46 -7.81 3.46 -3.82
CA TYR A 46 -7.06 4.68 -4.04
C TYR A 46 -6.67 4.79 -5.50
N ALA A 47 -6.09 3.71 -6.02
CA ALA A 47 -5.69 3.67 -7.41
C ALA A 47 -6.91 3.77 -8.32
N ARG A 48 -7.94 2.98 -8.00
CA ARG A 48 -9.16 2.93 -8.78
C ARG A 48 -9.79 4.31 -8.97
N SER A 49 -9.94 5.05 -7.88
CA SER A 49 -10.63 6.34 -7.92
C SER A 49 -9.70 7.45 -8.41
N HIS A 50 -8.40 7.16 -8.49
CA HIS A 50 -7.44 8.18 -8.87
C HIS A 50 -6.85 7.91 -10.25
N GLY A 51 -7.25 6.80 -10.87
CA GLY A 51 -6.83 6.51 -12.22
C GLY A 51 -5.52 5.74 -12.30
N PHE A 52 -5.05 5.26 -11.16
CA PHE A 52 -3.82 4.47 -11.13
C PHE A 52 -4.15 2.99 -11.15
N ALA A 53 -3.13 2.17 -11.36
CA ALA A 53 -3.30 0.72 -11.34
C ALA A 53 -2.53 0.13 -10.16
N ALA A 54 -3.27 -0.43 -9.22
CA ALA A 54 -2.66 -1.00 -8.02
C ALA A 54 -2.37 -2.49 -8.22
N GLU A 55 -1.17 -2.90 -7.84
CA GLU A 55 -0.74 -4.29 -7.98
C GLU A 55 0.17 -4.71 -6.83
N PHE A 56 0.22 -6.01 -6.59
CA PHE A 56 1.09 -6.58 -5.56
C PHE A 56 1.92 -7.72 -6.14
N LYS A 57 3.21 -7.71 -5.87
CA LYS A 57 4.07 -8.79 -6.35
C LYS A 57 5.04 -9.25 -5.27
N LEU A 58 5.21 -10.56 -5.17
CA LEU A 58 6.20 -11.15 -4.28
C LEU A 58 7.55 -11.13 -5.00
N VAL A 59 8.42 -10.23 -4.58
CA VAL A 59 9.71 -10.07 -5.22
C VAL A 59 10.63 -11.25 -4.92
N ASP A 60 10.83 -11.51 -3.64
CA ASP A 60 11.70 -12.60 -3.21
C ASP A 60 11.31 -13.07 -1.83
N GLN A 61 11.59 -14.33 -1.55
CA GLN A 61 11.39 -14.88 -0.22
C GLN A 61 12.63 -15.69 0.16
N SER A 62 13.24 -15.34 1.28
CA SER A 62 14.48 -15.98 1.70
C SER A 62 14.56 -16.06 3.22
N GLY A 63 15.20 -17.10 3.71
CA GLY A 63 15.39 -17.26 5.14
C GLY A 63 15.20 -18.70 5.58
N PRO A 64 15.29 -18.97 6.89
CA PRO A 64 15.07 -20.31 7.44
C PRO A 64 13.59 -20.70 7.39
N PRO A 65 13.26 -22.00 7.61
CA PRO A 65 11.88 -22.49 7.56
C PRO A 65 10.99 -21.87 8.65
N HIS A 66 11.58 -21.62 9.81
CA HIS A 66 10.83 -21.07 10.94
C HIS A 66 10.76 -19.54 10.85
N GLU A 67 11.48 -18.98 9.89
CA GLU A 67 11.52 -17.54 9.72
C GLU A 67 11.54 -17.20 8.23
N PRO A 68 10.44 -17.45 7.52
CA PRO A 68 10.34 -17.15 6.10
C PRO A 68 10.07 -15.68 5.83
N LYS A 69 11.07 -14.98 5.31
CA LYS A 69 10.92 -13.56 5.06
C LYS A 69 10.48 -13.32 3.63
N PHE A 70 9.26 -12.81 3.50
CA PHE A 70 8.67 -12.54 2.19
C PHE A 70 8.82 -11.06 1.84
N VAL A 71 9.50 -10.78 0.74
CA VAL A 71 9.69 -9.42 0.28
C VAL A 71 8.60 -9.07 -0.72
N TYR A 72 7.66 -8.24 -0.28
CA TYR A 72 6.56 -7.83 -1.13
C TYR A 72 6.70 -6.36 -1.51
N GLN A 73 6.35 -6.05 -2.74
CA GLN A 73 6.37 -4.68 -3.21
C GLN A 73 5.07 -4.38 -3.95
N ALA A 74 4.50 -3.22 -3.67
CA ALA A 74 3.27 -2.80 -4.31
C ALA A 74 3.56 -1.90 -5.49
N LYS A 75 2.72 -1.98 -6.50
CA LYS A 75 2.86 -1.14 -7.67
C LYS A 75 1.62 -0.27 -7.82
N VAL A 76 1.82 1.03 -7.95
CA VAL A 76 0.71 1.95 -8.13
C VAL A 76 0.94 2.82 -9.36
N GLY A 77 0.27 2.47 -10.44
CA GLY A 77 0.46 3.16 -11.69
C GLY A 77 1.75 2.73 -12.35
N GLY A 78 2.77 3.57 -12.24
CA GLY A 78 4.08 3.22 -12.73
C GLY A 78 5.11 3.25 -11.62
N ARG A 79 4.64 3.48 -10.40
CA ARG A 79 5.51 3.57 -9.24
C ARG A 79 5.53 2.25 -8.48
N TRP A 80 6.68 1.94 -7.91
CA TRP A 80 6.86 0.72 -7.14
C TRP A 80 7.19 1.06 -5.69
N PHE A 81 6.24 0.84 -4.80
CA PHE A 81 6.41 1.17 -3.40
C PHE A 81 5.28 0.59 -2.58
N PRO A 82 5.57 0.12 -1.36
CA PRO A 82 6.91 0.07 -0.83
C PRO A 82 7.52 -1.33 -0.96
N ALA A 83 8.76 -1.48 -0.53
CA ALA A 83 9.39 -2.79 -0.46
C ALA A 83 9.46 -3.25 0.98
N VAL A 84 8.56 -4.15 1.35
CA VAL A 84 8.48 -4.63 2.73
C VAL A 84 8.79 -6.12 2.82
N CYS A 85 9.60 -6.49 3.79
CA CYS A 85 9.92 -7.88 4.02
C CYS A 85 9.28 -8.37 5.31
N ALA A 86 8.20 -9.10 5.17
CA ALA A 86 7.42 -9.56 6.32
C ALA A 86 7.74 -11.00 6.67
N HIS A 87 7.11 -11.52 7.71
CA HIS A 87 7.38 -12.87 8.20
C HIS A 87 6.42 -13.87 7.59
N SER A 88 5.41 -13.35 6.91
CA SER A 88 4.40 -14.18 6.28
C SER A 88 3.93 -13.53 4.98
N LYS A 89 3.39 -14.33 4.08
CA LYS A 89 2.95 -13.81 2.78
C LYS A 89 1.74 -12.91 2.94
N LYS A 90 0.82 -13.28 3.83
CA LYS A 90 -0.33 -12.45 4.15
C LYS A 90 0.13 -11.11 4.71
N GLN A 91 1.06 -11.17 5.67
CA GLN A 91 1.68 -9.97 6.22
C GLN A 91 2.25 -9.10 5.11
N GLY A 92 2.99 -9.72 4.19
CA GLY A 92 3.63 -8.99 3.12
C GLY A 92 2.67 -8.13 2.33
N LYS A 93 1.55 -8.70 1.93
CA LYS A 93 0.55 -7.99 1.14
C LYS A 93 -0.08 -6.86 1.95
N GLN A 94 -0.44 -7.16 3.19
CA GLN A 94 -1.12 -6.19 4.02
C GLN A 94 -0.18 -5.07 4.47
N GLU A 95 1.07 -5.41 4.74
CA GLU A 95 2.06 -4.41 5.12
C GLU A 95 2.46 -3.56 3.94
N ALA A 96 2.51 -4.17 2.75
CA ALA A 96 2.79 -3.44 1.53
C ALA A 96 1.74 -2.38 1.31
N ALA A 97 0.47 -2.78 1.40
CA ALA A 97 -0.64 -1.85 1.25
C ALA A 97 -0.64 -0.83 2.38
N ASP A 98 -0.40 -1.30 3.60
CA ASP A 98 -0.35 -0.44 4.78
C ASP A 98 0.66 0.68 4.60
N ALA A 99 1.90 0.29 4.32
CA ALA A 99 2.98 1.25 4.16
C ALA A 99 2.78 2.09 2.90
N ALA A 100 2.17 1.50 1.88
CA ALA A 100 1.87 2.23 0.65
C ALA A 100 0.92 3.38 0.93
N LEU A 101 -0.09 3.11 1.75
CA LEU A 101 -1.02 4.14 2.18
C LEU A 101 -0.28 5.22 2.95
N ARG A 102 0.66 4.79 3.79
CA ARG A 102 1.49 5.71 4.56
C ARG A 102 2.27 6.64 3.63
N VAL A 103 2.74 6.09 2.52
CA VAL A 103 3.42 6.90 1.51
C VAL A 103 2.46 7.94 0.96
N LEU A 104 1.30 7.49 0.49
CA LEU A 104 0.29 8.37 -0.09
C LEU A 104 -0.08 9.48 0.89
N ILE A 105 -0.34 9.07 2.13
CA ILE A 105 -0.66 9.99 3.21
C ILE A 105 0.50 10.95 3.48
N GLY A 106 1.71 10.39 3.60
CA GLY A 106 2.88 11.19 3.90
C GLY A 106 3.25 12.14 2.77
N GLU A 107 3.03 11.72 1.53
CA GLU A 107 3.32 12.57 0.37
C GLU A 107 2.38 13.77 0.34
N ASN A 108 1.17 13.59 0.83
CA ASN A 108 0.21 14.69 0.88
C ASN A 108 0.42 15.49 2.16
N GLU A 109 0.99 14.85 3.16
CA GLU A 109 1.33 15.49 4.42
C GLU A 109 2.32 16.64 4.17
N LYS A 110 3.16 16.46 3.17
CA LYS A 110 4.16 17.45 2.81
C LYS A 110 3.72 18.26 1.58
N ALA A 111 2.43 18.19 1.27
CA ALA A 111 1.89 18.86 0.09
C ALA A 111 0.49 19.40 0.36
N GLU A 112 -0.14 19.89 -0.68
CA GLU A 112 -1.52 20.35 -0.60
C GLU A 112 -2.39 19.46 -1.48
N ARG A 113 -3.44 18.92 -0.90
CA ARG A 113 -4.40 18.09 -1.64
C ARG A 113 -5.23 18.94 -2.59
N MET A 20 -15.25 10.77 15.32
CA MET A 20 -16.62 10.46 15.77
C MET A 20 -17.59 10.50 14.60
N MET A 21 -17.72 11.68 13.99
CA MET A 21 -18.65 11.87 12.89
C MET A 21 -18.07 11.34 11.59
N PRO A 22 -18.82 10.51 10.88
CA PRO A 22 -18.41 9.92 9.61
C PRO A 22 -18.80 10.80 8.42
N ASN A 23 -18.78 10.19 7.23
CA ASN A 23 -19.18 10.87 6.01
C ASN A 23 -18.22 11.99 5.67
N LYS A 24 -17.17 11.66 4.95
CA LYS A 24 -16.17 12.63 4.53
C LYS A 24 -16.15 12.72 3.02
N VAL A 25 -15.62 13.83 2.49
CA VAL A 25 -15.47 13.98 1.06
C VAL A 25 -14.32 13.11 0.57
N ARG A 26 -14.23 12.91 -0.73
CA ARG A 26 -13.18 12.09 -1.31
C ARG A 26 -11.83 12.76 -1.08
N LYS A 27 -11.08 12.23 -0.13
CA LYS A 27 -9.78 12.78 0.23
C LYS A 27 -8.83 11.70 0.71
N ILE A 28 -7.75 12.12 1.35
CA ILE A 28 -6.70 11.21 1.79
C ILE A 28 -6.98 10.69 3.20
N GLY A 29 -7.77 11.45 3.95
CA GLY A 29 -8.18 11.03 5.27
C GLY A 29 -8.92 9.70 5.26
N GLU A 30 -9.50 9.37 4.11
CA GLU A 30 -10.18 8.10 3.96
C GLU A 30 -9.17 6.95 3.98
N LEU A 31 -7.99 7.17 3.42
CA LEU A 31 -6.92 6.18 3.47
C LEU A 31 -6.53 5.91 4.92
N VAL A 32 -6.61 6.94 5.74
CA VAL A 32 -6.32 6.83 7.16
C VAL A 32 -7.30 5.87 7.85
N ARG A 33 -8.56 5.88 7.41
CA ARG A 33 -9.57 5.00 7.98
C ARG A 33 -9.26 3.54 7.61
N TYR A 34 -8.63 3.36 6.46
CA TYR A 34 -8.26 2.03 6.00
C TYR A 34 -7.09 1.50 6.82
N LEU A 35 -6.22 2.39 7.26
CA LEU A 35 -5.14 2.02 8.17
C LEU A 35 -5.71 1.38 9.43
N ASN A 36 -6.85 1.91 9.86
CA ASN A 36 -7.54 1.40 11.04
C ASN A 36 -8.14 0.02 10.77
N THR A 37 -8.70 -0.17 9.59
CA THR A 37 -9.36 -1.43 9.27
C THR A 37 -8.49 -2.32 8.36
N ASN A 38 -8.50 -2.04 7.07
CA ASN A 38 -7.82 -2.88 6.10
C ASN A 38 -7.03 -2.04 5.10
N PRO A 39 -5.70 -2.03 5.24
CA PRO A 39 -4.82 -1.27 4.36
C PRO A 39 -4.90 -1.74 2.90
N VAL A 40 -5.07 -3.04 2.71
CA VAL A 40 -5.11 -3.63 1.37
C VAL A 40 -6.28 -3.06 0.57
N GLY A 41 -7.45 -3.01 1.20
CA GLY A 41 -8.62 -2.47 0.55
C GLY A 41 -8.43 -1.01 0.20
N GLY A 42 -7.74 -0.28 1.07
CA GLY A 42 -7.49 1.12 0.83
C GLY A 42 -6.56 1.36 -0.33
N LEU A 43 -5.48 0.60 -0.39
CA LEU A 43 -4.49 0.75 -1.46
C LEU A 43 -5.13 0.38 -2.81
N LEU A 44 -5.93 -0.68 -2.80
CA LEU A 44 -6.59 -1.14 -4.01
C LEU A 44 -7.64 -0.14 -4.48
N GLU A 45 -8.28 0.56 -3.55
CA GLU A 45 -9.32 1.51 -3.92
C GLU A 45 -8.71 2.87 -4.27
N TYR A 46 -7.62 3.21 -3.60
CA TYR A 46 -6.88 4.43 -3.93
C TYR A 46 -6.48 4.42 -5.40
N ALA A 47 -5.99 3.29 -5.87
CA ALA A 47 -5.49 3.19 -7.23
C ALA A 47 -6.65 3.36 -8.21
N ARG A 48 -7.69 2.58 -8.03
CA ARG A 48 -8.84 2.59 -8.93
C ARG A 48 -9.49 3.97 -8.97
N SER A 49 -9.54 4.62 -7.81
CA SER A 49 -10.15 5.94 -7.68
C SER A 49 -9.30 7.02 -8.37
N HIS A 50 -7.98 6.83 -8.37
CA HIS A 50 -7.08 7.83 -8.91
C HIS A 50 -6.67 7.51 -10.35
N GLY A 51 -7.03 6.32 -10.82
CA GLY A 51 -6.75 5.97 -12.19
C GLY A 51 -5.51 5.10 -12.35
N PHE A 52 -4.97 4.66 -11.22
CA PHE A 52 -3.79 3.79 -11.23
C PHE A 52 -4.22 2.34 -11.11
N ALA A 53 -3.28 1.43 -11.30
CA ALA A 53 -3.50 0.02 -11.07
C ALA A 53 -2.60 -0.47 -9.96
N ALA A 54 -3.17 -1.15 -8.97
CA ALA A 54 -2.42 -1.58 -7.80
C ALA A 54 -2.06 -3.05 -7.89
N GLU A 55 -0.77 -3.33 -7.85
CA GLU A 55 -0.28 -4.71 -7.92
C GLU A 55 0.56 -5.06 -6.70
N PHE A 56 0.31 -6.24 -6.16
CA PHE A 56 1.10 -6.75 -5.05
C PHE A 56 1.86 -7.99 -5.51
N LYS A 57 3.12 -7.82 -5.86
CA LYS A 57 3.90 -8.93 -6.36
C LYS A 57 5.03 -9.29 -5.40
N LEU A 58 5.27 -10.58 -5.24
CA LEU A 58 6.38 -11.07 -4.46
C LEU A 58 7.67 -10.87 -5.25
N VAL A 59 8.55 -10.03 -4.73
CA VAL A 59 9.82 -9.77 -5.38
C VAL A 59 10.76 -10.95 -5.18
N ASP A 60 10.88 -11.38 -3.94
CA ASP A 60 11.73 -12.52 -3.60
C ASP A 60 11.43 -12.97 -2.18
N GLN A 61 12.17 -13.95 -1.70
CA GLN A 61 12.01 -14.49 -0.36
C GLN A 61 13.36 -14.72 0.28
N SER A 62 13.55 -14.21 1.47
CA SER A 62 14.82 -14.33 2.15
C SER A 62 14.59 -14.67 3.62
N GLY A 63 14.55 -15.96 3.93
CA GLY A 63 14.34 -16.37 5.29
C GLY A 63 14.32 -17.88 5.44
N PRO A 64 14.66 -18.39 6.63
CA PRO A 64 14.62 -19.82 6.94
C PRO A 64 13.21 -20.39 6.93
N PRO A 65 13.06 -21.73 6.95
CA PRO A 65 11.75 -22.39 6.96
C PRO A 65 10.86 -21.94 8.12
N HIS A 66 11.48 -21.63 9.26
CA HIS A 66 10.75 -21.21 10.44
C HIS A 66 10.52 -19.70 10.45
N GLU A 67 11.07 -19.01 9.46
CA GLU A 67 10.95 -17.57 9.35
C GLU A 67 11.06 -17.10 7.90
N PRO A 68 10.14 -17.54 7.03
CA PRO A 68 10.18 -17.20 5.62
C PRO A 68 9.79 -15.74 5.37
N LYS A 69 10.79 -14.89 5.20
CA LYS A 69 10.54 -13.48 5.01
C LYS A 69 10.31 -13.18 3.53
N PHE A 70 9.07 -12.89 3.21
CA PHE A 70 8.68 -12.59 1.84
C PHE A 70 8.87 -11.10 1.56
N VAL A 71 9.53 -10.79 0.46
CA VAL A 71 9.74 -9.41 0.05
C VAL A 71 8.65 -9.01 -0.94
N TYR A 72 7.70 -8.22 -0.47
CA TYR A 72 6.59 -7.77 -1.30
C TYR A 72 6.76 -6.31 -1.65
N GLN A 73 6.46 -5.96 -2.90
CA GLN A 73 6.53 -4.59 -3.34
C GLN A 73 5.23 -4.20 -4.02
N ALA A 74 4.65 -3.09 -3.60
CA ALA A 74 3.40 -2.61 -4.15
C ALA A 74 3.66 -1.76 -5.38
N LYS A 75 3.09 -2.16 -6.49
CA LYS A 75 3.25 -1.45 -7.74
C LYS A 75 1.99 -0.66 -8.06
N VAL A 76 2.09 0.66 -8.07
CA VAL A 76 0.95 1.50 -8.36
C VAL A 76 1.23 2.33 -9.61
N GLY A 77 0.66 1.90 -10.72
CA GLY A 77 0.89 2.55 -11.99
C GLY A 77 2.27 2.24 -12.52
N GLY A 78 3.17 3.20 -12.38
CA GLY A 78 4.56 2.97 -12.74
C GLY A 78 5.47 3.17 -11.55
N ARG A 79 4.86 3.29 -10.38
CA ARG A 79 5.62 3.53 -9.16
C ARG A 79 5.65 2.29 -8.28
N TRP A 80 6.85 1.83 -7.98
CA TRP A 80 7.05 0.68 -7.11
C TRP A 80 7.30 1.16 -5.68
N PHE A 81 6.32 0.99 -4.81
CA PHE A 81 6.43 1.44 -3.43
C PHE A 81 5.26 0.92 -2.60
N PRO A 82 5.53 0.43 -1.39
CA PRO A 82 6.87 0.28 -0.87
C PRO A 82 7.41 -1.13 -1.05
N ALA A 83 8.62 -1.37 -0.60
CA ALA A 83 9.17 -2.72 -0.58
C ALA A 83 9.29 -3.20 0.86
N VAL A 84 8.40 -4.10 1.24
CA VAL A 84 8.33 -4.57 2.62
C VAL A 84 8.78 -6.02 2.73
N CYS A 85 9.09 -6.43 3.94
CA CYS A 85 9.51 -7.79 4.20
C CYS A 85 8.77 -8.35 5.40
N ALA A 86 7.99 -9.41 5.18
CA ALA A 86 7.19 -10.01 6.24
C ALA A 86 7.35 -11.52 6.25
N HIS A 87 7.36 -12.10 7.44
CA HIS A 87 7.55 -13.56 7.58
C HIS A 87 6.24 -14.32 7.31
N SER A 88 5.35 -13.69 6.55
CA SER A 88 4.11 -14.31 6.12
C SER A 88 3.68 -13.68 4.80
N LYS A 89 3.20 -14.50 3.88
CA LYS A 89 2.83 -14.03 2.56
C LYS A 89 1.61 -13.11 2.65
N LYS A 90 0.64 -13.50 3.47
CA LYS A 90 -0.56 -12.69 3.67
C LYS A 90 -0.20 -11.36 4.31
N GLN A 91 0.77 -11.41 5.23
CA GLN A 91 1.23 -10.20 5.91
C GLN A 91 2.02 -9.31 4.97
N GLY A 92 2.75 -9.92 4.05
CA GLY A 92 3.54 -9.16 3.09
C GLY A 92 2.69 -8.17 2.32
N LYS A 93 1.52 -8.62 1.88
CA LYS A 93 0.61 -7.76 1.14
C LYS A 93 0.02 -6.68 2.04
N GLN A 94 -0.37 -7.08 3.25
CA GLN A 94 -0.95 -6.14 4.21
C GLN A 94 0.05 -5.07 4.60
N GLU A 95 1.28 -5.48 4.89
CA GLU A 95 2.34 -4.55 5.25
C GLU A 95 2.63 -3.57 4.13
N ALA A 96 2.70 -4.10 2.91
CA ALA A 96 2.95 -3.27 1.73
C ALA A 96 1.84 -2.26 1.54
N ALA A 97 0.60 -2.71 1.71
CA ALA A 97 -0.56 -1.85 1.53
C ALA A 97 -0.60 -0.76 2.59
N ASP A 98 -0.37 -1.14 3.85
CA ASP A 98 -0.37 -0.19 4.95
C ASP A 98 0.70 0.87 4.73
N ALA A 99 1.93 0.41 4.52
CA ALA A 99 3.07 1.29 4.31
C ALA A 99 2.85 2.19 3.10
N ALA A 100 2.20 1.66 2.08
CA ALA A 100 1.89 2.43 0.88
C ALA A 100 0.97 3.60 1.22
N LEU A 101 -0.06 3.33 2.02
CA LEU A 101 -0.99 4.38 2.42
C LEU A 101 -0.26 5.41 3.27
N ARG A 102 0.69 4.95 4.08
CA ARG A 102 1.49 5.86 4.91
C ARG A 102 2.23 6.86 4.03
N VAL A 103 2.75 6.36 2.91
CA VAL A 103 3.44 7.20 1.93
C VAL A 103 2.45 8.20 1.33
N LEU A 104 1.33 7.70 0.86
CA LEU A 104 0.31 8.52 0.21
C LEU A 104 -0.15 9.64 1.13
N ILE A 105 -0.57 9.26 2.34
CA ILE A 105 -1.02 10.21 3.34
C ILE A 105 0.07 11.21 3.70
N GLY A 106 1.24 10.70 4.05
CA GLY A 106 2.33 11.57 4.44
C GLY A 106 2.79 12.49 3.31
N GLU A 107 2.86 11.94 2.11
CA GLU A 107 3.32 12.70 0.95
C GLU A 107 2.33 13.81 0.62
N ASN A 108 1.04 13.50 0.73
CA ASN A 108 -0.01 14.47 0.45
C ASN A 108 -0.03 15.55 1.53
N GLU A 109 0.38 15.17 2.72
CA GLU A 109 0.49 16.11 3.83
C GLU A 109 1.63 17.10 3.57
N LYS A 110 2.64 16.64 2.84
CA LYS A 110 3.76 17.50 2.45
C LYS A 110 3.33 18.41 1.30
N ALA A 111 2.29 17.98 0.58
CA ALA A 111 1.77 18.74 -0.55
C ALA A 111 0.53 19.52 -0.12
N GLU A 112 -0.21 20.03 -1.10
CA GLU A 112 -1.41 20.78 -0.81
C GLU A 112 -2.60 20.21 -1.58
N ARG A 113 -3.27 19.23 -0.99
CA ARG A 113 -4.45 18.62 -1.59
C ARG A 113 -5.47 18.30 -0.52
N MET A 20 -8.71 24.15 1.15
CA MET A 20 -9.23 23.11 0.24
C MET A 20 -10.31 23.68 -0.66
N MET A 21 -10.12 23.53 -1.97
CA MET A 21 -11.13 23.93 -2.93
C MET A 21 -11.87 22.70 -3.44
N PRO A 22 -13.18 22.84 -3.75
CA PRO A 22 -14.02 21.74 -4.23
C PRO A 22 -13.50 21.12 -5.53
N ASN A 23 -12.56 20.19 -5.37
CA ASN A 23 -11.93 19.47 -6.47
C ASN A 23 -10.70 18.78 -5.90
N LYS A 24 -10.07 19.45 -4.95
CA LYS A 24 -8.91 18.90 -4.25
C LYS A 24 -9.16 18.89 -2.76
N VAL A 25 -10.38 18.53 -2.36
CA VAL A 25 -10.71 18.40 -0.95
C VAL A 25 -9.94 17.21 -0.38
N ARG A 26 -9.25 17.44 0.74
CA ARG A 26 -8.40 16.41 1.31
C ARG A 26 -9.25 15.26 1.86
N LYS A 27 -9.41 14.23 1.05
CA LYS A 27 -10.17 13.06 1.44
C LYS A 27 -9.20 11.92 1.76
N ILE A 28 -7.98 12.30 2.09
CA ILE A 28 -6.92 11.37 2.42
C ILE A 28 -7.22 10.66 3.75
N GLY A 29 -8.19 11.21 4.48
CA GLY A 29 -8.61 10.61 5.73
C GLY A 29 -9.22 9.23 5.52
N GLU A 30 -9.68 8.96 4.30
CA GLU A 30 -10.22 7.65 3.96
C GLU A 30 -9.13 6.61 4.05
N LEU A 31 -7.94 6.96 3.56
CA LEU A 31 -6.80 6.05 3.59
C LEU A 31 -6.40 5.77 5.03
N VAL A 32 -6.58 6.77 5.89
CA VAL A 32 -6.28 6.65 7.31
C VAL A 32 -7.21 5.64 7.98
N ARG A 33 -8.48 5.63 7.57
CA ARG A 33 -9.46 4.71 8.12
C ARG A 33 -9.08 3.28 7.75
N TYR A 34 -8.38 3.13 6.64
CA TYR A 34 -7.92 1.82 6.19
C TYR A 34 -6.68 1.39 6.94
N LEU A 35 -5.90 2.36 7.41
CA LEU A 35 -4.76 2.05 8.29
C LEU A 35 -5.27 1.43 9.57
N ASN A 36 -6.51 1.76 9.93
CA ASN A 36 -7.16 1.20 11.10
C ASN A 36 -7.91 -0.09 10.75
N THR A 37 -8.54 -0.11 9.59
CA THR A 37 -9.39 -1.22 9.20
C THR A 37 -8.61 -2.25 8.35
N ASN A 38 -8.36 -1.91 7.09
CA ASN A 38 -7.66 -2.81 6.18
C ASN A 38 -6.94 -2.02 5.10
N PRO A 39 -5.61 -1.96 5.20
CA PRO A 39 -4.77 -1.20 4.27
C PRO A 39 -4.90 -1.66 2.83
N VAL A 40 -5.05 -2.97 2.65
CA VAL A 40 -5.13 -3.55 1.32
C VAL A 40 -6.29 -2.96 0.53
N GLY A 41 -7.47 -2.94 1.14
CA GLY A 41 -8.65 -2.40 0.50
C GLY A 41 -8.49 -0.92 0.16
N GLY A 42 -7.79 -0.19 1.03
CA GLY A 42 -7.58 1.22 0.82
C GLY A 42 -6.62 1.52 -0.30
N LEU A 43 -5.52 0.78 -0.34
CA LEU A 43 -4.51 0.97 -1.38
C LEU A 43 -5.10 0.62 -2.75
N LEU A 44 -5.90 -0.43 -2.77
CA LEU A 44 -6.54 -0.87 -4.00
C LEU A 44 -7.52 0.19 -4.53
N GLU A 45 -8.31 0.78 -3.64
CA GLU A 45 -9.31 1.75 -4.07
C GLU A 45 -8.68 3.10 -4.40
N TYR A 46 -7.58 3.42 -3.71
CA TYR A 46 -6.82 4.62 -4.02
C TYR A 46 -6.42 4.61 -5.50
N ALA A 47 -5.86 3.49 -5.93
CA ALA A 47 -5.38 3.35 -7.29
C ALA A 47 -6.54 3.38 -8.28
N ARG A 48 -7.53 2.53 -8.06
CA ARG A 48 -8.63 2.37 -9.00
C ARG A 48 -9.37 3.70 -9.23
N SER A 49 -9.49 4.48 -8.17
CA SER A 49 -10.19 5.75 -8.24
C SER A 49 -9.36 6.81 -8.96
N HIS A 50 -8.05 6.78 -8.72
CA HIS A 50 -7.16 7.81 -9.27
C HIS A 50 -6.67 7.44 -10.67
N GLY A 51 -6.97 6.22 -11.11
CA GLY A 51 -6.64 5.82 -12.46
C GLY A 51 -5.44 4.89 -12.52
N PHE A 52 -4.83 4.64 -11.36
CA PHE A 52 -3.66 3.77 -11.29
C PHE A 52 -4.10 2.32 -11.10
N ALA A 53 -3.15 1.41 -11.22
CA ALA A 53 -3.39 0.01 -10.92
C ALA A 53 -2.54 -0.40 -9.73
N ALA A 54 -3.16 -1.05 -8.75
CA ALA A 54 -2.45 -1.49 -7.58
C ALA A 54 -2.08 -2.97 -7.69
N GLU A 55 -0.80 -3.24 -7.83
CA GLU A 55 -0.32 -4.60 -8.00
C GLU A 55 0.55 -5.02 -6.81
N PHE A 56 0.28 -6.21 -6.29
CA PHE A 56 1.10 -6.76 -5.22
C PHE A 56 1.84 -7.99 -5.72
N LYS A 57 3.14 -7.89 -5.86
CA LYS A 57 3.93 -9.01 -6.36
C LYS A 57 5.02 -9.40 -5.36
N LEU A 58 5.39 -10.66 -5.40
CA LEU A 58 6.48 -11.16 -4.59
C LEU A 58 7.80 -10.86 -5.30
N VAL A 59 8.61 -10.00 -4.70
CA VAL A 59 9.86 -9.58 -5.31
C VAL A 59 10.96 -10.60 -5.04
N ASP A 60 11.10 -10.97 -3.77
CA ASP A 60 12.10 -11.94 -3.36
C ASP A 60 11.66 -12.60 -2.06
N GLN A 61 12.00 -13.85 -1.88
CA GLN A 61 11.70 -14.52 -0.63
C GLN A 61 13.00 -14.78 0.14
N SER A 62 13.16 -14.06 1.23
CA SER A 62 14.31 -14.24 2.10
C SER A 62 13.85 -14.90 3.39
N GLY A 63 13.68 -16.20 3.36
CA GLY A 63 13.04 -16.87 4.48
C GLY A 63 13.78 -18.09 4.97
N PRO A 64 14.31 -18.02 6.20
CA PRO A 64 14.82 -19.19 6.92
C PRO A 64 13.71 -20.22 7.15
N PRO A 65 14.06 -21.44 7.61
CA PRO A 65 13.07 -22.50 7.83
C PRO A 65 12.02 -22.12 8.87
N HIS A 66 12.44 -21.37 9.89
CA HIS A 66 11.54 -20.99 10.97
C HIS A 66 10.72 -19.75 10.60
N GLU A 67 11.21 -18.99 9.63
CA GLU A 67 10.57 -17.74 9.25
C GLU A 67 10.63 -17.51 7.75
N PRO A 68 9.82 -18.24 6.97
CA PRO A 68 9.65 -17.95 5.54
C PRO A 68 9.16 -16.52 5.32
N LYS A 69 10.10 -15.62 5.11
CA LYS A 69 9.79 -14.20 4.98
C LYS A 69 9.80 -13.79 3.52
N PHE A 70 8.73 -13.12 3.10
CA PHE A 70 8.56 -12.76 1.70
C PHE A 70 8.62 -11.24 1.53
N VAL A 71 9.36 -10.81 0.52
CA VAL A 71 9.48 -9.40 0.20
C VAL A 71 8.45 -9.02 -0.86
N TYR A 72 7.49 -8.20 -0.47
CA TYR A 72 6.44 -7.76 -1.37
C TYR A 72 6.59 -6.28 -1.66
N GLN A 73 6.29 -5.90 -2.89
CA GLN A 73 6.35 -4.52 -3.29
C GLN A 73 5.06 -4.14 -4.02
N ALA A 74 4.48 -3.03 -3.62
CA ALA A 74 3.24 -2.58 -4.21
C ALA A 74 3.52 -1.71 -5.43
N LYS A 75 3.13 -2.20 -6.58
CA LYS A 75 3.30 -1.47 -7.81
C LYS A 75 2.03 -0.68 -8.11
N VAL A 76 2.08 0.63 -7.90
CA VAL A 76 0.94 1.48 -8.15
C VAL A 76 1.19 2.31 -9.38
N GLY A 77 0.56 1.92 -10.48
CA GLY A 77 0.84 2.54 -11.75
C GLY A 77 2.21 2.15 -12.25
N GLY A 78 3.09 3.12 -12.39
CA GLY A 78 4.45 2.84 -12.79
C GLY A 78 5.43 3.06 -11.67
N ARG A 79 4.93 3.15 -10.44
CA ARG A 79 5.78 3.40 -9.28
C ARG A 79 5.73 2.20 -8.33
N TRP A 80 6.90 1.70 -7.97
CA TRP A 80 7.01 0.56 -7.09
C TRP A 80 7.25 1.01 -5.65
N PHE A 81 6.22 0.96 -4.82
CA PHE A 81 6.35 1.42 -3.44
C PHE A 81 5.20 0.88 -2.58
N PRO A 82 5.51 0.40 -1.38
CA PRO A 82 6.87 0.26 -0.89
C PRO A 82 7.37 -1.17 -1.03
N ALA A 83 8.59 -1.43 -0.58
CA ALA A 83 9.13 -2.77 -0.56
C ALA A 83 9.26 -3.26 0.87
N VAL A 84 8.40 -4.17 1.27
CA VAL A 84 8.38 -4.67 2.63
C VAL A 84 8.64 -6.17 2.67
N CYS A 85 8.96 -6.68 3.84
CA CYS A 85 9.18 -8.10 4.01
C CYS A 85 8.50 -8.59 5.29
N ALA A 86 7.64 -9.59 5.13
CA ALA A 86 6.92 -10.14 6.27
C ALA A 86 7.06 -11.66 6.28
N HIS A 87 6.97 -12.25 7.47
CA HIS A 87 7.16 -13.69 7.64
C HIS A 87 5.91 -14.48 7.21
N SER A 88 5.04 -13.83 6.45
CA SER A 88 3.86 -14.47 5.94
C SER A 88 3.43 -13.78 4.65
N LYS A 89 2.99 -14.57 3.67
CA LYS A 89 2.60 -14.04 2.37
C LYS A 89 1.43 -13.06 2.50
N LYS A 90 0.48 -13.38 3.36
CA LYS A 90 -0.67 -12.51 3.57
C LYS A 90 -0.24 -11.22 4.25
N GLN A 91 0.72 -11.32 5.17
CA GLN A 91 1.20 -10.16 5.90
C GLN A 91 1.99 -9.24 5.00
N GLY A 92 2.76 -9.81 4.08
CA GLY A 92 3.54 -9.02 3.15
C GLY A 92 2.68 -8.08 2.33
N LYS A 93 1.54 -8.58 1.88
CA LYS A 93 0.59 -7.77 1.12
C LYS A 93 0.04 -6.63 1.99
N GLN A 94 -0.30 -6.96 3.22
CA GLN A 94 -0.87 -5.99 4.15
C GLN A 94 0.16 -4.95 4.58
N GLU A 95 1.38 -5.40 4.84
CA GLU A 95 2.47 -4.50 5.20
C GLU A 95 2.76 -3.50 4.08
N ALA A 96 2.75 -4.01 2.85
CA ALA A 96 2.99 -3.18 1.68
C ALA A 96 1.89 -2.13 1.54
N ALA A 97 0.65 -2.57 1.61
CA ALA A 97 -0.49 -1.68 1.46
C ALA A 97 -0.52 -0.65 2.59
N ASP A 98 -0.20 -1.09 3.80
CA ASP A 98 -0.17 -0.21 4.96
C ASP A 98 0.84 0.91 4.76
N ALA A 99 2.09 0.52 4.50
CA ALA A 99 3.16 1.48 4.32
C ALA A 99 2.90 2.37 3.11
N ALA A 100 2.26 1.80 2.09
CA ALA A 100 1.91 2.55 0.89
C ALA A 100 0.97 3.70 1.22
N LEU A 101 -0.02 3.42 2.06
CA LEU A 101 -0.97 4.45 2.48
C LEU A 101 -0.24 5.52 3.28
N ARG A 102 0.74 5.10 4.09
CA ARG A 102 1.55 6.04 4.87
C ARG A 102 2.28 6.99 3.92
N VAL A 103 2.78 6.45 2.81
CA VAL A 103 3.44 7.25 1.78
C VAL A 103 2.47 8.26 1.19
N LEU A 104 1.30 7.77 0.78
CA LEU A 104 0.29 8.61 0.14
C LEU A 104 -0.15 9.73 1.07
N ILE A 105 -0.53 9.36 2.28
CA ILE A 105 -0.97 10.33 3.27
C ILE A 105 0.13 11.34 3.57
N GLY A 106 1.33 10.83 3.83
CA GLY A 106 2.45 11.70 4.13
C GLY A 106 2.79 12.65 2.99
N GLU A 107 2.80 12.12 1.77
CA GLU A 107 3.07 12.91 0.59
C GLU A 107 2.08 14.06 0.48
N ASN A 108 0.82 13.78 0.78
CA ASN A 108 -0.23 14.78 0.77
C ASN A 108 -0.03 15.83 1.88
N GLU A 109 0.30 15.36 3.08
CA GLU A 109 0.45 16.25 4.22
C GLU A 109 1.59 17.24 4.01
N LYS A 110 2.72 16.72 3.53
CA LYS A 110 3.92 17.51 3.38
C LYS A 110 3.89 18.35 2.10
N ALA A 111 2.83 18.21 1.33
CA ALA A 111 2.69 18.93 0.07
C ALA A 111 2.14 20.33 0.28
N GLU A 112 1.47 20.56 1.41
CA GLU A 112 0.83 21.84 1.65
C GLU A 112 1.63 22.69 2.63
N ARG A 113 2.81 22.24 3.02
CA ARG A 113 3.62 22.97 3.97
C ARG A 113 4.81 23.64 3.27
#